data_5C4I
#
_entry.id   5C4I
#
_cell.length_a   84.351
_cell.length_b   152.203
_cell.length_c   171.824
_cell.angle_alpha   90.000
_cell.angle_beta   90.000
_cell.angle_gamma   90.000
#
_symmetry.space_group_name_H-M   'P 21 21 21'
#
loop_
_entity.id
_entity.type
_entity.pdbx_description
1 polymer 'Oxalate oxidoreductase subunit alpha'
2 polymer 'Oxalate oxidoreductase subunit delta'
3 polymer 'Oxalate oxidoreductase subunit beta'
4 non-polymer 'IRON/SULFUR CLUSTER'
5 non-polymer 'SODIUM ION'
6 non-polymer 'THIAMINE DIPHOSPHATE'
7 non-polymer 'MAGNESIUM ION'
8 water water
#
loop_
_entity_poly.entity_id
_entity_poly.type
_entity_poly.pdbx_seq_one_letter_code
_entity_poly.pdbx_strand_id
1 'polypeptide(L)'
;MGKVRNISGCVAVAHGVRLADVDVICSYPIRPYTGIMSELARMVADGELDAEFVHGEGEHAQLSVVYGASAAGARVFTGS
SGVGVTYAMEVYSPISGERLPVQMAIADRTLDPPGDFGEEHTDAECCRDQGWIQGWASTPQEALDNTLIYYRVGEDQRVL
LPQYACLDGYFVSHILGPVDIPDEAQVKEFLPPYKNHHVLDPRKPQIIGPQIEPAMGPPLQYQRYQAVKGVHKVLEEACD
EFARIFGRKYDPYLDEYLTDDAEVIIFGQGAHMETAKAVARRLRNLGEKVGVARLRTFRPFPTEQIKERLSKFKAIGVLD
VSANFGISCSGGVLLSELRAALYDYGDKVKTVGFVAGLGGEVVTHDEFYRMFQKLKEIAKTGKVEQTSYWIPFEL
;
A,D
2 'polypeptide(L)'
;MSTKDLFAEPNLKQITVWARGVVMNKDARDIVVALTEAAAKEGKYVQAWENYVDLPDRIYVPVRAYARISSDPIESKYIY
ENETPDIVVLVEESLIKGVPILKGIRPGSTLVVNTKRSIDTILEFLGDTGNLAQIVTVDANSMAEAVMTLSGAEGATDAT
GIGAGIAAPIAGAVVKATGIVDVENLAAVVKNPAAMRRGYAEAQVRQLPPHEAVEEAAVSATELLRQMPFAGTVPSPVTE
NEGMVTGNWRIQRPIIDREACTECYTCWIYCPDSCITRTEEGPVFNMKYCKGCGLCTAVCPSGALTNVPELDFKD
;
B,E
3 'polypeptide(L)'
;MLDRIASIKKAPDEEYYVPGHRTCAGCGPALTYRLVAKAAGPNTIFIGPTGCMYVANTSYGCGPWRVPWIHAQITNGGAV
ASGIEAAYKAMIRKKKTDAEFPNIIVMAGDGGAVDIGLQALSAMLYRGHDVLFICYDNESYANTGIQTSPTTPYGANTTF
TPPGEVVPEGKKLFPKDNPKVIAHGHPELKYVATASIGWPVDLMNKVRKGLNQEGPAYIHIHAPCPKGWQFPADKTIEMA
KLAVQTGMFQLYEYENGEYKLSVKVDKRKPVSEYMKLQKRFAHLKPEHIAKMQAFVDARCAEVGITVPVVASNA
;
C,F
#
# COMPACT_ATOMS: atom_id res chain seq x y z
N GLY A 2 -6.46 -4.31 39.85
CA GLY A 2 -6.77 -5.65 39.38
C GLY A 2 -5.62 -6.61 39.57
N LYS A 3 -5.78 -7.82 39.02
CA LYS A 3 -4.77 -8.86 39.18
C LYS A 3 -3.46 -8.52 38.46
N VAL A 4 -2.36 -8.65 39.19
CA VAL A 4 -1.03 -8.45 38.62
C VAL A 4 -0.49 -9.77 38.04
N ARG A 5 -0.06 -9.74 36.79
CA ARG A 5 0.48 -10.92 36.16
C ARG A 5 1.69 -10.62 35.26
N ASN A 6 2.58 -11.57 35.12
CA ASN A 6 3.72 -11.43 34.21
C ASN A 6 3.36 -11.82 32.79
N ILE A 7 3.16 -10.81 31.94
CA ILE A 7 2.73 -11.05 30.57
C ILE A 7 3.52 -10.21 29.58
N SER A 8 3.54 -10.65 28.32
CA SER A 8 4.16 -9.89 27.25
C SER A 8 3.31 -8.66 26.91
N GLY A 9 3.90 -7.73 26.18
CA GLY A 9 3.18 -6.54 25.76
C GLY A 9 2.02 -6.87 24.85
N CYS A 10 2.21 -7.90 24.03
CA CYS A 10 1.16 -8.38 23.14
C CYS A 10 -0.10 -8.74 23.91
N VAL A 11 0.07 -9.56 24.94
CA VAL A 11 -1.04 -10.00 25.77
C VAL A 11 -1.63 -8.83 26.56
N ALA A 12 -0.76 -7.90 26.96
CA ALA A 12 -1.19 -6.70 27.67
C ALA A 12 -2.10 -5.85 26.79
N VAL A 13 -1.75 -5.72 25.52
CA VAL A 13 -2.58 -4.98 24.56
C VAL A 13 -3.93 -5.66 24.39
N ALA A 14 -3.91 -6.97 24.24
CA ALA A 14 -5.12 -7.76 24.04
C ALA A 14 -6.11 -7.55 25.19
N HIS A 15 -5.59 -7.50 26.41
CA HIS A 15 -6.43 -7.26 27.58
C HIS A 15 -7.03 -5.85 27.54
N GLY A 16 -6.27 -4.90 27.00
CA GLY A 16 -6.78 -3.56 26.80
C GLY A 16 -7.90 -3.55 25.78
N VAL A 17 -7.75 -4.41 24.76
CA VAL A 17 -8.76 -4.55 23.71
C VAL A 17 -10.00 -5.26 24.24
N ARG A 18 -9.79 -6.30 25.03
CA ARG A 18 -10.89 -7.06 25.63
C ARG A 18 -11.74 -6.17 26.53
N LEU A 19 -11.08 -5.41 27.39
CA LEU A 19 -11.76 -4.54 28.33
C LEU A 19 -12.46 -3.38 27.63
N ALA A 20 -11.97 -3.04 26.43
CA ALA A 20 -12.56 -1.97 25.64
C ALA A 20 -13.86 -2.42 24.98
N ASP A 21 -14.14 -3.72 25.08
CA ASP A 21 -15.32 -4.34 24.46
C ASP A 21 -15.38 -3.99 22.97
N VAL A 22 -14.25 -4.16 22.30
CA VAL A 22 -14.14 -3.85 20.88
C VAL A 22 -15.12 -4.70 20.07
N ASP A 23 -15.80 -4.06 19.12
CA ASP A 23 -16.86 -4.69 18.36
C ASP A 23 -16.34 -5.43 17.13
N VAL A 24 -15.37 -4.84 16.45
CA VAL A 24 -14.78 -5.47 15.26
C VAL A 24 -13.27 -5.48 15.33
N ILE A 25 -12.68 -6.65 15.09
CA ILE A 25 -11.24 -6.82 15.05
C ILE A 25 -10.82 -7.45 13.73
N CYS A 26 -9.87 -6.82 13.05
CA CYS A 26 -9.35 -7.39 11.81
C CYS A 26 -7.90 -7.81 11.97
N SER A 27 -7.62 -9.07 11.68
CA SER A 27 -6.31 -9.64 11.95
C SER A 27 -5.50 -9.95 10.69
N TYR A 28 -4.18 -9.95 10.85
CA TYR A 28 -3.24 -10.41 9.85
C TYR A 28 -1.90 -10.60 10.54
N PRO A 29 -1.19 -11.70 10.22
CA PRO A 29 0.04 -12.00 10.98
C PRO A 29 1.29 -11.31 10.47
N ILE A 30 2.06 -10.73 11.38
CA ILE A 30 3.41 -10.26 11.09
C ILE A 30 4.19 -10.01 12.39
N ARG A 31 5.30 -10.71 12.53
CA ARG A 31 6.20 -10.54 13.67
C ARG A 31 6.67 -9.10 13.77
N PRO A 32 6.71 -8.52 14.98
CA PRO A 32 6.46 -9.12 16.30
C PRO A 32 5.09 -8.84 16.90
N TYR A 33 4.12 -8.41 16.10
CA TYR A 33 2.82 -8.02 16.65
C TYR A 33 1.81 -9.17 16.64
N THR A 34 2.12 -10.23 15.91
CA THR A 34 1.22 -11.38 15.72
C THR A 34 0.55 -11.87 16.99
N GLY A 35 1.32 -11.90 18.09
CA GLY A 35 0.84 -12.39 19.36
C GLY A 35 -0.39 -11.68 19.90
N ILE A 36 -0.57 -10.42 19.52
CA ILE A 36 -1.73 -9.65 19.95
C ILE A 36 -3.02 -10.26 19.39
N MET A 37 -2.97 -10.70 18.14
CA MET A 37 -4.14 -11.26 17.47
C MET A 37 -4.40 -12.70 17.90
N SER A 38 -3.33 -13.44 18.15
CA SER A 38 -3.44 -14.82 18.61
C SER A 38 -4.16 -14.87 19.95
N GLU A 39 -3.87 -13.89 20.79
CA GLU A 39 -4.48 -13.80 22.12
C GLU A 39 -5.95 -13.37 22.01
N LEU A 40 -6.24 -12.47 21.07
CA LEU A 40 -7.60 -12.02 20.85
C LEU A 40 -8.45 -13.11 20.21
N ALA A 41 -7.86 -13.86 19.29
CA ALA A 41 -8.54 -14.97 18.64
C ALA A 41 -8.91 -16.04 19.66
N ARG A 42 -8.07 -16.17 20.69
CA ARG A 42 -8.34 -17.12 21.77
C ARG A 42 -9.48 -16.63 22.64
N MET A 43 -9.49 -15.34 22.93
CA MET A 43 -10.53 -14.74 23.77
C MET A 43 -11.90 -14.84 23.12
N VAL A 44 -11.95 -14.64 21.81
CA VAL A 44 -13.21 -14.75 21.06
C VAL A 44 -13.62 -16.22 20.97
N ALA A 45 -12.63 -17.11 20.87
CA ALA A 45 -12.91 -18.54 20.80
C ALA A 45 -13.32 -19.12 22.14
N ASP A 46 -12.75 -18.57 23.22
CA ASP A 46 -13.07 -19.05 24.56
C ASP A 46 -14.19 -18.23 25.20
N GLY A 47 -14.73 -17.28 24.46
CA GLY A 47 -15.86 -16.50 24.92
C GLY A 47 -15.53 -15.42 25.92
N GLU A 48 -14.27 -14.98 25.93
CA GLU A 48 -13.85 -13.93 26.83
C GLU A 48 -14.13 -12.55 26.22
N LEU A 49 -14.40 -12.54 24.91
CA LEU A 49 -14.72 -11.31 24.21
C LEU A 49 -15.63 -11.58 23.02
N ASP A 50 -16.76 -10.89 22.98
CA ASP A 50 -17.69 -11.02 21.86
C ASP A 50 -17.40 -9.96 20.81
N ALA A 51 -16.74 -10.36 19.74
CA ALA A 51 -16.38 -9.44 18.66
C ALA A 51 -16.32 -10.18 17.33
N GLU A 52 -16.52 -9.44 16.24
CA GLU A 52 -16.33 -10.01 14.92
C GLU A 52 -14.85 -10.08 14.60
N PHE A 53 -14.33 -11.30 14.48
CA PHE A 53 -12.92 -11.51 14.20
C PHE A 53 -12.71 -11.76 12.72
N VAL A 54 -12.45 -10.69 11.98
CA VAL A 54 -12.32 -10.76 10.53
C VAL A 54 -10.89 -11.07 10.11
N HIS A 55 -10.72 -12.16 9.35
CA HIS A 55 -9.40 -12.54 8.85
C HIS A 55 -9.06 -11.76 7.58
N GLY A 56 -8.51 -10.56 7.77
CA GLY A 56 -8.11 -9.73 6.65
C GLY A 56 -7.06 -10.41 5.78
N GLU A 57 -7.11 -10.14 4.48
CA GLU A 57 -6.19 -10.78 3.55
C GLU A 57 -4.87 -10.02 3.46
N GLY A 58 -4.74 -8.96 4.24
CA GLY A 58 -3.54 -8.14 4.24
C GLY A 58 -3.73 -6.90 5.09
N GLU A 59 -2.64 -6.20 5.37
CA GLU A 59 -2.69 -5.03 6.23
C GLU A 59 -3.48 -3.89 5.61
N HIS A 60 -3.35 -3.73 4.30
CA HIS A 60 -4.11 -2.72 3.58
C HIS A 60 -5.61 -2.98 3.77
N ALA A 61 -5.96 -4.26 3.73
CA ALA A 61 -7.35 -4.67 3.91
C ALA A 61 -7.79 -4.52 5.37
N GLN A 62 -6.86 -4.74 6.28
CA GLN A 62 -7.11 -4.59 7.71
C GLN A 62 -7.68 -3.21 8.03
N LEU A 63 -6.93 -2.18 7.64
CA LEU A 63 -7.31 -0.80 7.92
C LEU A 63 -8.60 -0.42 7.18
N SER A 64 -8.83 -1.09 6.06
CA SER A 64 -10.03 -0.84 5.26
C SER A 64 -11.27 -1.42 5.93
N VAL A 65 -11.12 -2.62 6.50
CA VAL A 65 -12.22 -3.27 7.21
C VAL A 65 -12.67 -2.43 8.40
N VAL A 66 -11.71 -2.00 9.21
CA VAL A 66 -12.01 -1.19 10.39
C VAL A 66 -12.44 0.22 10.00
N TYR A 67 -12.05 0.63 8.79
CA TYR A 67 -12.52 1.90 8.23
C TYR A 67 -14.03 1.82 8.02
N GLY A 68 -14.47 0.75 7.37
CA GLY A 68 -15.89 0.54 7.11
C GLY A 68 -16.67 0.30 8.38
N ALA A 69 -16.09 -0.47 9.30
CA ALA A 69 -16.77 -0.83 10.53
C ALA A 69 -16.95 0.37 11.46
N SER A 70 -15.93 1.22 11.54
CA SER A 70 -15.99 2.41 12.37
C SER A 70 -17.03 3.40 11.84
N ALA A 71 -17.23 3.38 10.53
CA ALA A 71 -18.21 4.25 9.90
C ALA A 71 -19.63 3.73 10.14
N ALA A 72 -19.74 2.43 10.41
CA ALA A 72 -21.02 1.82 10.69
C ALA A 72 -21.35 1.91 12.18
N GLY A 73 -20.44 2.51 12.95
CA GLY A 73 -20.68 2.79 14.35
C GLY A 73 -20.03 1.84 15.35
N ALA A 74 -19.13 0.99 14.87
CA ALA A 74 -18.46 0.02 15.74
C ALA A 74 -17.14 0.56 16.27
N ARG A 75 -16.77 0.14 17.48
CA ARG A 75 -15.43 0.39 17.98
C ARG A 75 -14.52 -0.68 17.40
N VAL A 76 -13.42 -0.25 16.78
CA VAL A 76 -12.59 -1.17 16.02
C VAL A 76 -11.17 -1.27 16.56
N PHE A 77 -10.51 -2.38 16.22
CA PHE A 77 -9.11 -2.57 16.57
C PHE A 77 -8.39 -3.40 15.51
N THR A 78 -7.18 -2.96 15.17
CA THR A 78 -6.31 -3.73 14.31
C THR A 78 -4.88 -3.34 14.66
N GLY A 79 -3.90 -3.94 13.97
CA GLY A 79 -2.52 -3.62 14.22
C GLY A 79 -1.56 -4.20 13.21
N SER A 80 -0.29 -3.81 13.30
CA SER A 80 0.71 -4.36 12.40
C SER A 80 2.15 -4.05 12.83
N SER A 81 3.08 -4.32 11.92
CA SER A 81 4.50 -4.12 12.17
C SER A 81 5.23 -3.92 10.85
N GLY A 82 6.36 -3.21 10.91
CA GLY A 82 7.25 -3.04 9.76
C GLY A 82 6.58 -2.69 8.45
N VAL A 83 6.80 -3.54 7.44
CA VAL A 83 6.26 -3.33 6.11
C VAL A 83 4.74 -3.41 6.11
N GLY A 84 4.17 -4.03 7.14
CA GLY A 84 2.73 -4.10 7.28
C GLY A 84 2.14 -2.73 7.52
N VAL A 85 2.89 -1.88 8.21
CA VAL A 85 2.46 -0.51 8.47
C VAL A 85 2.47 0.31 7.19
N THR A 86 3.54 0.17 6.42
CA THR A 86 3.69 0.91 5.17
C THR A 86 2.75 0.38 4.08
N TYR A 87 2.36 -0.88 4.18
CA TYR A 87 1.48 -1.47 3.18
C TYR A 87 0.08 -0.89 3.27
N ALA A 88 -0.33 -0.51 4.47
CA ALA A 88 -1.66 0.06 4.69
C ALA A 88 -1.62 1.58 4.71
N MET A 89 -0.57 2.14 4.13
CA MET A 89 -0.33 3.59 4.17
C MET A 89 -1.46 4.40 3.52
N GLU A 90 -2.04 3.87 2.46
CA GLU A 90 -3.05 4.59 1.71
C GLU A 90 -4.32 4.86 2.51
N VAL A 91 -4.60 4.00 3.49
CA VAL A 91 -5.87 4.05 4.21
C VAL A 91 -5.84 4.97 5.43
N TYR A 92 -4.65 5.32 5.90
CA TYR A 92 -4.49 6.11 7.11
C TYR A 92 -5.15 7.49 7.01
N SER A 93 -4.84 8.22 5.95
CA SER A 93 -5.41 9.54 5.77
C SER A 93 -6.95 9.52 5.61
N PRO A 94 -7.50 8.60 4.77
CA PRO A 94 -8.96 8.48 4.71
C PRO A 94 -9.61 8.27 6.07
N ILE A 95 -8.99 7.47 6.93
CA ILE A 95 -9.55 7.20 8.24
C ILE A 95 -9.64 8.47 9.11
N SER A 96 -8.57 9.24 9.15
CA SER A 96 -8.52 10.43 9.99
C SER A 96 -9.38 11.56 9.43
N GLY A 97 -9.28 11.77 8.12
CA GLY A 97 -10.05 12.81 7.48
C GLY A 97 -11.55 12.53 7.48
N GLU A 98 -11.91 11.26 7.66
CA GLU A 98 -13.31 10.89 7.82
C GLU A 98 -13.67 10.81 9.30
N ARG A 99 -12.73 11.24 10.14
CA ARG A 99 -12.94 11.35 11.58
C ARG A 99 -13.42 10.05 12.21
N LEU A 100 -12.77 8.95 11.82
CA LEU A 100 -13.07 7.65 12.38
C LEU A 100 -11.99 7.26 13.39
N PRO A 101 -12.34 7.24 14.68
CA PRO A 101 -11.33 7.00 15.73
C PRO A 101 -10.88 5.54 15.81
N VAL A 102 -10.40 5.03 14.69
CA VAL A 102 -9.81 3.70 14.63
C VAL A 102 -8.54 3.66 15.49
N GLN A 103 -8.33 2.57 16.22
CA GLN A 103 -7.06 2.40 16.92
C GLN A 103 -6.22 1.32 16.27
N MET A 104 -4.98 1.66 15.97
CA MET A 104 -4.05 0.70 15.39
C MET A 104 -2.82 0.54 16.30
N ALA A 105 -2.63 -0.68 16.80
CA ALA A 105 -1.45 -0.99 17.60
C ALA A 105 -0.27 -1.26 16.69
N ILE A 106 0.89 -0.73 17.05
CA ILE A 106 2.09 -0.99 16.25
C ILE A 106 3.24 -1.49 17.10
N ALA A 107 3.51 -2.78 17.00
CA ALA A 107 4.74 -3.34 17.54
C ALA A 107 5.83 -3.14 16.50
N ASP A 108 6.78 -2.26 16.79
CA ASP A 108 7.72 -1.79 15.78
C ASP A 108 8.63 -2.88 15.22
N ARG A 109 8.92 -2.76 13.93
CA ARG A 109 9.86 -3.64 13.25
C ARG A 109 10.54 -2.90 12.11
N THR A 110 11.82 -3.18 11.90
CA THR A 110 12.59 -2.57 10.82
C THR A 110 11.94 -2.85 9.46
N LEU A 111 11.91 -1.82 8.61
CA LEU A 111 11.40 -1.97 7.25
C LEU A 111 12.37 -2.75 6.39
N ASP A 112 11.84 -3.50 5.42
CA ASP A 112 12.69 -4.11 4.39
C ASP A 112 13.44 -3.02 3.64
N PRO A 113 14.60 -3.35 3.05
CA PRO A 113 15.28 -4.64 3.01
C PRO A 113 16.55 -4.66 3.87
N PRO A 114 17.09 -5.86 4.14
CA PRO A 114 16.43 -7.14 3.85
C PRO A 114 15.46 -7.49 4.96
N GLY A 115 15.16 -8.78 5.11
CA GLY A 115 14.34 -9.23 6.21
C GLY A 115 15.05 -9.03 7.53
N ASP A 116 14.33 -8.47 8.50
CA ASP A 116 14.89 -8.24 9.82
C ASP A 116 13.75 -8.08 10.82
N PHE A 117 13.72 -8.95 11.83
CA PHE A 117 12.63 -8.96 12.79
C PHE A 117 12.86 -8.00 13.95
N GLY A 118 14.03 -7.36 13.96
CA GLY A 118 14.35 -6.36 14.97
C GLY A 118 13.56 -5.08 14.77
N GLU A 119 13.47 -4.27 15.82
CA GLU A 119 12.62 -3.08 15.80
C GLU A 119 13.35 -1.80 15.43
N GLU A 120 12.62 -0.93 14.72
CA GLU A 120 12.97 0.47 14.56
C GLU A 120 11.67 1.25 14.65
N HIS A 121 11.75 2.52 15.02
CA HIS A 121 10.55 3.35 15.08
C HIS A 121 10.23 3.92 13.71
N THR A 122 11.04 3.53 12.72
CA THR A 122 10.91 4.03 11.36
C THR A 122 9.53 3.75 10.77
N ASP A 123 9.02 2.53 11.00
CA ASP A 123 7.75 2.10 10.43
C ASP A 123 6.58 2.98 10.87
N ALA A 124 6.50 3.28 12.16
CA ALA A 124 5.39 4.04 12.70
C ALA A 124 5.56 5.53 12.45
N GLU A 125 6.81 5.99 12.41
CA GLU A 125 7.10 7.40 12.22
C GLU A 125 6.79 7.86 10.79
N CYS A 126 6.66 6.89 9.88
CA CYS A 126 6.30 7.20 8.51
C CYS A 126 4.87 7.75 8.42
N CYS A 127 4.08 7.47 9.45
CA CYS A 127 2.68 7.88 9.46
C CYS A 127 2.43 9.16 10.25
N ARG A 128 3.49 9.95 10.47
CA ARG A 128 3.39 11.10 11.36
C ARG A 128 2.66 12.29 10.74
N ASP A 129 2.36 12.22 9.45
CA ASP A 129 1.62 13.30 8.78
C ASP A 129 0.15 12.96 8.62
N GLN A 130 -0.20 11.70 8.89
CA GLN A 130 -1.52 11.18 8.55
C GLN A 130 -2.66 11.76 9.38
N GLY A 131 -2.32 12.46 10.47
CA GLY A 131 -3.32 13.08 11.29
C GLY A 131 -3.91 12.15 12.33
N TRP A 132 -3.06 11.27 12.85
CA TRP A 132 -3.47 10.36 13.93
C TRP A 132 -2.84 10.77 15.25
N ILE A 133 -3.44 10.31 16.34
CA ILE A 133 -2.83 10.39 17.66
C ILE A 133 -1.77 9.29 17.75
N GLN A 134 -0.60 9.62 18.31
CA GLN A 134 0.51 8.67 18.27
C GLN A 134 1.45 8.80 19.47
N GLY A 135 1.82 7.67 20.05
CA GLY A 135 2.74 7.63 21.18
C GLY A 135 3.36 6.26 21.37
N TRP A 136 4.48 6.21 22.07
CA TRP A 136 5.20 4.95 22.30
C TRP A 136 5.14 4.49 23.76
N ALA A 137 4.78 3.23 23.95
CA ALA A 137 4.80 2.64 25.28
C ALA A 137 6.15 1.98 25.53
N SER A 138 6.67 2.13 26.75
CA SER A 138 7.99 1.61 27.09
C SER A 138 7.91 0.32 27.91
N THR A 139 6.75 0.09 28.51
CA THR A 139 6.53 -1.11 29.31
C THR A 139 5.24 -1.80 28.89
N PRO A 140 5.17 -3.14 29.08
CA PRO A 140 3.94 -3.89 28.83
C PRO A 140 2.74 -3.31 29.58
N GLN A 141 2.98 -2.80 30.80
CA GLN A 141 1.92 -2.16 31.58
C GLN A 141 1.37 -0.94 30.86
N GLU A 142 2.27 -0.11 30.32
CA GLU A 142 1.87 1.11 29.63
C GLU A 142 1.16 0.82 28.33
N ALA A 143 1.49 -0.31 27.71
CA ALA A 143 0.86 -0.73 26.46
C ALA A 143 -0.63 -0.95 26.66
N LEU A 144 -0.98 -1.65 27.74
CA LEU A 144 -2.38 -1.87 28.10
C LEU A 144 -3.04 -0.53 28.40
N ASP A 145 -2.37 0.29 29.20
CA ASP A 145 -2.93 1.56 29.66
C ASP A 145 -3.17 2.53 28.50
N ASN A 146 -2.19 2.64 27.60
CA ASN A 146 -2.33 3.50 26.43
C ASN A 146 -3.48 3.07 25.52
N THR A 147 -3.73 1.77 25.47
CA THR A 147 -4.84 1.23 24.69
C THR A 147 -6.17 1.84 25.17
N LEU A 148 -6.38 1.82 26.48
CA LEU A 148 -7.59 2.38 27.07
C LEU A 148 -7.62 3.90 26.95
N ILE A 149 -6.46 4.53 27.10
CA ILE A 149 -6.36 5.99 27.06
C ILE A 149 -6.68 6.54 25.66
N TYR A 150 -6.08 5.95 24.64
CA TYR A 150 -6.23 6.45 23.28
C TYR A 150 -7.64 6.27 22.74
N TYR A 151 -8.34 5.23 23.19
CA TYR A 151 -9.73 5.05 22.81
C TYR A 151 -10.58 6.21 23.32
N ARG A 152 -10.41 6.54 24.60
CA ARG A 152 -11.16 7.64 25.22
C ARG A 152 -10.86 8.98 24.55
N VAL A 153 -9.59 9.25 24.34
CA VAL A 153 -9.18 10.51 23.72
C VAL A 153 -9.61 10.55 22.26
N GLY A 154 -9.40 9.45 21.56
CA GLY A 154 -9.73 9.35 20.15
C GLY A 154 -11.23 9.39 19.87
N GLU A 155 -12.00 8.66 20.65
CA GLU A 155 -13.45 8.60 20.46
C GLU A 155 -14.16 9.78 21.14
N ASP A 156 -13.40 10.66 21.77
CA ASP A 156 -13.95 11.87 22.35
C ASP A 156 -14.57 12.72 21.24
N GLN A 157 -15.80 13.17 21.44
CA GLN A 157 -16.55 13.86 20.39
C GLN A 157 -15.92 15.20 20.01
N ARG A 158 -15.06 15.74 20.88
CA ARG A 158 -14.32 16.95 20.55
C ARG A 158 -13.11 16.63 19.67
N VAL A 159 -12.71 15.36 19.68
CA VAL A 159 -11.55 14.91 18.91
C VAL A 159 -11.96 14.14 17.67
N LEU A 160 -12.46 12.92 17.88
CA LEU A 160 -12.84 12.02 16.80
C LEU A 160 -11.69 11.81 15.81
N LEU A 161 -10.56 11.36 16.34
CA LEU A 161 -9.38 11.05 15.53
C LEU A 161 -8.89 9.64 15.81
N PRO A 162 -8.30 8.99 14.80
CA PRO A 162 -7.72 7.66 14.97
C PRO A 162 -6.41 7.71 15.76
N GLN A 163 -6.02 6.59 16.37
CA GLN A 163 -4.85 6.58 17.24
C GLN A 163 -3.87 5.46 16.92
N TYR A 164 -2.58 5.78 16.93
CA TYR A 164 -1.53 4.77 16.90
C TYR A 164 -1.02 4.51 18.31
N ALA A 165 -1.27 3.31 18.83
CA ALA A 165 -0.70 2.92 20.10
C ALA A 165 0.56 2.08 19.85
N CYS A 166 1.71 2.76 19.87
CA CYS A 166 2.97 2.11 19.50
C CYS A 166 3.72 1.54 20.70
N LEU A 167 4.41 0.43 20.45
CA LEU A 167 5.24 -0.19 21.49
C LEU A 167 6.46 -0.83 20.80
N ASP A 168 7.59 -0.79 21.48
CA ASP A 168 8.83 -1.32 20.92
C ASP A 168 8.70 -2.81 20.61
N GLY A 169 9.08 -3.19 19.41
CA GLY A 169 9.04 -4.59 19.01
C GLY A 169 9.94 -5.44 19.88
N TYR A 170 9.50 -6.68 20.11
CA TYR A 170 10.21 -7.64 20.98
C TYR A 170 10.37 -7.14 22.41
N PHE A 171 11.15 -6.07 22.60
CA PHE A 171 11.51 -5.58 23.94
C PHE A 171 10.29 -5.33 24.82
N VAL A 172 9.22 -4.81 24.22
CA VAL A 172 7.99 -4.59 24.95
C VAL A 172 6.95 -5.64 24.58
N SER A 173 6.91 -6.02 23.30
CA SER A 173 5.87 -6.90 22.77
C SER A 173 6.05 -8.37 23.17
N HIS A 174 7.30 -8.80 23.32
CA HIS A 174 7.58 -10.21 23.60
C HIS A 174 8.03 -10.47 25.03
N ILE A 175 8.94 -9.65 25.52
CA ILE A 175 9.50 -9.83 26.86
C ILE A 175 8.43 -9.69 27.94
N LEU A 176 8.30 -10.72 28.77
CA LEU A 176 7.31 -10.73 29.84
C LEU A 176 7.65 -9.70 30.92
N GLY A 177 6.62 -8.97 31.36
CA GLY A 177 6.78 -7.99 32.41
C GLY A 177 5.57 -7.95 33.32
N PRO A 178 5.71 -7.39 34.52
CA PRO A 178 4.59 -7.28 35.46
C PRO A 178 3.54 -6.27 34.98
N VAL A 179 2.28 -6.70 34.91
CA VAL A 179 1.21 -5.84 34.44
C VAL A 179 -0.01 -5.90 35.36
N ASP A 180 -0.56 -4.75 35.69
CA ASP A 180 -1.77 -4.67 36.49
C ASP A 180 -3.01 -4.59 35.59
N ILE A 181 -3.65 -5.74 35.37
CA ILE A 181 -4.82 -5.82 34.53
C ILE A 181 -6.07 -5.33 35.27
N PRO A 182 -6.64 -4.19 34.83
CA PRO A 182 -7.77 -3.56 35.52
C PRO A 182 -9.07 -4.35 35.40
N ASP A 183 -10.08 -3.93 36.15
CA ASP A 183 -11.39 -4.56 36.15
C ASP A 183 -12.30 -3.94 35.09
N GLU A 184 -13.34 -4.68 34.70
CA GLU A 184 -14.29 -4.21 33.71
C GLU A 184 -15.09 -3.01 34.24
N ALA A 185 -15.27 -2.96 35.56
CA ALA A 185 -15.99 -1.87 36.19
C ALA A 185 -15.21 -0.56 36.09
N GLN A 186 -13.88 -0.66 36.13
CA GLN A 186 -13.02 0.51 36.02
C GLN A 186 -13.03 1.06 34.61
N VAL A 187 -13.00 0.16 33.63
CA VAL A 187 -12.95 0.56 32.22
C VAL A 187 -14.27 1.19 31.77
N LYS A 188 -15.38 0.65 32.27
CA LYS A 188 -16.70 1.18 31.95
C LYS A 188 -16.88 2.55 32.58
N GLU A 189 -16.12 2.82 33.64
CA GLU A 189 -16.14 4.11 34.32
C GLU A 189 -15.28 5.11 33.55
N PHE A 190 -14.30 4.57 32.81
CA PHE A 190 -13.32 5.40 32.13
C PHE A 190 -13.63 5.61 30.65
N LEU A 191 -14.13 4.57 29.99
CA LEU A 191 -14.35 4.62 28.55
C LEU A 191 -15.83 4.56 28.19
N PRO A 192 -16.38 5.69 27.69
CA PRO A 192 -17.76 5.79 27.21
C PRO A 192 -17.92 5.04 25.88
N PRO A 193 -19.16 4.64 25.55
CA PRO A 193 -19.41 3.97 24.27
C PRO A 193 -19.14 4.89 23.08
N TYR A 194 -18.64 4.31 21.99
CA TYR A 194 -18.26 5.09 20.80
C TYR A 194 -19.47 5.67 20.08
N LYS A 195 -19.47 7.00 19.94
CA LYS A 195 -20.49 7.72 19.19
C LYS A 195 -19.86 8.77 18.29
N ASN A 196 -20.18 8.71 17.00
CA ASN A 196 -19.63 9.63 16.03
C ASN A 196 -20.68 10.63 15.56
N HIS A 197 -20.25 11.63 14.80
CA HIS A 197 -21.17 12.64 14.28
C HIS A 197 -21.77 12.22 12.94
N HIS A 198 -21.23 11.15 12.37
CA HIS A 198 -21.82 10.52 11.19
C HIS A 198 -21.73 9.00 11.28
N VAL A 199 -22.70 8.33 10.66
CA VAL A 199 -22.76 6.88 10.69
C VAL A 199 -23.52 6.40 9.46
N LEU A 200 -23.28 5.15 9.07
CA LEU A 200 -24.01 4.54 7.97
C LEU A 200 -25.25 3.84 8.49
N ASP A 201 -26.39 4.52 8.38
CA ASP A 201 -27.65 4.01 8.91
C ASP A 201 -28.81 4.44 8.02
N PRO A 202 -29.48 3.48 7.37
CA PRO A 202 -30.59 3.72 6.44
C PRO A 202 -31.70 4.60 7.02
N ARG A 203 -31.90 4.54 8.33
CA ARG A 203 -32.91 5.35 8.99
C ARG A 203 -32.56 6.84 8.93
N LYS A 204 -31.27 7.14 8.97
CA LYS A 204 -30.78 8.50 8.87
C LYS A 204 -29.65 8.58 7.83
N PRO A 205 -30.02 8.57 6.55
CA PRO A 205 -29.08 8.43 5.43
C PRO A 205 -28.10 9.61 5.31
N GLN A 206 -26.82 9.28 5.25
CA GLN A 206 -25.76 10.26 5.07
C GLN A 206 -24.82 9.85 3.93
N ILE A 207 -24.23 10.85 3.28
CA ILE A 207 -23.25 10.60 2.22
C ILE A 207 -21.86 10.94 2.75
N ILE A 208 -21.04 9.91 2.95
CA ILE A 208 -19.75 10.06 3.63
C ILE A 208 -18.57 10.06 2.66
N GLY A 209 -17.98 11.24 2.47
CA GLY A 209 -16.80 11.40 1.64
C GLY A 209 -17.01 11.74 0.17
N PRO A 210 -17.81 12.79 -0.13
CA PRO A 210 -18.02 13.15 -1.53
C PRO A 210 -16.84 13.94 -2.10
N GLN A 211 -16.50 13.68 -3.37
CA GLN A 211 -15.43 14.39 -4.06
C GLN A 211 -15.57 15.91 -3.91
N ILE A 212 -14.47 16.57 -3.59
CA ILE A 212 -14.48 18.02 -3.43
C ILE A 212 -13.65 18.72 -4.51
N GLU A 213 -13.90 20.01 -4.67
CA GLU A 213 -13.10 20.85 -5.56
C GLU A 213 -11.99 21.52 -4.75
N PRO A 214 -10.94 22.02 -5.43
CA PRO A 214 -9.86 22.71 -4.74
C PRO A 214 -10.31 23.85 -3.82
N ALA A 215 -11.43 24.48 -4.15
CA ALA A 215 -11.97 25.58 -3.34
C ALA A 215 -12.41 25.10 -1.96
N MET A 216 -12.72 23.80 -1.86
CA MET A 216 -13.18 23.22 -0.60
C MET A 216 -12.00 22.65 0.19
N GLY A 217 -10.82 22.73 -0.39
CA GLY A 217 -9.61 22.17 0.21
C GLY A 217 -9.24 22.71 1.58
N PRO A 218 -8.84 23.99 1.64
CA PRO A 218 -8.38 24.61 2.89
C PRO A 218 -9.34 24.49 4.09
N PRO A 219 -10.66 24.73 3.93
CA PRO A 219 -11.50 24.64 5.13
C PRO A 219 -11.53 23.24 5.74
N LEU A 220 -11.68 22.21 4.91
CA LEU A 220 -11.71 20.83 5.39
C LEU A 220 -10.39 20.43 6.05
N GLN A 221 -9.28 20.85 5.43
CA GLN A 221 -7.96 20.57 5.97
C GLN A 221 -7.74 21.32 7.28
N TYR A 222 -8.20 22.57 7.33
CA TYR A 222 -8.10 23.38 8.55
C TYR A 222 -9.02 22.84 9.63
N GLN A 223 -10.14 22.25 9.20
CA GLN A 223 -11.09 21.63 10.11
C GLN A 223 -10.46 20.49 10.88
N ARG A 224 -9.63 19.71 10.18
CA ARG A 224 -8.93 18.58 10.81
C ARG A 224 -7.74 19.09 11.63
N TYR A 225 -7.16 20.20 11.19
CA TYR A 225 -6.06 20.84 11.91
C TYR A 225 -6.48 21.26 13.31
N GLN A 226 -7.70 21.77 13.42
CA GLN A 226 -8.24 22.20 14.71
C GLN A 226 -8.51 21.00 15.62
N ALA A 227 -8.97 19.90 15.04
CA ALA A 227 -9.23 18.68 15.78
C ALA A 227 -7.94 18.13 16.38
N VAL A 228 -6.86 18.25 15.64
CA VAL A 228 -5.55 17.78 16.09
C VAL A 228 -5.04 18.60 17.27
N LYS A 229 -5.22 19.92 17.20
CA LYS A 229 -4.70 20.81 18.23
C LYS A 229 -5.53 20.77 19.52
N GLY A 230 -6.67 20.10 19.47
CA GLY A 230 -7.54 19.98 20.63
C GLY A 230 -7.29 18.69 21.39
N VAL A 231 -6.38 17.87 20.87
CA VAL A 231 -6.09 16.57 21.46
C VAL A 231 -5.40 16.69 22.81
N HIS A 232 -4.44 17.61 22.91
CA HIS A 232 -3.65 17.78 24.13
C HIS A 232 -4.51 18.06 25.36
N LYS A 233 -5.51 18.91 25.18
CA LYS A 233 -6.44 19.25 26.27
C LYS A 233 -7.20 18.01 26.72
N VAL A 234 -7.75 17.28 25.76
CA VAL A 234 -8.53 16.08 26.04
C VAL A 234 -7.64 14.97 26.61
N LEU A 235 -6.39 14.91 26.15
CA LEU A 235 -5.44 13.93 26.64
C LEU A 235 -5.12 14.18 28.12
N GLU A 236 -4.97 15.45 28.48
CA GLU A 236 -4.72 15.82 29.87
C GLU A 236 -5.89 15.42 30.76
N GLU A 237 -7.11 15.65 30.28
CA GLU A 237 -8.31 15.30 31.02
C GLU A 237 -8.44 13.78 31.16
N ALA A 238 -7.86 13.05 30.21
CA ALA A 238 -7.90 11.60 30.22
C ALA A 238 -6.90 11.02 31.22
N CYS A 239 -5.68 11.56 31.20
CA CYS A 239 -4.62 11.07 32.07
C CYS A 239 -4.94 11.30 33.54
N ASP A 240 -5.70 12.35 33.84
CA ASP A 240 -6.14 12.61 35.20
C ASP A 240 -7.25 11.65 35.60
N GLU A 241 -8.11 11.32 34.64
CA GLU A 241 -9.17 10.35 34.86
C GLU A 241 -8.59 8.95 35.05
N PHE A 242 -7.53 8.64 34.31
CA PHE A 242 -6.90 7.33 34.39
C PHE A 242 -6.21 7.14 35.74
N ALA A 243 -5.68 8.23 36.28
CA ALA A 243 -5.00 8.20 37.57
C ALA A 243 -6.01 7.99 38.70
N ARG A 244 -7.19 8.58 38.54
CA ARG A 244 -8.22 8.54 39.57
C ARG A 244 -8.93 7.18 39.60
N ILE A 245 -8.92 6.48 38.48
CA ILE A 245 -9.64 5.21 38.37
C ILE A 245 -8.72 4.00 38.50
N PHE A 246 -7.55 4.09 37.85
CA PHE A 246 -6.66 2.93 37.78
C PHE A 246 -5.46 3.06 38.72
N GLY A 247 -5.31 4.23 39.33
CA GLY A 247 -4.26 4.43 40.31
C GLY A 247 -2.89 4.72 39.72
N ARG A 248 -2.78 4.68 38.40
CA ARG A 248 -1.53 4.97 37.73
C ARG A 248 -1.59 6.34 37.06
N LYS A 249 -0.74 7.25 37.50
CA LYS A 249 -0.75 8.62 36.98
C LYS A 249 0.31 8.82 35.91
N TYR A 250 -0.14 9.12 34.69
CA TYR A 250 0.76 9.35 33.57
C TYR A 250 0.89 10.83 33.25
N ASP A 251 2.06 11.22 32.77
CA ASP A 251 2.24 12.54 32.19
C ASP A 251 1.86 12.47 30.72
N PRO A 252 1.02 13.40 30.25
CA PRO A 252 0.54 13.33 28.87
C PRO A 252 1.62 13.65 27.84
N TYR A 253 2.76 14.20 28.27
CA TYR A 253 3.78 14.64 27.33
C TYR A 253 5.15 14.01 27.59
N LEU A 254 5.73 14.28 28.76
CA LEU A 254 7.10 13.88 29.04
C LEU A 254 7.24 13.07 30.33
N ASP A 255 7.86 11.90 30.21
CA ASP A 255 8.20 11.09 31.37
C ASP A 255 9.62 11.44 31.84
N GLU A 256 9.72 12.41 32.73
CA GLU A 256 11.03 12.93 33.15
C GLU A 256 11.63 12.15 34.30
N TYR A 257 12.96 12.02 34.28
CA TYR A 257 13.67 11.26 35.31
C TYR A 257 14.99 11.95 35.67
N LEU A 258 15.10 12.38 36.92
CA LEU A 258 16.28 13.06 37.44
C LEU A 258 16.67 14.27 36.59
N THR A 259 15.68 15.09 36.23
CA THR A 259 15.92 16.25 35.38
C THR A 259 15.82 17.55 36.14
N ASP A 260 15.51 17.46 37.44
CA ASP A 260 15.38 18.65 38.28
C ASP A 260 16.67 19.46 38.33
N ASP A 261 17.80 18.78 38.54
CA ASP A 261 19.08 19.47 38.63
C ASP A 261 20.07 18.94 37.60
N ALA A 262 19.55 18.35 36.53
CA ALA A 262 20.40 17.81 35.47
C ALA A 262 20.96 18.94 34.60
N GLU A 263 22.18 18.76 34.12
CA GLU A 263 22.79 19.74 33.22
C GLU A 263 22.68 19.26 31.78
N VAL A 264 22.79 17.95 31.58
CA VAL A 264 22.56 17.36 30.27
C VAL A 264 21.54 16.23 30.40
N ILE A 265 20.67 16.08 29.40
CA ILE A 265 19.68 15.02 29.39
C ILE A 265 19.66 14.30 28.06
N ILE A 266 19.09 13.11 28.05
CA ILE A 266 18.85 12.38 26.81
C ILE A 266 17.36 12.31 26.53
N PHE A 267 16.99 12.63 25.30
CA PHE A 267 15.58 12.73 24.90
C PHE A 267 15.24 11.65 23.88
N GLY A 268 14.11 10.98 24.09
CA GLY A 268 13.67 9.93 23.19
C GLY A 268 12.34 9.35 23.62
N GLN A 269 12.04 8.15 23.11
CA GLN A 269 10.78 7.49 23.40
C GLN A 269 10.93 5.98 23.40
N GLY A 270 10.04 5.30 24.12
CA GLY A 270 10.00 3.86 24.10
C GLY A 270 10.93 3.16 25.08
N ALA A 271 11.09 1.86 24.89
CA ALA A 271 11.76 0.97 25.85
C ALA A 271 13.19 1.36 26.18
N HIS A 272 13.95 1.78 25.17
CA HIS A 272 15.36 2.10 25.39
C HIS A 272 15.57 3.28 26.33
N MET A 273 14.53 4.10 26.50
CA MET A 273 14.60 5.23 27.40
C MET A 273 14.64 4.78 28.86
N GLU A 274 14.10 3.60 29.14
CA GLU A 274 14.13 3.06 30.48
C GLU A 274 15.55 2.64 30.84
N THR A 275 16.27 2.13 29.84
CA THR A 275 17.68 1.79 30.00
C THR A 275 18.50 3.05 30.22
N ALA A 276 18.08 4.13 29.57
CA ALA A 276 18.71 5.44 29.76
C ALA A 276 18.56 5.91 31.20
N LYS A 277 17.39 5.65 31.78
CA LYS A 277 17.14 5.97 33.18
C LYS A 277 18.07 5.18 34.09
N ALA A 278 18.32 3.93 33.73
CA ALA A 278 19.19 3.06 34.51
C ALA A 278 20.62 3.56 34.47
N VAL A 279 21.09 3.90 33.28
CA VAL A 279 22.45 4.41 33.09
C VAL A 279 22.62 5.77 33.77
N ALA A 280 21.61 6.62 33.63
CA ALA A 280 21.62 7.94 34.26
C ALA A 280 21.77 7.82 35.78
N ARG A 281 21.06 6.87 36.37
CA ARG A 281 21.09 6.68 37.81
C ARG A 281 22.46 6.19 38.27
N ARG A 282 23.07 5.30 37.49
CA ARG A 282 24.41 4.80 37.80
C ARG A 282 25.46 5.90 37.65
N LEU A 283 25.24 6.79 36.69
CA LEU A 283 26.17 7.88 36.42
C LEU A 283 26.12 8.95 37.50
N ARG A 284 24.95 9.12 38.11
CA ARG A 284 24.80 10.04 39.22
C ARG A 284 25.74 9.69 40.37
N ASN A 285 25.97 8.39 40.56
CA ASN A 285 26.85 7.91 41.61
C ASN A 285 28.30 8.29 41.35
N LEU A 286 28.62 8.67 40.12
CA LEU A 286 29.95 9.10 39.75
C LEU A 286 30.09 10.62 39.91
N GLY A 287 28.96 11.31 39.99
CA GLY A 287 28.97 12.76 40.13
C GLY A 287 28.39 13.46 38.92
N GLU A 288 28.24 12.72 37.83
CA GLU A 288 27.67 13.26 36.61
C GLU A 288 26.18 13.53 36.81
N LYS A 289 25.80 14.80 36.73
CA LYS A 289 24.41 15.18 36.93
C LYS A 289 23.63 15.11 35.63
N VAL A 290 23.15 13.91 35.32
CA VAL A 290 22.44 13.65 34.07
C VAL A 290 20.98 13.26 34.33
N GLY A 291 20.16 13.43 33.30
CA GLY A 291 18.74 13.09 33.40
C GLY A 291 18.20 12.51 32.12
N VAL A 292 16.94 12.08 32.15
CA VAL A 292 16.30 11.51 30.98
C VAL A 292 14.90 12.10 30.77
N ALA A 293 14.58 12.41 29.53
CA ALA A 293 13.24 12.86 29.17
C ALA A 293 12.66 11.93 28.11
N ARG A 294 11.67 11.13 28.49
CA ARG A 294 11.04 10.20 27.57
C ARG A 294 9.73 10.76 27.02
N LEU A 295 9.67 10.92 25.70
CA LEU A 295 8.47 11.45 25.04
C LEU A 295 7.34 10.43 25.06
N ARG A 296 6.22 10.81 25.67
CA ARG A 296 5.06 9.92 25.77
C ARG A 296 4.10 10.10 24.60
N THR A 297 3.98 11.34 24.12
CA THR A 297 3.10 11.64 23.01
C THR A 297 3.89 12.21 21.83
N PHE A 298 3.90 11.48 20.72
CA PHE A 298 4.63 11.92 19.53
C PHE A 298 3.74 12.75 18.61
N ARG A 299 2.48 12.36 18.49
CA ARG A 299 1.52 13.11 17.69
C ARG A 299 0.21 13.32 18.43
N PRO A 300 -0.26 14.57 18.52
CA PRO A 300 0.43 15.77 17.99
C PRO A 300 1.61 16.16 18.86
N PHE A 301 2.70 16.60 18.23
CA PHE A 301 3.93 16.92 18.94
C PHE A 301 3.71 18.04 19.93
N PRO A 302 4.02 17.79 21.21
CA PRO A 302 3.92 18.80 22.27
C PRO A 302 5.02 19.84 22.12
N THR A 303 4.88 20.74 21.15
CA THR A 303 5.90 21.73 20.84
C THR A 303 6.15 22.68 22.00
N GLU A 304 5.08 23.26 22.54
CA GLU A 304 5.20 24.26 23.59
C GLU A 304 5.55 23.66 24.94
N GLN A 305 4.94 22.53 25.26
CA GLN A 305 5.22 21.84 26.51
C GLN A 305 6.70 21.51 26.64
N ILE A 306 7.31 21.14 25.51
CA ILE A 306 8.73 20.86 25.47
C ILE A 306 9.55 22.14 25.58
N LYS A 307 9.05 23.21 24.97
CA LYS A 307 9.75 24.49 24.96
C LYS A 307 9.93 25.06 26.37
N GLU A 308 8.96 24.82 27.24
CA GLU A 308 8.98 25.40 28.57
C GLU A 308 9.48 24.42 29.64
N ARG A 309 9.72 23.18 29.24
CA ARG A 309 10.14 22.16 30.20
C ARG A 309 11.55 21.63 29.94
N LEU A 310 12.04 21.76 28.72
CA LEU A 310 13.34 21.22 28.36
C LEU A 310 14.36 22.28 27.95
N SER A 311 13.97 23.55 28.06
CA SER A 311 14.84 24.65 27.65
C SER A 311 15.80 25.08 28.75
N LYS A 312 15.80 24.37 29.88
CA LYS A 312 16.63 24.77 31.01
C LYS A 312 17.92 23.94 31.12
N PHE A 313 18.15 23.07 30.14
CA PHE A 313 19.36 22.24 30.14
C PHE A 313 20.44 22.82 29.23
N LYS A 314 21.70 22.52 29.57
CA LYS A 314 22.82 23.02 28.79
C LYS A 314 23.00 22.23 27.50
N ALA A 315 22.67 20.95 27.54
CA ALA A 315 22.79 20.11 26.36
C ALA A 315 21.74 19.01 26.35
N ILE A 316 21.18 18.75 25.18
CA ILE A 316 20.21 17.68 25.00
C ILE A 316 20.63 16.72 23.89
N GLY A 317 20.80 15.45 24.25
CA GLY A 317 21.11 14.41 23.28
C GLY A 317 19.86 13.65 22.90
N VAL A 318 19.44 13.80 21.65
CA VAL A 318 18.20 13.18 21.20
C VAL A 318 18.45 11.80 20.61
N LEU A 319 17.86 10.77 21.21
CA LEU A 319 17.97 9.43 20.67
C LEU A 319 16.90 9.17 19.62
N ASP A 320 17.34 8.72 18.44
CA ASP A 320 16.42 8.29 17.41
C ASP A 320 16.67 6.84 17.05
N VAL A 321 15.79 5.96 17.52
CA VAL A 321 15.86 4.55 17.17
C VAL A 321 15.14 4.35 15.84
N SER A 322 15.71 4.88 14.77
CA SER A 322 15.10 4.85 13.46
C SER A 322 16.10 5.24 12.39
N ALA A 323 15.73 5.02 11.13
CA ALA A 323 16.56 5.42 10.00
C ALA A 323 15.82 6.43 9.13
N ASN A 324 15.71 7.66 9.62
CA ASN A 324 15.05 8.73 8.88
C ASN A 324 16.04 9.35 7.88
N PHE A 325 16.26 8.66 6.78
CA PHE A 325 17.30 9.03 5.82
C PHE A 325 17.10 10.41 5.20
N GLY A 326 18.20 11.15 5.08
CA GLY A 326 18.20 12.43 4.38
C GLY A 326 17.60 13.58 5.15
N ILE A 327 17.16 13.32 6.37
CA ILE A 327 16.50 14.34 7.18
C ILE A 327 17.47 15.45 7.58
N SER A 328 16.93 16.61 7.95
CA SER A 328 17.74 17.73 8.38
C SER A 328 18.51 17.38 9.65
N CYS A 329 19.80 17.76 9.66
CA CYS A 329 20.73 17.51 10.76
C CYS A 329 21.16 16.05 10.87
N SER A 330 20.63 15.21 9.98
CA SER A 330 21.09 13.83 9.79
C SER A 330 21.06 12.96 11.03
N GLY A 331 20.23 13.33 12.00
CA GLY A 331 19.97 12.47 13.14
C GLY A 331 18.75 11.64 12.85
N GLY A 332 17.63 12.01 13.48
CA GLY A 332 16.35 11.40 13.22
C GLY A 332 15.24 12.43 13.29
N VAL A 333 14.00 11.96 13.31
CA VAL A 333 12.85 12.85 13.32
C VAL A 333 12.72 13.58 14.65
N LEU A 334 13.02 12.89 15.75
CA LEU A 334 12.91 13.48 17.07
C LEU A 334 13.86 14.66 17.25
N LEU A 335 15.07 14.53 16.71
CA LEU A 335 16.05 15.60 16.76
C LEU A 335 15.58 16.84 16.01
N SER A 336 15.09 16.63 14.79
CA SER A 336 14.64 17.73 13.94
C SER A 336 13.47 18.47 14.55
N GLU A 337 12.55 17.73 15.17
CA GLU A 337 11.36 18.32 15.74
C GLU A 337 11.62 18.94 17.10
N LEU A 338 12.66 18.47 17.78
CA LEU A 338 13.07 19.06 19.05
C LEU A 338 13.78 20.38 18.81
N ARG A 339 14.69 20.40 17.84
CA ARG A 339 15.40 21.61 17.45
C ARG A 339 14.42 22.67 16.95
N ALA A 340 13.41 22.22 16.22
CA ALA A 340 12.37 23.12 15.72
C ALA A 340 11.61 23.72 16.88
N ALA A 341 11.33 22.91 17.90
CA ALA A 341 10.59 23.34 19.07
C ALA A 341 11.42 24.29 19.94
N LEU A 342 12.67 23.94 20.17
CA LEU A 342 13.56 24.73 21.02
C LEU A 342 14.37 25.75 20.21
N TYR A 343 13.81 26.20 19.08
CA TYR A 343 14.51 27.09 18.17
C TYR A 343 14.91 28.41 18.82
N ASP A 344 14.03 28.97 19.64
CA ASP A 344 14.28 30.25 20.28
C ASP A 344 15.50 30.24 21.20
N TYR A 345 15.75 29.09 21.83
CA TYR A 345 16.88 28.96 22.75
C TYR A 345 18.05 28.24 22.07
N GLY A 346 18.19 28.43 20.77
CA GLY A 346 19.18 27.71 19.98
C GLY A 346 20.62 28.04 20.29
N ASP A 347 20.86 29.22 20.85
CA ASP A 347 22.20 29.65 21.19
C ASP A 347 22.63 29.14 22.56
N LYS A 348 21.65 28.89 23.42
CA LYS A 348 21.91 28.53 24.80
C LYS A 348 21.85 27.02 25.03
N VAL A 349 20.75 26.42 24.61
CA VAL A 349 20.57 24.97 24.77
C VAL A 349 21.13 24.21 23.57
N LYS A 350 22.25 23.54 23.78
CA LYS A 350 22.91 22.80 22.71
C LYS A 350 22.19 21.48 22.46
N THR A 351 22.06 21.11 21.19
CA THR A 351 21.37 19.87 20.83
C THR A 351 22.17 19.03 19.85
N VAL A 352 22.18 17.73 20.08
CA VAL A 352 22.84 16.78 19.18
C VAL A 352 21.98 15.52 19.12
N GLY A 353 22.09 14.77 18.02
CA GLY A 353 21.29 13.58 17.84
C GLY A 353 22.09 12.30 17.87
N PHE A 354 21.54 11.28 18.53
CA PHE A 354 22.15 9.95 18.55
C PHE A 354 21.27 8.96 17.80
N VAL A 355 21.85 8.28 16.82
CA VAL A 355 21.13 7.25 16.08
C VAL A 355 21.65 5.88 16.49
N ALA A 356 20.79 5.09 17.12
CA ALA A 356 21.16 3.78 17.61
C ALA A 356 19.96 2.85 17.67
N GLY A 357 20.23 1.56 17.85
CA GLY A 357 19.17 0.57 17.90
C GLY A 357 18.73 0.18 16.49
N LEU A 358 19.60 0.45 15.52
CA LEU A 358 19.31 0.15 14.13
C LEU A 358 19.14 -1.36 13.91
N GLY A 359 18.16 -1.72 13.11
CA GLY A 359 17.89 -3.12 12.82
C GLY A 359 17.48 -3.92 14.03
N GLY A 360 17.07 -3.23 15.09
CA GLY A 360 16.62 -3.89 16.30
C GLY A 360 17.74 -4.20 17.28
N GLU A 361 18.95 -3.78 16.95
CA GLU A 361 20.09 -3.99 17.83
C GLU A 361 19.86 -3.31 19.18
N VAL A 362 20.29 -3.95 20.25
CA VAL A 362 20.12 -3.40 21.59
C VAL A 362 20.95 -2.14 21.78
N VAL A 363 20.38 -1.14 22.44
CA VAL A 363 21.13 0.04 22.81
C VAL A 363 21.72 -0.17 24.22
N THR A 364 22.96 -0.63 24.26
CA THR A 364 23.59 -1.06 25.51
C THR A 364 23.85 0.08 26.49
N HIS A 365 24.09 -0.27 27.75
CA HIS A 365 24.40 0.70 28.79
C HIS A 365 25.65 1.49 28.44
N ASP A 366 26.64 0.79 27.90
CA ASP A 366 27.90 1.42 27.51
C ASP A 366 27.68 2.49 26.46
N GLU A 367 26.82 2.18 25.49
CA GLU A 367 26.49 3.14 24.43
C GLU A 367 25.85 4.40 25.01
N PHE A 368 24.93 4.21 25.95
CA PHE A 368 24.31 5.34 26.65
C PHE A 368 25.35 6.15 27.42
N TYR A 369 26.31 5.45 28.02
CA TYR A 369 27.39 6.09 28.75
C TYR A 369 28.21 6.99 27.82
N ARG A 370 28.50 6.48 26.62
CA ARG A 370 29.26 7.24 25.64
C ARG A 370 28.46 8.43 25.14
N MET A 371 27.14 8.31 25.13
CA MET A 371 26.26 9.42 24.76
C MET A 371 26.31 10.52 25.82
N PHE A 372 26.28 10.12 27.09
CA PHE A 372 26.31 11.07 28.19
C PHE A 372 27.66 11.78 28.29
N GLN A 373 28.72 11.07 27.96
CA GLN A 373 30.06 11.66 27.98
C GLN A 373 30.18 12.74 26.89
N LYS A 374 29.54 12.49 25.76
CA LYS A 374 29.53 13.46 24.67
C LYS A 374 28.77 14.72 25.07
N LEU A 375 27.61 14.54 25.68
CA LEU A 375 26.80 15.67 26.15
C LEU A 375 27.55 16.48 27.20
N LYS A 376 28.31 15.78 28.03
CA LYS A 376 29.14 16.41 29.05
C LYS A 376 30.19 17.30 28.41
N GLU A 377 30.81 16.82 27.34
CA GLU A 377 31.81 17.60 26.61
C GLU A 377 31.18 18.81 25.94
N ILE A 378 30.02 18.61 25.33
CA ILE A 378 29.32 19.67 24.61
C ILE A 378 28.86 20.78 25.57
N ALA A 379 28.35 20.39 26.73
CA ALA A 379 27.87 21.34 27.72
C ALA A 379 29.00 22.22 28.25
N LYS A 380 30.19 21.64 28.36
CA LYS A 380 31.34 22.38 28.88
C LYS A 380 31.91 23.36 27.85
N THR A 381 31.98 22.92 26.60
CA THR A 381 32.60 23.73 25.55
C THR A 381 31.58 24.55 24.77
N GLY A 382 30.33 24.12 24.76
CA GLY A 382 29.29 24.80 24.02
C GLY A 382 29.50 24.65 22.52
N LYS A 383 30.24 23.63 22.12
CA LYS A 383 30.59 23.42 20.73
C LYS A 383 30.14 22.04 20.23
N VAL A 384 29.22 22.04 19.28
CA VAL A 384 28.79 20.81 18.63
C VAL A 384 29.53 20.64 17.30
N GLU A 385 30.44 19.67 17.25
CA GLU A 385 31.25 19.43 16.06
C GLU A 385 30.42 18.88 14.90
N GLN A 386 29.44 18.04 15.23
CA GLN A 386 28.54 17.51 14.21
C GLN A 386 27.17 17.23 14.84
N THR A 387 26.12 17.47 14.06
CA THR A 387 24.76 17.44 14.57
C THR A 387 24.24 16.05 14.90
N SER A 388 24.95 15.01 14.46
CA SER A 388 24.50 13.65 14.72
C SER A 388 25.65 12.66 14.86
N TYR A 389 25.40 11.62 15.65
CA TYR A 389 26.34 10.52 15.82
C TYR A 389 25.64 9.18 15.60
N TRP A 390 26.15 8.38 14.67
CA TRP A 390 25.58 7.07 14.42
C TRP A 390 26.31 5.98 15.20
N ILE A 391 25.63 5.44 16.21
CA ILE A 391 26.19 4.42 17.09
C ILE A 391 26.21 3.06 16.39
N PRO A 392 27.31 2.30 16.53
CA PRO A 392 28.54 2.60 17.25
C PRO A 392 29.70 2.99 16.35
N PHE A 393 29.39 3.39 15.14
CA PHE A 393 30.41 3.66 14.13
C PHE A 393 31.08 5.01 14.32
N GLU A 394 30.32 6.01 14.75
CA GLU A 394 30.83 7.37 14.87
C GLU A 394 31.02 7.78 16.33
N LEU A 395 30.47 6.98 17.25
CA LEU A 395 30.59 7.27 18.67
C LEU A 395 30.56 5.99 19.50
N THR B 3 32.19 0.35 32.15
CA THR B 3 30.82 -0.08 31.94
C THR B 3 30.56 -1.45 32.58
N LYS B 4 31.61 -2.25 32.67
CA LYS B 4 31.49 -3.58 33.26
C LYS B 4 31.17 -3.50 34.75
N ASP B 5 32.00 -2.76 35.48
CA ASP B 5 31.84 -2.61 36.92
C ASP B 5 30.69 -1.66 37.28
N LEU B 6 30.52 -0.63 36.47
CA LEU B 6 29.58 0.45 36.78
C LEU B 6 28.13 0.00 36.72
N PHE B 7 27.78 -0.79 35.71
CA PHE B 7 26.40 -1.22 35.54
C PHE B 7 26.20 -2.68 35.94
N ALA B 8 27.09 -3.17 36.80
CA ALA B 8 27.05 -4.56 37.24
C ALA B 8 25.86 -4.84 38.14
N GLU B 9 25.32 -6.05 38.02
CA GLU B 9 24.24 -6.52 38.89
C GLU B 9 24.65 -7.87 39.48
N PRO B 10 25.53 -7.84 40.49
CA PRO B 10 26.21 -9.03 41.03
C PRO B 10 25.28 -10.10 41.58
N ASN B 11 24.18 -9.70 42.21
CA ASN B 11 23.27 -10.65 42.83
C ASN B 11 22.20 -11.18 41.88
N LEU B 12 22.32 -10.81 40.60
CA LEU B 12 21.38 -11.28 39.59
C LEU B 12 21.81 -12.65 39.07
N LYS B 13 20.84 -13.54 38.87
CA LYS B 13 21.12 -14.87 38.36
C LYS B 13 20.63 -15.04 36.93
N GLN B 14 21.42 -15.75 36.12
CA GLN B 14 21.08 -15.95 34.71
C GLN B 14 20.95 -17.44 34.39
N ILE B 15 19.81 -17.80 33.80
CA ILE B 15 19.56 -19.18 33.40
C ILE B 15 19.38 -19.29 31.89
N THR B 16 20.08 -20.22 31.28
CA THR B 16 19.97 -20.47 29.85
C THR B 16 19.50 -21.89 29.57
N VAL B 17 18.28 -22.03 29.06
CA VAL B 17 17.73 -23.35 28.74
C VAL B 17 17.84 -23.65 27.25
N TRP B 18 18.55 -24.73 26.92
CA TRP B 18 18.67 -25.17 25.54
C TRP B 18 17.69 -26.30 25.25
N ALA B 19 17.07 -26.25 24.08
CA ALA B 19 16.12 -27.29 23.68
C ALA B 19 16.09 -27.43 22.16
N ARG B 20 15.34 -28.43 21.69
CA ARG B 20 15.13 -28.62 20.27
C ARG B 20 13.87 -27.89 19.83
N GLY B 21 13.95 -27.19 18.70
CA GLY B 21 12.84 -26.41 18.21
C GLY B 21 11.60 -27.24 17.92
N VAL B 22 10.43 -26.61 18.07
CA VAL B 22 9.13 -27.24 17.81
C VAL B 22 8.80 -28.39 18.76
N VAL B 23 9.67 -29.38 18.84
CA VAL B 23 9.39 -30.57 19.64
C VAL B 23 9.62 -30.39 21.13
N MET B 24 10.38 -29.37 21.51
CA MET B 24 10.73 -29.18 22.92
C MET B 24 10.78 -27.71 23.36
N ASN B 25 10.54 -26.78 22.44
CA ASN B 25 10.60 -25.37 22.76
C ASN B 25 9.54 -24.95 23.78
N LYS B 26 8.48 -25.74 23.87
CA LYS B 26 7.41 -25.50 24.84
C LYS B 26 7.89 -25.73 26.27
N ASP B 27 8.59 -26.84 26.48
CA ASP B 27 9.09 -27.18 27.80
C ASP B 27 10.21 -26.24 28.22
N ALA B 28 11.04 -25.85 27.26
CA ALA B 28 12.11 -24.89 27.52
C ALA B 28 11.53 -23.59 28.06
N ARG B 29 10.49 -23.10 27.38
CA ARG B 29 9.78 -21.91 27.80
C ARG B 29 9.17 -22.12 29.18
N ASP B 30 8.61 -23.29 29.41
CA ASP B 30 7.96 -23.60 30.68
C ASP B 30 8.93 -23.64 31.85
N ILE B 31 10.17 -24.07 31.58
CA ILE B 31 11.18 -24.15 32.63
C ILE B 31 11.51 -22.76 33.19
N VAL B 32 11.77 -21.81 32.30
CA VAL B 32 12.11 -20.46 32.72
C VAL B 32 10.87 -19.71 33.21
N VAL B 33 9.70 -20.12 32.74
CA VAL B 33 8.45 -19.50 33.19
C VAL B 33 8.10 -19.98 34.59
N ALA B 34 8.23 -21.28 34.83
CA ALA B 34 7.92 -21.87 36.12
C ALA B 34 8.81 -21.29 37.24
N LEU B 35 10.10 -21.23 36.97
CA LEU B 35 11.07 -20.78 37.98
C LEU B 35 10.93 -19.28 38.28
N THR B 36 10.63 -18.48 37.26
CA THR B 36 10.45 -17.05 37.46
C THR B 36 9.14 -16.77 38.19
N GLU B 37 8.08 -17.48 37.81
CA GLU B 37 6.80 -17.38 38.51
C GLU B 37 6.92 -17.83 39.95
N ALA B 38 7.83 -18.78 40.19
CA ALA B 38 8.09 -19.27 41.53
C ALA B 38 8.90 -18.25 42.33
N ALA B 39 9.90 -17.67 41.69
CA ALA B 39 10.76 -16.68 42.34
C ALA B 39 9.98 -15.41 42.64
N ALA B 40 9.00 -15.10 41.80
CA ALA B 40 8.14 -13.94 41.99
C ALA B 40 7.30 -14.11 43.26
N LYS B 41 6.98 -15.36 43.59
CA LYS B 41 6.25 -15.69 44.81
C LYS B 41 7.15 -15.50 46.04
N GLU B 42 8.45 -15.38 45.79
CA GLU B 42 9.41 -15.21 46.86
C GLU B 42 9.91 -13.77 46.93
N GLY B 43 9.27 -12.89 46.17
CA GLY B 43 9.58 -11.47 46.19
C GLY B 43 10.76 -11.07 45.32
N LYS B 44 11.07 -11.90 44.33
CA LYS B 44 12.18 -11.61 43.42
C LYS B 44 11.71 -10.86 42.18
N TYR B 45 12.58 -10.03 41.63
CA TYR B 45 12.34 -9.40 40.35
C TYR B 45 12.77 -10.37 39.26
N VAL B 46 11.83 -10.75 38.40
CA VAL B 46 12.11 -11.79 37.42
C VAL B 46 11.78 -11.39 35.99
N GLN B 47 12.40 -12.08 35.04
CA GLN B 47 12.10 -11.92 33.62
C GLN B 47 12.42 -13.20 32.86
N ALA B 48 11.40 -13.78 32.26
CA ALA B 48 11.57 -14.96 31.42
C ALA B 48 11.19 -14.65 29.98
N TRP B 49 11.95 -15.18 29.03
CA TRP B 49 11.66 -14.97 27.63
C TRP B 49 12.31 -16.03 26.74
N GLU B 50 11.80 -16.15 25.52
CA GLU B 50 12.41 -17.01 24.51
C GLU B 50 13.38 -16.18 23.69
N ASN B 51 14.49 -16.79 23.30
CA ASN B 51 15.43 -16.11 22.42
C ASN B 51 14.73 -15.70 21.13
N TYR B 52 14.72 -14.40 20.86
CA TYR B 52 13.95 -13.83 19.77
C TYR B 52 14.56 -14.16 18.41
N VAL B 53 15.88 -14.22 18.35
CA VAL B 53 16.58 -14.49 17.09
C VAL B 53 16.48 -15.97 16.73
N ASP B 54 16.08 -16.80 17.69
CA ASP B 54 15.83 -18.21 17.44
C ASP B 54 14.43 -18.41 16.87
N LEU B 55 13.66 -17.33 16.78
CA LEU B 55 12.30 -17.38 16.27
C LEU B 55 12.24 -16.99 14.79
N PRO B 56 11.41 -17.71 14.01
CA PRO B 56 10.58 -18.83 14.46
C PRO B 56 11.38 -20.11 14.59
N ASP B 57 11.01 -20.94 15.57
CA ASP B 57 11.70 -22.20 15.81
C ASP B 57 11.50 -23.18 14.67
N ARG B 58 12.56 -23.91 14.33
CA ARG B 58 12.47 -24.96 13.33
C ARG B 58 12.64 -26.31 14.04
N ILE B 59 12.13 -27.38 13.44
CA ILE B 59 12.23 -28.69 14.08
C ILE B 59 13.67 -29.13 14.24
N TYR B 60 14.06 -29.39 15.50
CA TYR B 60 15.37 -29.89 15.92
C TYR B 60 16.48 -28.83 15.99
N VAL B 61 16.21 -27.61 15.56
CA VAL B 61 17.21 -26.56 15.68
C VAL B 61 17.40 -26.22 17.16
N PRO B 62 18.66 -26.00 17.57
CA PRO B 62 18.89 -25.53 18.94
C PRO B 62 18.23 -24.16 19.19
N VAL B 63 17.30 -24.12 20.14
CA VAL B 63 16.67 -22.87 20.54
C VAL B 63 16.88 -22.64 22.03
N ARG B 64 16.63 -21.42 22.48
CA ARG B 64 16.90 -21.06 23.86
C ARG B 64 15.76 -20.31 24.53
N ALA B 65 15.66 -20.47 25.85
CA ALA B 65 14.76 -19.69 26.68
C ALA B 65 15.51 -19.23 27.92
N TYR B 66 15.35 -17.98 28.31
CA TYR B 66 16.17 -17.42 29.38
C TYR B 66 15.36 -17.04 30.61
N ALA B 67 16.06 -16.94 31.74
CA ALA B 67 15.47 -16.45 32.98
C ALA B 67 16.46 -15.55 33.70
N ARG B 68 15.96 -14.44 34.24
CA ARG B 68 16.80 -13.55 35.03
C ARG B 68 16.14 -13.29 36.38
N ILE B 69 16.86 -13.60 37.45
CA ILE B 69 16.31 -13.49 38.80
C ILE B 69 17.24 -12.69 39.70
N SER B 70 16.71 -11.60 40.26
CA SER B 70 17.49 -10.72 41.12
C SER B 70 16.68 -10.23 42.31
N SER B 71 17.37 -9.88 43.39
CA SER B 71 16.73 -9.31 44.56
C SER B 71 16.48 -7.82 44.32
N ASP B 72 17.24 -7.25 43.38
CA ASP B 72 17.10 -5.86 42.99
C ASP B 72 16.35 -5.78 41.67
N PRO B 73 15.76 -4.61 41.36
CA PRO B 73 15.12 -4.41 40.06
C PRO B 73 16.08 -4.69 38.90
N ILE B 74 15.63 -5.47 37.92
CA ILE B 74 16.45 -5.79 36.77
C ILE B 74 16.67 -4.56 35.89
N GLU B 75 17.93 -4.14 35.76
CA GLU B 75 18.26 -2.96 34.97
C GLU B 75 18.71 -3.35 33.57
N SER B 76 18.72 -4.65 33.29
CA SER B 76 19.15 -5.16 32.01
C SER B 76 18.05 -5.98 31.34
N LYS B 77 16.82 -5.49 31.44
CA LYS B 77 15.66 -6.18 30.89
C LYS B 77 15.73 -6.31 29.38
N TYR B 78 16.04 -5.20 28.71
CA TYR B 78 15.88 -5.10 27.26
C TYR B 78 17.11 -5.58 26.52
N ILE B 79 17.40 -6.88 26.67
CA ILE B 79 18.47 -7.54 25.94
C ILE B 79 17.87 -8.65 25.09
N TYR B 80 18.72 -9.44 24.45
CA TYR B 80 18.26 -10.59 23.69
C TYR B 80 18.57 -11.90 24.39
N GLU B 81 19.72 -11.96 25.07
CA GLU B 81 20.16 -13.21 25.67
C GLU B 81 21.05 -13.02 26.89
N ASN B 82 21.10 -14.05 27.73
CA ASN B 82 22.01 -14.08 28.87
C ASN B 82 23.43 -14.32 28.42
N GLU B 83 24.33 -13.40 28.77
CA GLU B 83 25.72 -13.47 28.32
C GLU B 83 26.58 -14.24 29.31
N THR B 84 26.15 -14.28 30.57
CA THR B 84 26.91 -14.96 31.62
C THR B 84 26.02 -15.89 32.46
N PRO B 85 25.70 -17.07 31.92
CA PRO B 85 24.80 -18.02 32.59
C PRO B 85 25.36 -18.57 33.90
N ASP B 86 24.50 -18.69 34.90
CA ASP B 86 24.85 -19.36 36.15
C ASP B 86 24.29 -20.80 36.13
N ILE B 87 23.20 -20.97 35.41
CA ILE B 87 22.56 -22.27 35.27
C ILE B 87 22.27 -22.58 33.81
N VAL B 88 22.85 -23.67 33.31
CA VAL B 88 22.60 -24.09 31.93
C VAL B 88 21.81 -25.39 31.90
N VAL B 89 20.61 -25.32 31.35
CA VAL B 89 19.73 -26.49 31.27
C VAL B 89 19.62 -27.00 29.84
N LEU B 90 19.73 -28.33 29.67
CA LEU B 90 19.58 -28.94 28.37
C LEU B 90 18.40 -29.89 28.35
N VAL B 91 17.32 -29.49 27.68
CA VAL B 91 16.12 -30.31 27.60
C VAL B 91 16.39 -31.59 26.80
N GLU B 92 17.32 -31.51 25.86
CA GLU B 92 17.69 -32.67 25.04
C GLU B 92 19.19 -32.92 25.13
N GLU B 93 19.57 -34.19 25.22
CA GLU B 93 20.94 -34.58 25.55
C GLU B 93 21.96 -34.30 24.44
N SER B 94 21.53 -34.35 23.19
CA SER B 94 22.45 -34.22 22.06
C SER B 94 22.99 -32.80 21.90
N LEU B 95 22.51 -31.90 22.76
CA LEU B 95 22.93 -30.50 22.71
C LEU B 95 24.34 -30.31 23.25
N ILE B 96 24.89 -31.33 23.88
CA ILE B 96 26.27 -31.30 24.35
C ILE B 96 27.25 -31.49 23.19
N LYS B 97 26.70 -31.52 21.98
CA LYS B 97 27.50 -31.80 20.79
C LYS B 97 27.33 -30.70 19.73
N GLY B 98 28.40 -29.94 19.51
CA GLY B 98 28.42 -28.93 18.47
C GLY B 98 27.65 -27.65 18.78
N VAL B 99 27.38 -27.43 20.06
CA VAL B 99 26.61 -26.26 20.48
C VAL B 99 27.30 -25.55 21.65
N PRO B 100 27.52 -24.23 21.52
CA PRO B 100 28.23 -23.46 22.55
C PRO B 100 27.41 -23.27 23.83
N ILE B 101 27.10 -24.38 24.50
CA ILE B 101 26.21 -24.36 25.67
C ILE B 101 26.86 -23.83 26.93
N LEU B 102 28.19 -23.83 26.98
CA LEU B 102 28.89 -23.39 28.18
C LEU B 102 29.61 -22.05 27.96
N LYS B 103 29.30 -21.39 26.85
CA LYS B 103 29.92 -20.12 26.53
C LYS B 103 29.51 -19.03 27.50
N GLY B 104 30.48 -18.50 28.25
CA GLY B 104 30.25 -17.37 29.11
C GLY B 104 29.81 -17.69 30.53
N ILE B 105 29.77 -18.97 30.87
CA ILE B 105 29.33 -19.38 32.20
C ILE B 105 30.27 -18.84 33.28
N ARG B 106 29.73 -18.66 34.48
CA ARG B 106 30.45 -18.04 35.58
C ARG B 106 30.86 -19.05 36.64
N PRO B 107 31.85 -18.72 37.48
CA PRO B 107 32.26 -19.60 38.58
C PRO B 107 31.09 -20.08 39.43
N GLY B 108 31.02 -21.39 39.66
CA GLY B 108 29.96 -21.98 40.44
C GLY B 108 28.74 -22.32 39.62
N SER B 109 28.91 -22.39 38.31
CA SER B 109 27.78 -22.66 37.41
C SER B 109 27.36 -24.13 37.42
N THR B 110 26.10 -24.37 37.07
CA THR B 110 25.54 -25.71 37.08
C THR B 110 24.95 -26.09 35.73
N LEU B 111 25.40 -27.21 35.17
CA LEU B 111 24.83 -27.74 33.93
C LEU B 111 23.88 -28.89 34.22
N VAL B 112 22.65 -28.78 33.72
CA VAL B 112 21.64 -29.79 33.94
C VAL B 112 21.21 -30.43 32.63
N VAL B 113 21.27 -31.75 32.56
CA VAL B 113 20.99 -32.47 31.32
C VAL B 113 19.89 -33.52 31.47
N ASN B 114 18.88 -33.43 30.62
CA ASN B 114 17.84 -34.45 30.54
C ASN B 114 18.34 -35.65 29.76
N THR B 115 18.75 -36.70 30.47
CA THR B 115 19.33 -37.86 29.82
C THR B 115 19.32 -39.11 30.70
N LYS B 116 19.27 -40.28 30.07
CA LYS B 116 19.38 -41.55 30.76
C LYS B 116 20.84 -41.97 30.88
N ARG B 117 21.69 -41.33 30.07
CA ARG B 117 23.11 -41.63 30.06
C ARG B 117 23.79 -41.19 31.35
N SER B 118 24.94 -41.79 31.65
CA SER B 118 25.67 -41.48 32.88
C SER B 118 26.33 -40.12 32.80
N ILE B 119 26.78 -39.62 33.94
CA ILE B 119 27.46 -38.32 34.01
C ILE B 119 28.82 -38.38 33.31
N ASP B 120 29.53 -39.48 33.50
CA ASP B 120 30.87 -39.66 32.92
C ASP B 120 30.85 -39.58 31.41
N THR B 121 29.79 -40.06 30.79
CA THR B 121 29.66 -40.04 29.34
C THR B 121 29.43 -38.62 28.84
N ILE B 122 28.57 -37.89 29.53
CA ILE B 122 28.28 -36.49 29.19
C ILE B 122 29.55 -35.65 29.27
N LEU B 123 30.38 -35.94 30.26
CA LEU B 123 31.65 -35.24 30.47
C LEU B 123 32.61 -35.42 29.30
N GLU B 124 32.53 -36.58 28.65
CA GLU B 124 33.41 -36.89 27.52
C GLU B 124 33.18 -35.94 26.35
N PHE B 125 31.94 -35.54 26.14
CA PHE B 125 31.60 -34.64 25.04
C PHE B 125 31.93 -33.19 25.34
N LEU B 126 31.89 -32.82 26.62
CA LEU B 126 32.09 -31.44 27.03
C LEU B 126 33.57 -31.04 27.02
N GLY B 127 34.44 -32.00 27.32
CA GLY B 127 35.86 -31.73 27.42
C GLY B 127 36.19 -30.94 28.67
N ASP B 128 36.66 -29.70 28.48
CA ASP B 128 36.98 -28.84 29.62
C ASP B 128 35.78 -27.98 30.00
N THR B 129 35.27 -28.20 31.20
CA THR B 129 34.04 -27.54 31.65
C THR B 129 34.29 -26.17 32.27
N GLY B 130 35.56 -25.83 32.47
CA GLY B 130 35.94 -24.52 32.96
C GLY B 130 35.31 -24.09 34.26
N ASN B 131 34.50 -23.03 34.21
CA ASN B 131 33.86 -22.47 35.40
C ASN B 131 32.74 -23.34 35.96
N LEU B 132 32.41 -24.42 35.25
CA LEU B 132 31.34 -25.31 35.70
C LEU B 132 31.75 -26.01 37.00
N ALA B 133 30.89 -25.92 38.01
CA ALA B 133 31.20 -26.48 39.31
C ALA B 133 30.37 -27.74 39.58
N GLN B 134 29.23 -27.86 38.89
CA GLN B 134 28.36 -29.02 39.06
C GLN B 134 27.70 -29.43 37.76
N ILE B 135 27.56 -30.73 37.55
CA ILE B 135 26.79 -31.25 36.44
C ILE B 135 25.68 -32.17 36.96
N VAL B 136 24.47 -32.00 36.41
CA VAL B 136 23.31 -32.74 36.89
C VAL B 136 22.63 -33.49 35.74
N THR B 137 22.21 -34.72 36.02
CA THR B 137 21.46 -35.50 35.04
C THR B 137 20.11 -35.91 35.61
N VAL B 138 19.07 -35.86 34.78
CA VAL B 138 17.74 -36.28 35.21
C VAL B 138 16.99 -36.95 34.05
N ASP B 139 16.30 -38.04 34.35
CA ASP B 139 15.57 -38.78 33.33
C ASP B 139 14.13 -38.26 33.22
N ALA B 140 13.99 -37.07 32.66
CA ALA B 140 12.68 -36.42 32.55
C ALA B 140 11.78 -37.12 31.55
N ASN B 141 12.38 -37.82 30.59
CA ASN B 141 11.62 -38.53 29.57
C ASN B 141 10.78 -39.68 30.15
N SER B 142 11.16 -40.15 31.33
CA SER B 142 10.46 -41.24 31.98
C SER B 142 9.37 -40.73 32.92
N MET B 143 9.50 -39.47 33.33
CA MET B 143 8.60 -38.89 34.32
C MET B 143 7.47 -38.08 33.67
N ALA B 144 7.72 -37.62 32.44
CA ALA B 144 6.73 -36.85 31.70
C ALA B 144 7.02 -36.89 30.21
N GLU B 145 6.24 -36.15 29.43
CA GLU B 145 6.42 -36.12 27.98
C GLU B 145 6.64 -34.71 27.47
N ALA B 146 7.28 -34.61 26.30
CA ALA B 146 7.51 -33.31 25.67
C ALA B 146 6.22 -32.78 25.05
N VAL B 147 5.62 -31.79 25.71
CA VAL B 147 4.37 -31.21 25.24
C VAL B 147 4.60 -30.37 23.98
N MET B 148 3.73 -30.55 22.99
CA MET B 148 3.83 -29.84 21.73
C MET B 148 2.52 -29.14 21.40
N THR B 149 2.58 -27.86 21.04
CA THR B 149 1.37 -27.09 20.80
C THR B 149 1.60 -25.88 19.90
N LEU B 150 0.51 -25.34 19.36
CA LEU B 150 0.57 -24.13 18.55
C LEU B 150 0.25 -22.90 19.40
N SER B 151 -0.19 -23.14 20.63
CA SER B 151 -0.53 -22.05 21.53
C SER B 151 0.72 -21.56 22.28
N GLY B 152 0.62 -20.38 22.86
CA GLY B 152 1.70 -19.81 23.65
C GLY B 152 2.90 -19.39 22.81
N ALA B 153 2.65 -19.14 21.53
CA ALA B 153 3.73 -18.78 20.60
C ALA B 153 3.83 -17.28 20.39
N GLU B 154 5.06 -16.80 20.17
CA GLU B 154 5.33 -15.41 19.82
C GLU B 154 4.78 -14.40 20.83
N GLY B 155 4.86 -14.75 22.12
CA GLY B 155 4.44 -13.83 23.16
C GLY B 155 3.05 -14.12 23.70
N ALA B 156 2.23 -14.82 22.92
CA ALA B 156 0.88 -15.15 23.33
C ALA B 156 0.87 -16.10 24.51
N THR B 157 -0.24 -16.14 25.23
CA THR B 157 -0.36 -17.01 26.40
C THR B 157 -0.58 -18.46 25.98
N ASP B 158 -0.15 -19.38 26.84
CA ASP B 158 -0.25 -20.81 26.57
C ASP B 158 -1.52 -21.39 27.18
N ALA B 159 -2.36 -21.99 26.35
CA ALA B 159 -3.62 -22.57 26.79
C ALA B 159 -3.43 -24.00 27.31
N THR B 160 -2.21 -24.50 27.22
CA THR B 160 -1.91 -25.84 27.71
C THR B 160 -1.38 -25.79 29.14
N GLY B 161 -1.23 -24.56 29.66
CA GLY B 161 -0.76 -24.37 31.02
C GLY B 161 0.75 -24.40 31.14
N ILE B 162 1.23 -24.39 32.37
CA ILE B 162 2.67 -24.39 32.64
C ILE B 162 3.11 -25.64 33.40
N GLY B 163 4.17 -26.28 32.92
CA GLY B 163 4.79 -27.39 33.63
C GLY B 163 4.02 -28.69 33.62
N ALA B 164 3.30 -28.95 32.53
CA ALA B 164 2.55 -30.19 32.39
C ALA B 164 3.44 -31.32 31.89
N GLY B 165 4.50 -30.95 31.18
CA GLY B 165 5.39 -31.93 30.57
C GLY B 165 6.71 -32.10 31.29
N ILE B 166 7.75 -32.42 30.53
CA ILE B 166 9.07 -32.70 31.10
C ILE B 166 9.73 -31.46 31.70
N ALA B 167 9.08 -30.32 31.58
CA ALA B 167 9.58 -29.09 32.17
C ALA B 167 9.53 -29.17 33.69
N ALA B 168 8.53 -29.88 34.22
CA ALA B 168 8.37 -30.02 35.66
C ALA B 168 9.48 -30.87 36.30
N PRO B 169 9.74 -32.09 35.77
CA PRO B 169 10.83 -32.84 36.42
C PRO B 169 12.21 -32.22 36.19
N ILE B 170 12.41 -31.55 35.06
CA ILE B 170 13.67 -30.88 34.78
C ILE B 170 13.89 -29.72 35.75
N ALA B 171 12.89 -28.86 35.89
CA ALA B 171 12.97 -27.73 36.80
C ALA B 171 13.15 -28.20 38.24
N GLY B 172 12.61 -29.38 38.55
CA GLY B 172 12.79 -29.99 39.85
C GLY B 172 14.24 -30.37 40.08
N ALA B 173 14.89 -30.84 39.02
CA ALA B 173 16.30 -31.19 39.09
C ALA B 173 17.16 -29.95 39.27
N VAL B 174 16.69 -28.83 38.74
CA VAL B 174 17.38 -27.55 38.88
C VAL B 174 17.40 -27.10 40.34
N VAL B 175 16.23 -27.09 40.95
CA VAL B 175 16.07 -26.67 42.34
C VAL B 175 16.87 -27.54 43.30
N LYS B 176 16.89 -28.85 43.02
CA LYS B 176 17.58 -29.82 43.85
C LYS B 176 19.09 -29.52 43.95
N ALA B 177 19.61 -28.81 42.95
CA ALA B 177 21.04 -28.52 42.90
C ALA B 177 21.36 -27.08 43.27
N THR B 178 20.43 -26.17 42.99
CA THR B 178 20.70 -24.74 43.17
C THR B 178 19.87 -24.10 44.28
N GLY B 179 18.66 -24.62 44.50
CA GLY B 179 17.76 -24.07 45.49
C GLY B 179 17.39 -22.64 45.19
N ILE B 180 17.42 -22.28 43.91
CA ILE B 180 17.18 -20.91 43.46
C ILE B 180 15.76 -20.46 43.80
N VAL B 181 14.86 -21.43 43.95
CA VAL B 181 13.52 -21.18 44.44
C VAL B 181 13.13 -22.27 45.42
N ASP B 182 12.03 -22.07 46.14
CA ASP B 182 11.52 -23.09 47.04
C ASP B 182 10.74 -24.14 46.26
N VAL B 183 10.98 -25.41 46.56
CA VAL B 183 10.40 -26.51 45.79
C VAL B 183 8.87 -26.48 45.81
N GLU B 184 8.30 -25.99 46.91
CA GLU B 184 6.85 -25.92 47.04
C GLU B 184 6.25 -24.82 46.17
N ASN B 185 6.99 -23.72 46.03
CA ASN B 185 6.57 -22.64 45.14
C ASN B 185 6.59 -23.08 43.68
N LEU B 186 7.57 -23.92 43.35
CA LEU B 186 7.67 -24.47 41.99
C LEU B 186 6.52 -25.43 41.73
N ALA B 187 6.16 -26.21 42.75
CA ALA B 187 5.06 -27.15 42.65
C ALA B 187 3.74 -26.42 42.46
N ALA B 188 3.64 -25.23 43.04
CA ALA B 188 2.39 -24.47 43.02
C ALA B 188 2.17 -23.74 41.70
N VAL B 189 3.17 -23.74 40.83
CA VAL B 189 3.06 -23.04 39.56
C VAL B 189 3.20 -23.97 38.35
N VAL B 190 3.25 -25.27 38.60
CA VAL B 190 3.33 -26.24 37.51
C VAL B 190 2.03 -27.04 37.39
N LYS B 191 1.73 -27.46 36.16
CA LYS B 191 0.50 -28.21 35.90
C LYS B 191 0.65 -29.66 36.34
N ASN B 192 1.90 -30.10 36.49
CA ASN B 192 2.19 -31.49 36.85
C ASN B 192 3.22 -31.58 37.96
N PRO B 193 2.81 -31.25 39.21
CA PRO B 193 3.72 -31.24 40.35
C PRO B 193 4.26 -32.63 40.69
N ALA B 194 3.47 -33.66 40.39
CA ALA B 194 3.86 -35.04 40.68
C ALA B 194 5.17 -35.40 39.99
N ALA B 195 5.27 -35.06 38.70
CA ALA B 195 6.48 -35.31 37.94
C ALA B 195 7.62 -34.41 38.40
N MET B 196 7.27 -33.20 38.81
CA MET B 196 8.25 -32.22 39.28
C MET B 196 9.02 -32.76 40.49
N ARG B 197 8.28 -33.30 41.45
CA ARG B 197 8.88 -33.82 42.67
C ARG B 197 9.76 -35.03 42.39
N ARG B 198 9.38 -35.81 41.38
CA ARG B 198 10.18 -36.95 40.93
C ARG B 198 11.54 -36.48 40.44
N GLY B 199 11.55 -35.45 39.60
CA GLY B 199 12.77 -34.87 39.10
C GLY B 199 13.60 -34.29 40.23
N TYR B 200 12.91 -33.63 41.16
CA TYR B 200 13.55 -33.04 42.33
C TYR B 200 14.15 -34.10 43.24
N ALA B 201 13.63 -35.32 43.15
CA ALA B 201 14.10 -36.42 44.00
C ALA B 201 15.12 -37.30 43.30
N GLU B 202 14.80 -37.73 42.08
CA GLU B 202 15.61 -38.71 41.37
C GLU B 202 16.84 -38.13 40.69
N ALA B 203 16.97 -36.81 40.71
CA ALA B 203 18.09 -36.14 40.05
C ALA B 203 19.42 -36.54 40.68
N GLN B 204 20.41 -36.80 39.85
CA GLN B 204 21.76 -37.13 40.33
C GLN B 204 22.70 -35.95 40.15
N VAL B 205 23.37 -35.57 41.23
CA VAL B 205 24.23 -34.40 41.22
C VAL B 205 25.68 -34.74 41.53
N ARG B 206 26.58 -34.42 40.60
CA ARG B 206 28.01 -34.56 40.84
C ARG B 206 28.67 -33.18 40.90
N GLN B 207 29.49 -32.97 41.92
CA GLN B 207 30.23 -31.73 42.05
C GLN B 207 31.60 -31.89 41.39
N LEU B 208 31.85 -31.09 40.34
CA LEU B 208 33.08 -31.15 39.59
C LEU B 208 34.29 -30.83 40.48
N PRO B 209 35.46 -31.41 40.14
CA PRO B 209 36.69 -31.15 40.90
C PRO B 209 37.04 -29.66 40.92
N PRO B 210 37.86 -29.23 41.90
CA PRO B 210 38.25 -27.83 42.00
C PRO B 210 38.89 -27.31 40.71
N HIS B 211 38.35 -26.20 40.21
CA HIS B 211 38.82 -25.62 38.95
C HIS B 211 39.04 -24.12 39.13
N GLU B 212 40.08 -23.60 38.48
CA GLU B 212 40.37 -22.17 38.56
C GLU B 212 39.38 -21.37 37.73
N ALA B 213 39.07 -20.16 38.19
CA ALA B 213 38.11 -19.30 37.51
C ALA B 213 38.57 -18.91 36.12
N VAL B 214 37.62 -18.74 35.20
CA VAL B 214 37.93 -18.38 33.83
C VAL B 214 37.63 -16.91 33.55
N SER B 220 35.50 -4.67 16.95
CA SER B 220 34.24 -4.21 17.51
C SER B 220 33.11 -4.29 16.48
N ALA B 221 32.05 -3.52 16.72
CA ALA B 221 30.94 -3.47 15.79
C ALA B 221 31.25 -2.53 14.63
N THR B 222 32.42 -1.90 14.70
CA THR B 222 32.97 -1.12 13.61
C THR B 222 33.48 -2.09 12.54
N GLU B 223 34.08 -3.17 13.02
CA GLU B 223 34.48 -4.29 12.15
C GLU B 223 33.24 -4.90 11.48
N LEU B 224 32.13 -4.87 12.21
CA LEU B 224 30.86 -5.39 11.70
C LEU B 224 30.41 -4.61 10.47
N LEU B 225 30.64 -3.30 10.49
CA LEU B 225 30.38 -2.44 9.33
C LEU B 225 31.26 -2.88 8.17
N ARG B 226 32.52 -3.17 8.48
CA ARG B 226 33.51 -3.56 7.49
C ARG B 226 33.20 -4.92 6.86
N GLN B 227 32.37 -5.70 7.55
CA GLN B 227 32.03 -7.05 7.12
C GLN B 227 30.84 -7.10 6.18
N MET B 228 29.90 -6.18 6.37
CA MET B 228 28.64 -6.22 5.62
C MET B 228 28.82 -5.76 4.18
N PRO B 229 28.47 -6.63 3.22
CA PRO B 229 28.62 -6.37 1.79
C PRO B 229 27.58 -5.39 1.25
N PHE B 230 27.77 -4.97 0.01
CA PHE B 230 26.90 -4.01 -0.66
C PHE B 230 25.44 -4.44 -0.64
N ALA B 231 24.63 -3.73 0.15
CA ALA B 231 23.19 -3.95 0.25
C ALA B 231 22.82 -5.35 0.74
N GLY B 232 23.80 -6.07 1.29
CA GLY B 232 23.57 -7.40 1.82
C GLY B 232 23.65 -8.50 0.78
N THR B 233 23.90 -8.12 -0.47
CA THR B 233 23.97 -9.09 -1.56
C THR B 233 25.18 -10.02 -1.40
N VAL B 234 24.91 -11.32 -1.48
CA VAL B 234 25.96 -12.33 -1.40
C VAL B 234 26.00 -13.17 -2.67
N PRO B 235 27.20 -13.68 -3.04
CA PRO B 235 27.29 -14.56 -4.21
C PRO B 235 26.60 -15.89 -3.97
N SER B 236 26.01 -16.45 -5.03
CA SER B 236 25.36 -17.75 -4.94
C SER B 236 26.37 -18.85 -4.70
N PRO B 237 26.19 -19.61 -3.60
CA PRO B 237 27.11 -20.72 -3.28
C PRO B 237 27.06 -21.80 -4.33
N VAL B 238 28.16 -22.53 -4.47
CA VAL B 238 28.28 -23.56 -5.51
C VAL B 238 27.95 -24.94 -4.99
N THR B 239 28.48 -25.28 -3.82
CA THR B 239 28.35 -26.62 -3.27
C THR B 239 27.49 -26.64 -2.01
N GLU B 240 27.66 -25.63 -1.15
CA GLU B 240 26.94 -25.57 0.11
C GLU B 240 26.84 -24.15 0.64
N ASN B 241 25.89 -23.94 1.56
CA ASN B 241 25.74 -22.65 2.22
C ASN B 241 26.30 -22.70 3.63
N GLU B 242 27.53 -22.21 3.79
CA GLU B 242 28.22 -22.28 5.08
C GLU B 242 27.75 -21.22 6.07
N GLY B 243 26.71 -20.47 5.68
CA GLY B 243 26.12 -19.49 6.58
C GLY B 243 25.15 -20.14 7.55
N MET B 244 24.75 -21.36 7.23
CA MET B 244 23.83 -22.12 8.07
C MET B 244 24.19 -23.60 8.07
N VAL B 245 25.17 -23.97 8.90
CA VAL B 245 25.57 -25.36 9.05
C VAL B 245 24.63 -26.05 10.03
N THR B 246 23.91 -27.06 9.54
CA THR B 246 22.80 -27.63 10.29
C THR B 246 23.07 -29.01 10.87
N GLY B 247 24.33 -29.42 10.90
CA GLY B 247 24.70 -30.72 11.43
C GLY B 247 24.37 -30.92 12.90
N ASN B 248 24.40 -29.83 13.67
CA ASN B 248 24.15 -29.93 15.11
C ASN B 248 22.67 -29.94 15.49
N TRP B 249 21.81 -30.13 14.50
CA TRP B 249 20.38 -30.27 14.77
C TRP B 249 20.04 -31.69 15.20
N ARG B 250 20.94 -32.62 14.90
CA ARG B 250 20.65 -34.05 15.03
C ARG B 250 20.48 -34.54 16.46
N ILE B 251 19.35 -35.17 16.72
CA ILE B 251 19.17 -35.98 17.92
C ILE B 251 19.39 -37.43 17.51
N GLN B 252 19.45 -37.64 16.19
CA GLN B 252 19.65 -38.96 15.61
C GLN B 252 20.27 -38.79 14.23
N ARG B 253 20.91 -39.85 13.73
CA ARG B 253 21.47 -39.82 12.38
C ARG B 253 21.11 -41.09 11.63
N PRO B 254 21.00 -40.99 10.30
CA PRO B 254 20.75 -42.19 9.48
C PRO B 254 22.01 -43.04 9.32
N ILE B 255 21.88 -44.34 9.53
CA ILE B 255 22.99 -45.27 9.33
C ILE B 255 22.59 -46.33 8.31
N ILE B 256 23.42 -46.47 7.27
CA ILE B 256 23.10 -47.36 6.17
C ILE B 256 23.84 -48.69 6.28
N ASP B 257 23.15 -49.77 5.91
CA ASP B 257 23.78 -51.09 5.81
C ASP B 257 24.01 -51.40 4.34
N ARG B 258 25.29 -51.41 3.94
CA ARG B 258 25.67 -51.58 2.54
C ARG B 258 25.30 -52.96 2.00
N GLU B 259 24.98 -53.89 2.89
CA GLU B 259 24.57 -55.23 2.48
C GLU B 259 23.11 -55.23 2.05
N ALA B 260 22.34 -54.30 2.60
CA ALA B 260 20.91 -54.20 2.31
C ALA B 260 20.63 -53.17 1.23
N CYS B 261 21.51 -52.19 1.09
CA CYS B 261 21.30 -51.10 0.13
C CYS B 261 21.28 -51.62 -1.31
N THR B 262 20.32 -51.13 -2.08
CA THR B 262 20.16 -51.55 -3.47
C THR B 262 20.55 -50.41 -4.42
N GLU B 263 20.97 -49.30 -3.84
CA GLU B 263 21.36 -48.11 -4.58
C GLU B 263 20.25 -47.66 -5.52
N CYS B 264 19.02 -47.65 -5.02
CA CYS B 264 17.87 -47.19 -5.77
C CYS B 264 17.77 -45.68 -5.74
N TYR B 265 18.42 -45.09 -4.75
CA TYR B 265 18.48 -43.64 -4.56
C TYR B 265 17.10 -43.02 -4.41
N THR B 266 16.19 -43.75 -3.78
CA THR B 266 14.89 -43.21 -3.40
C THR B 266 15.09 -42.17 -2.32
N CYS B 267 15.96 -42.48 -1.37
CA CYS B 267 16.30 -41.55 -0.29
C CYS B 267 16.92 -40.27 -0.82
N TRP B 268 17.65 -40.39 -1.93
CA TRP B 268 18.33 -39.25 -2.54
C TRP B 268 17.36 -38.17 -3.02
N ILE B 269 16.24 -38.58 -3.60
CA ILE B 269 15.31 -37.64 -4.20
C ILE B 269 14.40 -36.96 -3.18
N TYR B 270 14.35 -37.52 -1.97
CA TYR B 270 13.41 -37.03 -0.96
C TYR B 270 14.03 -36.23 0.17
N CYS B 271 15.36 -36.14 0.21
CA CYS B 271 16.01 -35.35 1.25
C CYS B 271 15.82 -33.85 1.00
N PRO B 272 15.22 -33.15 1.97
CA PRO B 272 14.94 -31.72 1.85
C PRO B 272 16.20 -30.86 1.91
N ASP B 273 17.31 -31.44 2.38
CA ASP B 273 18.51 -30.67 2.60
C ASP B 273 19.67 -31.09 1.69
N SER B 274 19.35 -31.82 0.63
CA SER B 274 20.33 -32.22 -0.38
C SER B 274 21.58 -32.87 0.21
N CYS B 275 21.41 -33.62 1.29
CA CYS B 275 22.55 -34.19 2.00
C CYS B 275 22.96 -35.55 1.47
N ILE B 276 22.27 -36.02 0.44
CA ILE B 276 22.61 -37.31 -0.17
C ILE B 276 23.17 -37.09 -1.56
N THR B 277 24.30 -37.73 -1.85
CA THR B 277 24.92 -37.65 -3.16
C THR B 277 25.03 -39.04 -3.77
N ARG B 278 24.66 -39.17 -5.05
CA ARG B 278 24.77 -40.44 -5.77
C ARG B 278 26.23 -40.69 -6.17
N THR B 279 26.77 -41.83 -5.76
CA THR B 279 28.12 -42.18 -6.13
C THR B 279 28.23 -43.58 -6.70
N GLU B 280 29.41 -43.91 -7.24
CA GLU B 280 29.69 -45.25 -7.76
C GLU B 280 29.73 -46.30 -6.66
N GLU B 281 29.90 -45.84 -5.43
CA GLU B 281 29.98 -46.72 -4.28
C GLU B 281 28.70 -46.71 -3.47
N GLY B 282 27.71 -46.00 -3.98
CA GLY B 282 26.42 -45.88 -3.31
C GLY B 282 26.16 -44.47 -2.80
N PRO B 283 25.08 -44.29 -2.04
CA PRO B 283 24.75 -42.98 -1.50
C PRO B 283 25.72 -42.50 -0.42
N VAL B 284 26.13 -41.25 -0.49
CA VAL B 284 26.97 -40.65 0.54
C VAL B 284 26.18 -39.61 1.33
N PHE B 285 26.19 -39.74 2.65
CA PHE B 285 25.43 -38.84 3.51
C PHE B 285 26.28 -37.69 4.03
N ASN B 286 25.76 -36.48 3.92
CA ASN B 286 26.47 -35.28 4.37
C ASN B 286 26.17 -34.98 5.83
N MET B 287 27.03 -35.46 6.73
CA MET B 287 26.81 -35.29 8.16
C MET B 287 27.12 -33.89 8.66
N LYS B 288 27.62 -33.04 7.77
CA LYS B 288 27.85 -31.65 8.11
C LYS B 288 26.53 -30.88 8.17
N TYR B 289 25.55 -31.34 7.40
CA TYR B 289 24.29 -30.62 7.28
C TYR B 289 23.06 -31.45 7.64
N CYS B 290 23.20 -32.78 7.59
CA CYS B 290 22.09 -33.68 7.90
C CYS B 290 21.43 -33.32 9.22
N LYS B 291 20.11 -33.16 9.20
CA LYS B 291 19.36 -32.74 10.37
C LYS B 291 18.78 -33.92 11.13
N GLY B 292 18.95 -35.13 10.59
CA GLY B 292 18.42 -36.33 11.19
C GLY B 292 16.91 -36.35 11.22
N CYS B 293 16.30 -35.79 10.18
CA CYS B 293 14.84 -35.72 10.10
C CYS B 293 14.24 -37.13 9.98
N GLY B 294 14.97 -38.03 9.35
CA GLY B 294 14.56 -39.42 9.24
C GLY B 294 13.66 -39.75 8.06
N LEU B 295 13.59 -38.82 7.10
CA LEU B 295 12.80 -39.05 5.90
C LEU B 295 13.39 -40.16 5.04
N CYS B 296 14.71 -40.12 4.88
CA CYS B 296 15.43 -41.12 4.09
C CYS B 296 15.19 -42.52 4.65
N THR B 297 15.19 -42.64 5.97
CA THR B 297 14.93 -43.89 6.64
C THR B 297 13.49 -44.35 6.40
N ALA B 298 12.58 -43.38 6.35
CA ALA B 298 11.16 -43.67 6.22
C ALA B 298 10.75 -44.10 4.80
N VAL B 299 11.56 -43.74 3.81
CA VAL B 299 11.20 -43.99 2.42
C VAL B 299 11.99 -45.14 1.78
N CYS B 300 13.03 -45.61 2.48
CA CYS B 300 13.89 -46.67 1.95
C CYS B 300 13.11 -47.97 1.77
N PRO B 301 13.12 -48.51 0.54
CA PRO B 301 12.39 -49.74 0.21
C PRO B 301 13.07 -51.00 0.75
N SER B 302 14.36 -50.91 1.04
CA SER B 302 15.14 -52.09 1.39
C SER B 302 15.38 -52.25 2.89
N GLY B 303 14.96 -51.25 3.66
CA GLY B 303 15.18 -51.29 5.10
C GLY B 303 16.66 -51.22 5.42
N ALA B 304 17.41 -50.53 4.57
CA ALA B 304 18.86 -50.43 4.72
C ALA B 304 19.25 -49.31 5.66
N LEU B 305 18.29 -48.48 6.05
CA LEU B 305 18.56 -47.32 6.89
C LEU B 305 17.96 -47.46 8.28
N THR B 306 18.70 -46.99 9.28
CA THR B 306 18.23 -46.99 10.66
C THR B 306 18.58 -45.67 11.34
N ASN B 307 17.66 -45.17 12.17
CA ASN B 307 17.91 -43.96 12.94
C ASN B 307 18.59 -44.31 14.26
N VAL B 308 19.80 -43.80 14.44
CA VAL B 308 20.58 -44.09 15.63
C VAL B 308 20.86 -42.82 16.43
N PRO B 309 20.63 -42.87 17.75
CA PRO B 309 20.91 -41.74 18.66
C PRO B 309 22.27 -41.10 18.41
N GLU B 310 22.29 -39.76 18.39
CA GLU B 310 23.47 -39.01 17.97
C GLU B 310 24.66 -39.19 18.92
N LEU B 311 24.37 -39.31 20.22
CA LEU B 311 25.45 -39.42 21.21
C LEU B 311 26.14 -40.78 21.19
N ASP B 312 25.62 -41.70 20.39
CA ASP B 312 26.29 -42.99 20.19
C ASP B 312 27.52 -42.82 19.30
N PHE B 313 27.62 -41.66 18.65
CA PHE B 313 28.72 -41.38 17.75
C PHE B 313 29.61 -40.27 18.29
N LYS B 314 30.83 -40.65 18.69
CA LYS B 314 31.77 -39.70 19.26
C LYS B 314 32.81 -39.28 18.22
N ASP B 315 32.34 -38.57 17.20
CA ASP B 315 33.21 -38.09 16.13
C ASP B 315 33.44 -36.59 16.22
N MET C 1 13.97 -25.42 -24.24
CA MET C 1 13.33 -26.73 -24.29
C MET C 1 13.97 -27.71 -23.32
N LEU C 2 13.31 -27.93 -22.18
CA LEU C 2 13.79 -28.87 -21.19
C LEU C 2 13.15 -30.24 -21.39
N ASP C 3 14.00 -31.26 -21.49
CA ASP C 3 13.53 -32.62 -21.80
C ASP C 3 12.76 -33.24 -20.65
N ARG C 4 11.93 -34.23 -20.98
CA ARG C 4 11.18 -34.98 -19.98
C ARG C 4 12.12 -35.84 -19.13
N ILE C 5 11.85 -35.90 -17.83
CA ILE C 5 12.58 -36.78 -16.93
C ILE C 5 11.81 -38.07 -16.71
N ALA C 6 12.43 -39.19 -17.09
CA ALA C 6 11.75 -40.48 -17.11
C ALA C 6 11.64 -41.11 -15.72
N SER C 7 12.59 -40.79 -14.84
CA SER C 7 12.65 -41.43 -13.54
C SER C 7 13.60 -40.73 -12.57
N ILE C 8 13.75 -41.31 -11.38
CA ILE C 8 14.73 -40.82 -10.41
C ILE C 8 16.13 -41.09 -10.95
N LYS C 9 16.30 -42.20 -11.64
CA LYS C 9 17.58 -42.56 -12.24
C LYS C 9 17.99 -41.56 -13.32
N LYS C 10 17.01 -41.07 -14.08
CA LYS C 10 17.27 -40.16 -15.18
C LYS C 10 17.25 -38.71 -14.73
N ALA C 11 16.92 -38.47 -13.45
CA ALA C 11 16.93 -37.13 -12.90
C ALA C 11 18.34 -36.56 -12.89
N PRO C 12 18.47 -35.24 -13.09
CA PRO C 12 19.79 -34.60 -13.05
C PRO C 12 20.41 -34.67 -11.66
N ASP C 13 21.71 -34.93 -11.60
CA ASP C 13 22.42 -35.01 -10.33
C ASP C 13 22.64 -33.64 -9.71
N GLU C 14 22.80 -32.62 -10.55
CA GLU C 14 23.11 -31.27 -10.08
C GLU C 14 22.06 -30.73 -9.13
N GLU C 15 22.51 -30.18 -8.01
CA GLU C 15 21.65 -29.50 -7.06
C GLU C 15 21.86 -28.00 -7.15
N TYR C 16 20.78 -27.25 -7.39
CA TYR C 16 20.86 -25.79 -7.44
C TYR C 16 20.22 -25.22 -6.18
N TYR C 17 19.82 -26.12 -5.29
CA TYR C 17 19.34 -25.78 -3.97
C TYR C 17 20.18 -26.58 -2.96
N VAL C 18 21.30 -26.00 -2.55
CA VAL C 18 22.34 -26.72 -1.82
C VAL C 18 22.04 -26.84 -0.33
N PRO C 19 22.73 -27.78 0.36
CA PRO C 19 22.59 -27.90 1.82
C PRO C 19 22.98 -26.60 2.53
N GLY C 20 22.28 -26.29 3.61
CA GLY C 20 22.58 -25.10 4.38
C GLY C 20 21.44 -24.10 4.42
N HIS C 21 20.40 -24.42 5.17
CA HIS C 21 19.29 -23.48 5.38
C HIS C 21 18.56 -23.81 6.67
N ARG C 22 18.00 -22.77 7.30
CA ARG C 22 17.33 -22.93 8.59
C ARG C 22 15.88 -23.35 8.38
N THR C 23 15.68 -24.39 7.58
CA THR C 23 14.37 -24.98 7.38
C THR C 23 14.18 -26.15 8.33
N CYS C 24 12.94 -26.35 8.77
CA CYS C 24 12.61 -27.46 9.67
C CYS C 24 13.14 -28.78 9.14
N ALA C 25 13.52 -29.67 10.04
CA ALA C 25 13.85 -31.03 9.66
C ALA C 25 12.64 -31.66 8.99
N GLY C 26 12.83 -32.19 7.79
CA GLY C 26 11.73 -32.79 7.04
C GLY C 26 10.77 -31.76 6.48
N CYS C 27 11.28 -30.60 6.12
CA CYS C 27 10.45 -29.51 5.59
C CYS C 27 9.98 -29.79 4.16
N GLY C 28 8.66 -29.92 4.01
CA GLY C 28 8.04 -30.13 2.72
C GLY C 28 8.39 -29.11 1.65
N PRO C 29 8.20 -27.82 1.96
CA PRO C 29 8.59 -26.77 1.01
C PRO C 29 10.08 -26.74 0.68
N ALA C 30 10.93 -27.20 1.60
CA ALA C 30 12.36 -27.26 1.32
C ALA C 30 12.64 -28.26 0.20
N LEU C 31 12.01 -29.42 0.28
CA LEU C 31 12.14 -30.43 -0.77
C LEU C 31 11.55 -29.91 -2.07
N THR C 32 10.45 -29.17 -1.96
CA THR C 32 9.83 -28.53 -3.12
C THR C 32 10.84 -27.63 -3.83
N TYR C 33 11.52 -26.79 -3.06
CA TYR C 33 12.50 -25.86 -3.62
C TYR C 33 13.66 -26.61 -4.26
N ARG C 34 14.08 -27.71 -3.65
CA ARG C 34 15.16 -28.51 -4.19
C ARG C 34 14.76 -29.13 -5.52
N LEU C 35 13.60 -29.75 -5.55
CA LEU C 35 13.10 -30.42 -6.75
C LEU C 35 12.87 -29.44 -7.89
N VAL C 36 12.23 -28.31 -7.58
CA VAL C 36 11.96 -27.29 -8.59
C VAL C 36 13.24 -26.71 -9.15
N ALA C 37 14.22 -26.45 -8.28
CA ALA C 37 15.50 -25.92 -8.70
C ALA C 37 16.29 -26.94 -9.52
N LYS C 38 16.16 -28.21 -9.14
CA LYS C 38 16.84 -29.29 -9.84
C LYS C 38 16.31 -29.41 -11.27
N ALA C 39 15.00 -29.22 -11.44
CA ALA C 39 14.38 -29.31 -12.75
C ALA C 39 14.61 -28.04 -13.56
N ALA C 40 14.64 -26.91 -12.88
CA ALA C 40 14.79 -25.61 -13.53
C ALA C 40 16.13 -25.46 -14.24
N GLY C 41 17.19 -25.92 -13.58
CA GLY C 41 18.53 -25.81 -14.14
C GLY C 41 19.20 -24.50 -13.81
N PRO C 42 20.40 -24.26 -14.36
CA PRO C 42 21.23 -23.10 -14.05
C PRO C 42 20.71 -21.78 -14.63
N ASN C 43 20.18 -21.81 -15.84
CA ASN C 43 19.65 -20.59 -16.46
C ASN C 43 18.31 -20.20 -15.85
N THR C 44 18.33 -19.80 -14.59
CA THR C 44 17.10 -19.59 -13.83
C THR C 44 17.25 -18.46 -12.82
N ILE C 45 16.22 -17.64 -12.72
CA ILE C 45 16.15 -16.59 -11.71
C ILE C 45 14.95 -16.85 -10.80
N PHE C 46 15.20 -16.98 -9.50
CA PHE C 46 14.13 -17.21 -8.54
C PHE C 46 13.66 -15.91 -7.89
N ILE C 47 12.35 -15.80 -7.71
CA ILE C 47 11.78 -14.69 -6.96
C ILE C 47 11.11 -15.23 -5.70
N GLY C 48 11.48 -14.69 -4.55
CA GLY C 48 11.00 -15.21 -3.29
C GLY C 48 10.20 -14.24 -2.47
N PRO C 49 8.87 -14.27 -2.63
CA PRO C 49 7.98 -13.48 -1.78
C PRO C 49 8.19 -13.87 -0.32
N THR C 50 8.00 -12.93 0.61
CA THR C 50 8.27 -13.20 2.01
C THR C 50 7.46 -14.41 2.51
N GLY C 51 8.14 -15.27 3.27
CA GLY C 51 7.55 -16.52 3.73
C GLY C 51 8.66 -17.43 4.20
N CYS C 52 8.31 -18.64 4.62
CA CYS C 52 9.31 -19.60 5.12
C CYS C 52 10.43 -19.82 4.12
N MET C 53 10.08 -20.05 2.85
CA MET C 53 11.09 -20.31 1.83
C MET C 53 11.89 -19.06 1.48
N TYR C 54 11.65 -17.97 2.20
CA TYR C 54 12.53 -16.81 2.16
C TYR C 54 13.34 -16.73 3.45
N VAL C 55 12.64 -16.63 4.58
CA VAL C 55 13.28 -16.42 5.87
C VAL C 55 14.07 -17.64 6.33
N ALA C 56 13.46 -18.81 6.26
CA ALA C 56 14.11 -20.03 6.72
C ALA C 56 15.32 -20.38 5.86
N ASN C 57 15.29 -19.99 4.59
CA ASN C 57 16.40 -20.28 3.69
C ASN C 57 17.54 -19.27 3.77
N THR C 58 17.24 -18.04 4.21
CA THR C 58 18.23 -16.97 4.15
C THR C 58 18.75 -16.51 5.51
N SER C 59 18.32 -17.17 6.59
CA SER C 59 18.84 -16.86 7.92
C SER C 59 20.24 -17.43 8.10
N TYR C 60 21.24 -16.59 8.31
CA TYR C 60 21.08 -15.13 8.26
C TYR C 60 22.12 -14.53 7.32
N GLY C 61 21.68 -13.66 6.41
CA GLY C 61 22.57 -13.02 5.45
C GLY C 61 23.24 -14.02 4.54
N CYS C 62 22.55 -15.12 4.28
CA CYS C 62 23.09 -16.20 3.44
C CYS C 62 21.98 -16.78 2.58
N GLY C 63 22.25 -17.90 1.92
CA GLY C 63 21.26 -18.53 1.06
C GLY C 63 21.76 -19.80 0.40
N PRO C 64 20.84 -20.72 0.08
CA PRO C 64 21.16 -22.02 -0.50
C PRO C 64 21.02 -22.05 -2.02
N TRP C 65 20.75 -20.91 -2.64
CA TRP C 65 20.50 -20.88 -4.08
C TRP C 65 21.77 -20.70 -4.90
N ARG C 66 21.96 -21.59 -5.86
CA ARG C 66 23.14 -21.61 -6.71
C ARG C 66 22.93 -20.69 -7.91
N VAL C 67 21.69 -20.30 -8.14
CA VAL C 67 21.31 -19.44 -9.25
C VAL C 67 20.86 -18.08 -8.70
N PRO C 68 20.69 -17.07 -9.56
CA PRO C 68 20.21 -15.79 -9.05
C PRO C 68 18.88 -15.88 -8.30
N TRP C 69 18.78 -15.12 -7.22
CA TRP C 69 17.57 -15.07 -6.41
C TRP C 69 17.40 -13.67 -5.86
N ILE C 70 16.15 -13.18 -5.82
CA ILE C 70 15.90 -11.87 -5.24
C ILE C 70 14.67 -11.91 -4.33
N HIS C 71 14.77 -11.22 -3.21
CA HIS C 71 13.64 -11.08 -2.30
C HIS C 71 12.54 -10.25 -2.95
N ALA C 72 11.31 -10.65 -2.68
CA ALA C 72 10.15 -9.87 -3.07
C ALA C 72 9.23 -9.72 -1.88
N GLN C 73 8.42 -8.67 -1.89
CA GLN C 73 7.39 -8.53 -0.86
C GLN C 73 6.37 -9.64 -1.06
N ILE C 74 5.68 -10.03 0.01
CA ILE C 74 4.67 -11.06 -0.09
C ILE C 74 3.51 -10.60 -0.97
N THR C 75 3.42 -9.28 -1.13
CA THR C 75 2.33 -8.65 -1.86
C THR C 75 2.56 -8.59 -3.37
N ASN C 76 3.81 -8.73 -3.81
CA ASN C 76 4.14 -8.39 -5.18
C ASN C 76 4.98 -9.40 -5.96
N GLY C 77 4.95 -10.66 -5.56
CA GLY C 77 5.74 -11.69 -6.20
C GLY C 77 5.60 -11.74 -7.71
N GLY C 78 4.36 -11.65 -8.18
CA GLY C 78 4.09 -11.67 -9.60
C GLY C 78 4.54 -10.40 -10.30
N ALA C 79 4.46 -9.28 -9.59
CA ALA C 79 4.83 -7.99 -10.15
C ALA C 79 6.34 -7.86 -10.28
N VAL C 80 7.05 -8.30 -9.25
CA VAL C 80 8.51 -8.31 -9.29
C VAL C 80 9.01 -9.21 -10.42
N ALA C 81 8.30 -10.31 -10.63
CA ALA C 81 8.63 -11.24 -11.71
C ALA C 81 8.37 -10.63 -13.09
N SER C 82 7.27 -9.90 -13.20
CA SER C 82 6.91 -9.22 -14.45
C SER C 82 8.02 -8.26 -14.88
N GLY C 83 8.53 -7.49 -13.93
CA GLY C 83 9.59 -6.53 -14.20
C GLY C 83 10.87 -7.16 -14.69
N ILE C 84 11.24 -8.29 -14.09
CA ILE C 84 12.43 -9.02 -14.50
C ILE C 84 12.29 -9.52 -15.92
N GLU C 85 11.11 -10.04 -16.25
CA GLU C 85 10.82 -10.52 -17.59
C GLU C 85 10.79 -9.36 -18.58
N ALA C 86 10.21 -8.24 -18.16
CA ALA C 86 10.15 -7.04 -18.98
C ALA C 86 11.55 -6.50 -19.25
N ALA C 87 12.36 -6.46 -18.21
CA ALA C 87 13.73 -5.98 -18.33
C ALA C 87 14.53 -6.82 -19.32
N TYR C 88 14.48 -8.13 -19.15
CA TYR C 88 15.24 -9.04 -20.00
C TYR C 88 14.80 -8.99 -21.46
N LYS C 89 13.50 -8.89 -21.69
CA LYS C 89 12.98 -8.80 -23.05
C LYS C 89 13.33 -7.45 -23.68
N ALA C 90 13.47 -6.43 -22.85
CA ALA C 90 13.84 -5.10 -23.32
C ALA C 90 15.34 -4.99 -23.56
N MET C 91 16.13 -5.45 -22.59
CA MET C 91 17.59 -5.39 -22.70
C MET C 91 18.11 -6.19 -23.88
N ILE C 92 17.54 -7.37 -24.10
CA ILE C 92 17.95 -8.23 -25.21
C ILE C 92 17.61 -7.60 -26.56
N ARG C 93 16.40 -7.06 -26.67
CA ARG C 93 15.96 -6.41 -27.90
C ARG C 93 16.79 -5.17 -28.22
N LYS C 94 17.15 -4.42 -27.18
CA LYS C 94 17.88 -3.17 -27.37
C LYS C 94 19.39 -3.38 -27.34
N LYS C 95 19.80 -4.65 -27.43
CA LYS C 95 21.22 -5.03 -27.50
C LYS C 95 22.06 -4.48 -26.36
N LYS C 96 21.43 -4.26 -25.21
CA LYS C 96 22.14 -3.75 -24.04
C LYS C 96 22.65 -4.90 -23.18
N THR C 97 22.32 -6.12 -23.58
CA THR C 97 22.83 -7.32 -22.91
C THR C 97 23.01 -8.45 -23.92
N ASP C 98 23.88 -9.39 -23.59
CA ASP C 98 24.11 -10.55 -24.45
C ASP C 98 23.67 -11.82 -23.72
N ALA C 99 23.00 -11.65 -22.59
CA ALA C 99 22.49 -12.77 -21.82
C ALA C 99 21.29 -13.40 -22.51
N GLU C 100 21.21 -14.73 -22.44
CA GLU C 100 20.06 -15.44 -23.00
C GLU C 100 18.87 -15.30 -22.05
N PHE C 101 17.66 -15.47 -22.59
CA PHE C 101 16.46 -15.34 -21.77
C PHE C 101 16.36 -16.51 -20.79
N PRO C 102 16.23 -16.19 -19.50
CA PRO C 102 16.29 -17.17 -18.41
C PRO C 102 14.93 -17.72 -18.01
N ASN C 103 14.95 -18.83 -17.28
CA ASN C 103 13.75 -19.30 -16.58
C ASN C 103 13.46 -18.34 -15.44
N ILE C 104 12.22 -17.86 -15.36
CA ILE C 104 11.84 -16.96 -14.29
C ILE C 104 10.76 -17.61 -13.44
N ILE C 105 11.08 -17.86 -12.17
CA ILE C 105 10.20 -18.62 -11.30
C ILE C 105 9.89 -17.88 -9.99
N VAL C 106 8.61 -17.81 -9.65
CA VAL C 106 8.19 -17.28 -8.36
C VAL C 106 7.91 -18.42 -7.40
N MET C 107 8.63 -18.46 -6.29
CA MET C 107 8.37 -19.44 -5.25
C MET C 107 7.59 -18.80 -4.11
N ALA C 108 6.28 -18.69 -4.30
CA ALA C 108 5.41 -18.05 -3.32
C ALA C 108 4.69 -19.08 -2.45
N GLY C 109 4.45 -18.71 -1.19
CA GLY C 109 3.64 -19.53 -0.31
C GLY C 109 2.18 -19.35 -0.65
N ASP C 110 1.29 -19.98 0.11
CA ASP C 110 -0.14 -19.87 -0.14
C ASP C 110 -0.65 -18.45 0.12
N GLY C 111 -0.12 -17.81 1.16
CA GLY C 111 -0.50 -16.43 1.45
C GLY C 111 -0.07 -15.48 0.35
N GLY C 112 1.13 -15.70 -0.19
CA GLY C 112 1.67 -14.84 -1.22
C GLY C 112 1.22 -15.21 -2.63
N ALA C 113 0.27 -16.13 -2.72
CA ALA C 113 -0.24 -16.56 -4.02
C ALA C 113 -1.76 -16.53 -4.08
N VAL C 114 -2.39 -16.93 -2.98
CA VAL C 114 -3.83 -17.09 -2.94
C VAL C 114 -4.51 -15.94 -2.21
N ASP C 115 -3.76 -15.26 -1.35
CA ASP C 115 -4.34 -14.30 -0.43
C ASP C 115 -3.89 -12.87 -0.70
N ILE C 116 -2.72 -12.52 -0.18
CA ILE C 116 -2.20 -11.16 -0.25
C ILE C 116 -1.37 -10.96 -1.52
N GLY C 117 -1.21 -12.03 -2.29
CA GLY C 117 -0.43 -11.95 -3.52
C GLY C 117 -1.22 -12.31 -4.76
N LEU C 118 -2.53 -12.54 -4.59
CA LEU C 118 -3.40 -12.93 -5.69
C LEU C 118 -3.50 -11.85 -6.76
N GLN C 119 -3.63 -10.60 -6.32
CA GLN C 119 -3.78 -9.46 -7.23
C GLN C 119 -2.60 -9.34 -8.18
N ALA C 120 -1.39 -9.43 -7.64
CA ALA C 120 -0.17 -9.34 -8.43
C ALA C 120 -0.01 -10.55 -9.34
N LEU C 121 -0.46 -11.71 -8.88
CA LEU C 121 -0.41 -12.93 -9.68
C LEU C 121 -1.34 -12.84 -10.88
N SER C 122 -2.61 -12.55 -10.62
CA SER C 122 -3.63 -12.49 -11.65
C SER C 122 -3.27 -11.50 -12.75
N ALA C 123 -2.73 -10.35 -12.35
CA ALA C 123 -2.34 -9.32 -13.30
C ALA C 123 -1.19 -9.78 -14.19
N MET C 124 -0.27 -10.55 -13.61
CA MET C 124 0.84 -11.10 -14.37
C MET C 124 0.34 -12.06 -15.44
N LEU C 125 -0.62 -12.89 -15.07
CA LEU C 125 -1.23 -13.83 -16.00
C LEU C 125 -1.97 -13.08 -17.11
N TYR C 126 -2.59 -11.97 -16.74
CA TYR C 126 -3.32 -11.14 -17.70
C TYR C 126 -2.40 -10.54 -18.75
N ARG C 127 -1.24 -10.05 -18.31
CA ARG C 127 -0.28 -9.45 -19.23
C ARG C 127 0.49 -10.52 -20.00
N GLY C 128 0.45 -11.74 -19.49
CA GLY C 128 1.04 -12.88 -20.19
C GLY C 128 2.55 -12.91 -20.24
N HIS C 129 3.20 -12.51 -19.15
CA HIS C 129 4.65 -12.58 -19.06
C HIS C 129 5.13 -14.01 -19.14
N ASP C 130 6.34 -14.20 -19.68
CA ASP C 130 6.93 -15.54 -19.76
C ASP C 130 7.50 -15.93 -18.40
N VAL C 131 6.61 -16.25 -17.47
CA VAL C 131 7.01 -16.55 -16.10
C VAL C 131 6.29 -17.80 -15.57
N LEU C 132 7.03 -18.64 -14.86
CA LEU C 132 6.42 -19.75 -14.13
C LEU C 132 6.14 -19.33 -12.70
N PHE C 133 4.86 -19.21 -12.35
CA PHE C 133 4.48 -18.88 -10.98
C PHE C 133 4.17 -20.16 -10.21
N ILE C 134 4.92 -20.40 -9.15
CA ILE C 134 4.73 -21.60 -8.34
C ILE C 134 4.25 -21.26 -6.93
N CYS C 135 3.21 -21.96 -6.49
CA CYS C 135 2.75 -21.85 -5.11
C CYS C 135 3.08 -23.12 -4.34
N TYR C 136 3.93 -22.99 -3.32
CA TYR C 136 4.12 -24.10 -2.39
C TYR C 136 3.11 -23.94 -1.27
N ASP C 137 2.24 -24.94 -1.13
CA ASP C 137 1.11 -24.84 -0.22
C ASP C 137 1.35 -25.65 1.06
N ASN C 138 1.68 -24.97 2.15
CA ASN C 138 1.78 -25.62 3.45
C ASN C 138 0.54 -25.34 4.29
N GLU C 139 -0.45 -24.74 3.65
CA GLU C 139 -1.78 -24.54 4.21
C GLU C 139 -1.80 -23.71 5.49
N SER C 140 -0.96 -22.68 5.53
CA SER C 140 -0.98 -21.69 6.62
C SER C 140 0.03 -20.57 6.35
N TYR C 141 -0.04 -19.52 7.17
CA TYR C 141 1.04 -18.54 7.27
C TYR C 141 2.08 -19.10 8.25
N ALA C 142 3.01 -19.89 7.72
CA ALA C 142 3.90 -20.70 8.56
C ALA C 142 4.96 -19.89 9.31
N ASN C 143 5.71 -19.08 8.59
CA ASN C 143 6.85 -18.37 9.17
C ASN C 143 6.47 -17.41 10.29
N THR C 144 5.21 -17.00 10.32
CA THR C 144 4.73 -16.09 11.35
C THR C 144 4.22 -16.84 12.58
N GLY C 145 4.34 -18.17 12.56
CA GLY C 145 3.94 -18.98 13.69
C GLY C 145 2.68 -19.79 13.44
N ILE C 146 2.46 -20.16 12.18
CA ILE C 146 1.32 -20.95 11.74
C ILE C 146 -0.02 -20.24 11.99
N GLN C 147 -0.39 -19.38 11.05
CA GLN C 147 -1.70 -18.72 11.08
C GLN C 147 -2.52 -19.10 9.85
N THR C 148 -3.83 -18.95 9.94
CA THR C 148 -4.73 -19.39 8.89
C THR C 148 -4.55 -18.64 7.58
N SER C 149 -4.73 -19.35 6.47
CA SER C 149 -4.67 -18.79 5.13
C SER C 149 -5.89 -19.28 4.35
N PRO C 150 -6.16 -18.71 3.16
CA PRO C 150 -7.28 -19.22 2.37
C PRO C 150 -7.11 -20.67 1.87
N THR C 151 -5.96 -21.28 2.12
CA THR C 151 -5.76 -22.68 1.73
C THR C 151 -5.77 -23.60 2.94
N THR C 152 -5.83 -23.00 4.12
CA THR C 152 -5.93 -23.76 5.36
C THR C 152 -7.25 -24.52 5.38
N PRO C 153 -7.19 -25.84 5.58
CA PRO C 153 -8.39 -26.68 5.57
C PRO C 153 -9.39 -26.29 6.64
N TYR C 154 -10.66 -26.60 6.40
CA TYR C 154 -11.72 -26.38 7.38
C TYR C 154 -11.42 -27.12 8.67
N GLY C 155 -11.65 -26.47 9.80
CA GLY C 155 -11.46 -27.09 11.09
C GLY C 155 -10.01 -27.33 11.48
N ALA C 156 -9.09 -26.62 10.85
CA ALA C 156 -7.67 -26.76 11.16
C ALA C 156 -7.24 -25.77 12.24
N ASN C 157 -6.45 -26.26 13.18
CA ASN C 157 -5.98 -25.44 14.29
C ASN C 157 -4.80 -24.57 13.89
N THR C 158 -4.97 -23.25 14.04
CA THR C 158 -3.88 -22.30 13.91
C THR C 158 -3.97 -21.31 15.08
N THR C 159 -3.03 -20.38 15.16
CA THR C 159 -3.05 -19.42 16.26
C THR C 159 -4.10 -18.34 16.03
N PHE C 160 -4.64 -18.30 14.81
CA PHE C 160 -5.71 -17.36 14.49
C PHE C 160 -7.07 -18.07 14.45
N THR C 161 -7.04 -19.40 14.45
CA THR C 161 -8.27 -20.18 14.50
C THR C 161 -8.21 -21.27 15.58
N PRO C 162 -8.11 -20.85 16.86
CA PRO C 162 -8.02 -21.86 17.92
C PRO C 162 -9.38 -22.44 18.29
N PRO C 163 -9.44 -23.76 18.53
CA PRO C 163 -10.69 -24.38 18.96
C PRO C 163 -11.10 -23.92 20.35
N GLY C 164 -12.39 -23.61 20.52
CA GLY C 164 -12.91 -23.15 21.79
C GLY C 164 -14.40 -23.39 21.91
N GLU C 165 -14.98 -22.92 23.02
CA GLU C 165 -16.41 -23.11 23.27
C GLU C 165 -17.26 -22.40 22.23
N VAL C 166 -16.80 -21.25 21.75
CA VAL C 166 -17.56 -20.45 20.81
C VAL C 166 -17.37 -20.96 19.37
N VAL C 167 -16.19 -21.50 19.09
CA VAL C 167 -15.92 -22.07 17.78
C VAL C 167 -15.15 -23.40 17.94
N PRO C 168 -15.90 -24.50 18.14
CA PRO C 168 -15.37 -25.83 18.43
C PRO C 168 -14.46 -26.38 17.33
N GLU C 169 -14.78 -26.11 16.07
CA GLU C 169 -14.00 -26.64 14.96
C GLU C 169 -12.73 -25.81 14.75
N GLY C 170 -12.66 -24.66 15.39
CA GLY C 170 -11.50 -23.78 15.25
C GLY C 170 -11.63 -22.89 14.03
N LYS C 171 -11.53 -23.49 12.85
CA LYS C 171 -11.70 -22.75 11.60
C LYS C 171 -13.03 -23.10 10.94
N LYS C 172 -13.89 -22.10 10.80
CA LYS C 172 -15.22 -22.29 10.22
C LYS C 172 -15.16 -22.36 8.71
N LEU C 173 -14.38 -21.46 8.11
CA LEU C 173 -14.34 -21.30 6.66
C LEU C 173 -13.68 -22.48 5.94
N PHE C 174 -14.17 -22.77 4.75
CA PHE C 174 -13.56 -23.77 3.87
C PHE C 174 -12.55 -23.08 2.95
N PRO C 175 -11.47 -23.80 2.59
CA PRO C 175 -10.36 -23.19 1.85
C PRO C 175 -10.71 -22.68 0.45
N LYS C 176 -9.90 -21.75 -0.04
CA LYS C 176 -10.04 -21.25 -1.41
C LYS C 176 -9.23 -22.12 -2.36
N ASP C 177 -9.82 -22.45 -3.50
CA ASP C 177 -9.12 -23.28 -4.48
C ASP C 177 -8.49 -22.41 -5.56
N ASN C 178 -7.29 -21.91 -5.27
CA ASN C 178 -6.58 -20.99 -6.17
C ASN C 178 -6.34 -21.49 -7.60
N PRO C 179 -5.95 -22.77 -7.78
CA PRO C 179 -5.74 -23.23 -9.15
C PRO C 179 -6.95 -23.07 -10.07
N LYS C 180 -8.15 -23.12 -9.49
CA LYS C 180 -9.37 -22.97 -10.28
C LYS C 180 -9.80 -21.51 -10.38
N VAL C 181 -9.27 -20.68 -9.48
CA VAL C 181 -9.55 -19.25 -9.50
C VAL C 181 -8.87 -18.61 -10.71
N ILE C 182 -7.64 -19.04 -10.97
CA ILE C 182 -6.83 -18.44 -12.03
C ILE C 182 -6.97 -19.16 -13.37
N ALA C 183 -7.40 -20.42 -13.33
CA ALA C 183 -7.49 -21.25 -14.54
C ALA C 183 -8.46 -20.68 -15.56
N HIS C 184 -9.47 -19.95 -15.08
CA HIS C 184 -10.45 -19.33 -15.96
C HIS C 184 -10.28 -17.81 -15.96
N GLY C 185 -10.64 -17.18 -17.07
CA GLY C 185 -10.65 -15.73 -17.16
C GLY C 185 -9.37 -15.10 -17.66
N HIS C 186 -8.27 -15.85 -17.63
CA HIS C 186 -6.98 -15.34 -18.09
C HIS C 186 -6.59 -15.98 -19.42
N PRO C 187 -6.80 -15.26 -20.53
CA PRO C 187 -6.59 -15.77 -21.89
C PRO C 187 -5.15 -16.20 -22.20
N GLU C 188 -4.17 -15.47 -21.65
CA GLU C 188 -2.76 -15.75 -21.96
C GLU C 188 -2.22 -16.96 -21.22
N LEU C 189 -3.01 -17.48 -20.28
CA LEU C 189 -2.59 -18.59 -19.45
C LEU C 189 -2.35 -19.86 -20.27
N LYS C 190 -1.10 -20.33 -20.26
CA LYS C 190 -0.69 -21.45 -21.10
C LYS C 190 -0.76 -22.79 -20.38
N TYR C 191 -0.48 -22.80 -19.09
CA TYR C 191 -0.35 -24.05 -18.35
C TYR C 191 -0.75 -23.92 -16.88
N VAL C 192 -1.63 -24.80 -16.44
CA VAL C 192 -2.02 -24.88 -15.03
C VAL C 192 -1.96 -26.33 -14.57
N ALA C 193 -1.28 -26.57 -13.45
CA ALA C 193 -1.18 -27.92 -12.91
C ALA C 193 -1.02 -27.90 -11.40
N THR C 194 -1.41 -29.00 -10.77
CA THR C 194 -1.12 -29.21 -9.35
C THR C 194 -0.05 -30.29 -9.23
N ALA C 195 0.73 -30.24 -8.17
CA ALA C 195 1.79 -31.22 -7.96
C ALA C 195 1.98 -31.52 -6.48
N SER C 196 2.80 -32.52 -6.20
CA SER C 196 3.08 -32.94 -4.82
C SER C 196 4.50 -33.48 -4.70
N ILE C 197 5.08 -33.29 -3.52
CA ILE C 197 6.43 -33.80 -3.27
C ILE C 197 6.44 -35.32 -3.16
N GLY C 198 5.26 -35.89 -2.89
CA GLY C 198 5.11 -37.33 -2.83
C GLY C 198 5.41 -37.98 -4.17
N TRP C 199 5.18 -37.23 -5.24
CA TRP C 199 5.53 -37.64 -6.58
C TRP C 199 6.53 -36.65 -7.18
N PRO C 200 7.81 -36.84 -6.87
CA PRO C 200 8.87 -35.89 -7.23
C PRO C 200 9.13 -35.79 -8.74
N VAL C 201 9.14 -36.93 -9.43
CA VAL C 201 9.39 -36.95 -10.86
C VAL C 201 8.27 -36.23 -11.60
N ASP C 202 7.04 -36.45 -11.15
CA ASP C 202 5.88 -35.77 -11.72
C ASP C 202 5.96 -34.27 -11.46
N LEU C 203 6.54 -33.91 -10.31
CA LEU C 203 6.71 -32.51 -9.95
C LEU C 203 7.70 -31.82 -10.88
N MET C 204 8.82 -32.50 -11.14
CA MET C 204 9.88 -31.92 -11.96
C MET C 204 9.49 -31.83 -13.43
N ASN C 205 8.70 -32.78 -13.90
CA ASN C 205 8.22 -32.77 -15.28
C ASN C 205 7.20 -31.66 -15.52
N LYS C 206 6.38 -31.38 -14.52
CA LYS C 206 5.38 -30.32 -14.61
C LYS C 206 6.04 -28.94 -14.57
N VAL C 207 7.10 -28.82 -13.78
CA VAL C 207 7.87 -27.58 -13.72
C VAL C 207 8.50 -27.28 -15.07
N ARG C 208 9.05 -28.31 -15.71
CA ARG C 208 9.71 -28.16 -17.00
C ARG C 208 8.70 -27.90 -18.11
N LYS C 209 7.53 -28.52 -18.02
CA LYS C 209 6.49 -28.32 -19.02
C LYS C 209 6.01 -26.87 -19.01
N GLY C 210 5.90 -26.30 -17.81
CA GLY C 210 5.50 -24.92 -17.66
C GLY C 210 6.55 -23.96 -18.20
N LEU C 211 7.81 -24.27 -17.95
CA LEU C 211 8.92 -23.44 -18.43
C LEU C 211 9.02 -23.47 -19.95
N ASN C 212 8.62 -24.59 -20.55
CA ASN C 212 8.66 -24.73 -22.00
C ASN C 212 7.57 -23.90 -22.69
N GLN C 213 6.53 -23.57 -21.94
CA GLN C 213 5.47 -22.70 -22.43
C GLN C 213 6.05 -21.32 -22.73
N GLU C 214 5.54 -20.67 -23.77
CA GLU C 214 6.07 -19.37 -24.18
C GLU C 214 5.41 -18.24 -23.39
N GLY C 215 4.32 -18.56 -22.72
CA GLY C 215 3.64 -17.59 -21.87
C GLY C 215 3.74 -17.96 -20.41
N PRO C 216 2.82 -17.42 -19.59
CA PRO C 216 2.81 -17.68 -18.15
C PRO C 216 2.31 -19.09 -17.80
N ALA C 217 2.71 -19.58 -16.63
CA ALA C 217 2.27 -20.87 -16.14
C ALA C 217 2.09 -20.83 -14.63
N TYR C 218 1.16 -21.63 -14.11
CA TYR C 218 0.92 -21.68 -12.68
C TYR C 218 0.89 -23.11 -12.16
N ILE C 219 1.74 -23.40 -11.19
CA ILE C 219 1.81 -24.72 -10.60
C ILE C 219 1.58 -24.67 -9.09
N HIS C 220 0.57 -25.39 -8.63
CA HIS C 220 0.23 -25.44 -7.22
C HIS C 220 0.79 -26.72 -6.60
N ILE C 221 1.75 -26.58 -5.70
CA ILE C 221 2.42 -27.74 -5.12
C ILE C 221 2.07 -27.97 -3.66
N HIS C 222 1.54 -29.15 -3.37
CA HIS C 222 1.25 -29.54 -1.99
C HIS C 222 2.55 -29.86 -1.26
N ALA C 223 2.87 -29.06 -0.25
CA ALA C 223 4.10 -29.24 0.51
C ALA C 223 3.82 -29.32 2.01
N PRO C 224 3.57 -30.53 2.51
CA PRO C 224 3.25 -30.79 3.92
C PRO C 224 4.21 -30.13 4.90
N CYS C 225 3.67 -29.55 5.96
CA CYS C 225 4.44 -28.82 6.95
C CYS C 225 4.37 -29.50 8.31
N PRO C 226 5.41 -30.28 8.66
CA PRO C 226 5.44 -31.05 9.91
C PRO C 226 5.30 -30.20 11.16
N LYS C 227 5.74 -28.94 11.08
CA LYS C 227 5.58 -28.02 12.20
C LYS C 227 4.13 -27.58 12.35
N GLY C 228 3.60 -26.96 11.31
CA GLY C 228 2.25 -26.41 11.33
C GLY C 228 1.15 -27.45 11.42
N TRP C 229 1.31 -28.54 10.70
CA TRP C 229 0.31 -29.61 10.69
C TRP C 229 0.47 -30.49 11.92
N GLN C 230 1.65 -30.40 12.54
CA GLN C 230 1.99 -31.14 13.75
C GLN C 230 2.02 -32.65 13.54
N PHE C 231 2.95 -33.11 12.71
CA PHE C 231 3.25 -34.52 12.56
C PHE C 231 4.76 -34.71 12.57
N PRO C 232 5.24 -35.92 12.92
CA PRO C 232 6.69 -36.18 12.98
C PRO C 232 7.43 -35.84 11.70
N ALA C 233 8.67 -35.36 11.83
CA ALA C 233 9.46 -34.87 10.71
C ALA C 233 9.76 -35.94 9.66
N ASP C 234 9.67 -37.21 10.05
CA ASP C 234 9.95 -38.30 9.12
C ASP C 234 8.68 -38.84 8.47
N LYS C 235 7.59 -38.09 8.59
CA LYS C 235 6.30 -38.51 8.05
C LYS C 235 5.84 -37.63 6.89
N THR C 236 6.68 -36.70 6.47
CA THR C 236 6.30 -35.69 5.49
C THR C 236 5.90 -36.28 4.13
N ILE C 237 6.67 -37.25 3.66
CA ILE C 237 6.36 -37.90 2.39
C ILE C 237 5.13 -38.80 2.54
N GLU C 238 5.01 -39.44 3.70
CA GLU C 238 3.83 -40.24 4.03
C GLU C 238 2.57 -39.38 3.99
N MET C 239 2.67 -38.17 4.55
CA MET C 239 1.55 -37.25 4.60
C MET C 239 1.24 -36.71 3.21
N ALA C 240 2.26 -36.58 2.37
CA ALA C 240 2.08 -36.10 1.01
C ALA C 240 1.31 -37.12 0.18
N LYS C 241 1.61 -38.40 0.39
CA LYS C 241 0.96 -39.47 -0.37
C LYS C 241 -0.44 -39.77 0.14
N LEU C 242 -0.66 -39.58 1.43
CA LEU C 242 -1.98 -39.78 2.02
C LEU C 242 -2.95 -38.68 1.57
N ALA C 243 -2.42 -37.50 1.34
CA ALA C 243 -3.24 -36.36 0.91
C ALA C 243 -3.85 -36.61 -0.46
N VAL C 244 -3.06 -37.20 -1.36
CA VAL C 244 -3.54 -37.53 -2.69
C VAL C 244 -4.47 -38.74 -2.65
N GLN C 245 -4.15 -39.69 -1.78
CA GLN C 245 -4.93 -40.92 -1.68
C GLN C 245 -6.28 -40.71 -1.01
N THR C 246 -6.42 -39.64 -0.22
CA THR C 246 -7.67 -39.36 0.46
C THR C 246 -8.49 -38.29 -0.26
N GLY C 247 -7.88 -37.65 -1.24
CA GLY C 247 -8.57 -36.66 -2.04
C GLY C 247 -8.49 -35.25 -1.46
N MET C 248 -7.75 -35.10 -0.36
CA MET C 248 -7.54 -33.79 0.23
C MET C 248 -6.73 -32.90 -0.72
N PHE C 249 -5.97 -33.54 -1.60
CA PHE C 249 -5.27 -32.84 -2.67
C PHE C 249 -5.34 -33.67 -3.95
N GLN C 250 -5.58 -33.01 -5.07
CA GLN C 250 -5.77 -33.71 -6.34
C GLN C 250 -4.70 -33.31 -7.35
N LEU C 251 -4.05 -34.31 -7.93
CA LEU C 251 -2.97 -34.08 -8.90
C LEU C 251 -3.50 -34.11 -10.34
N TYR C 252 -3.35 -32.98 -11.04
CA TYR C 252 -3.82 -32.90 -12.42
C TYR C 252 -3.12 -31.82 -13.23
N GLU C 253 -3.32 -31.89 -14.55
CA GLU C 253 -2.98 -30.80 -15.45
C GLU C 253 -4.28 -30.27 -16.06
N TYR C 254 -4.51 -28.97 -15.92
CA TYR C 254 -5.69 -28.36 -16.53
C TYR C 254 -5.31 -27.64 -17.81
N GLU C 255 -5.63 -28.25 -18.95
CA GLU C 255 -5.33 -27.65 -20.24
C GLU C 255 -6.55 -27.68 -21.16
N ASN C 256 -6.84 -26.53 -21.77
CA ASN C 256 -7.91 -26.41 -22.76
C ASN C 256 -9.30 -26.81 -22.23
N GLY C 257 -9.52 -26.59 -20.94
CA GLY C 257 -10.85 -26.74 -20.38
C GLY C 257 -11.21 -28.10 -19.80
N GLU C 258 -10.23 -28.98 -19.67
CA GLU C 258 -10.48 -30.30 -19.09
C GLU C 258 -9.31 -30.79 -18.24
N TYR C 259 -9.63 -31.43 -17.12
CA TYR C 259 -8.62 -31.93 -16.21
C TYR C 259 -8.02 -33.24 -16.70
N LYS C 260 -6.70 -33.33 -16.67
CA LYS C 260 -5.99 -34.56 -17.00
C LYS C 260 -5.30 -35.11 -15.77
N LEU C 261 -5.89 -36.13 -15.17
CA LEU C 261 -5.37 -36.72 -13.94
C LEU C 261 -3.96 -37.28 -14.14
N SER C 262 -3.06 -36.94 -13.23
CA SER C 262 -1.65 -37.29 -13.36
C SER C 262 -1.32 -38.63 -12.72
N VAL C 263 -2.04 -38.97 -11.65
CA VAL C 263 -1.76 -40.19 -10.90
C VAL C 263 -2.98 -41.10 -10.86
N LYS C 264 -2.77 -42.38 -11.15
CA LYS C 264 -3.85 -43.35 -11.22
C LYS C 264 -4.05 -44.05 -9.87
N VAL C 265 -5.13 -43.69 -9.18
CA VAL C 265 -5.48 -44.33 -7.92
C VAL C 265 -6.84 -45.03 -8.06
N ASP C 266 -6.87 -46.31 -7.73
CA ASP C 266 -8.05 -47.14 -7.96
C ASP C 266 -9.19 -46.84 -7.00
N LYS C 267 -8.87 -46.73 -5.72
CA LYS C 267 -9.87 -46.43 -4.71
C LYS C 267 -9.57 -45.08 -4.03
N ARG C 268 -10.08 -44.91 -2.82
CA ARG C 268 -9.82 -43.69 -2.06
C ARG C 268 -9.99 -43.95 -0.57
N LYS C 269 -9.02 -43.51 0.22
CA LYS C 269 -9.10 -43.64 1.66
C LYS C 269 -9.96 -42.54 2.25
N PRO C 270 -10.71 -42.86 3.31
CA PRO C 270 -11.45 -41.81 4.04
C PRO C 270 -10.49 -40.78 4.60
N VAL C 271 -10.90 -39.52 4.64
CA VAL C 271 -10.05 -38.43 5.10
C VAL C 271 -9.58 -38.64 6.54
N SER C 272 -10.29 -39.48 7.28
CA SER C 272 -9.95 -39.77 8.67
C SER C 272 -8.54 -40.36 8.79
N GLU C 273 -8.17 -41.21 7.83
CA GLU C 273 -6.88 -41.86 7.85
C GLU C 273 -5.75 -40.86 7.57
N TYR C 274 -6.12 -39.71 7.03
CA TYR C 274 -5.18 -38.66 6.72
C TYR C 274 -5.08 -37.65 7.86
N MET C 275 -6.23 -37.33 8.45
CA MET C 275 -6.32 -36.29 9.48
C MET C 275 -5.91 -36.78 10.86
N LYS C 276 -5.98 -38.10 11.08
CA LYS C 276 -5.66 -38.67 12.38
C LYS C 276 -4.18 -38.56 12.71
N LEU C 277 -3.35 -38.35 11.70
CA LEU C 277 -1.91 -38.35 11.88
C LEU C 277 -1.34 -36.96 12.11
N GLN C 278 -2.20 -35.94 12.07
CA GLN C 278 -1.78 -34.57 12.30
C GLN C 278 -2.62 -33.89 13.38
N LYS C 279 -1.95 -33.31 14.37
CA LYS C 279 -2.61 -32.81 15.57
C LYS C 279 -3.35 -31.49 15.36
N ARG C 280 -3.29 -30.94 14.14
CA ARG C 280 -4.06 -29.74 13.83
C ARG C 280 -5.53 -30.09 13.66
N PHE C 281 -5.83 -31.39 13.62
CA PHE C 281 -7.20 -31.88 13.47
C PHE C 281 -7.65 -32.67 14.69
N ALA C 282 -6.79 -32.75 15.70
CA ALA C 282 -7.04 -33.59 16.88
C ALA C 282 -8.26 -33.14 17.68
N HIS C 283 -8.65 -31.88 17.53
CA HIS C 283 -9.76 -31.32 18.28
C HIS C 283 -11.12 -31.59 17.63
N LEU C 284 -11.09 -32.17 16.44
CA LEU C 284 -12.31 -32.32 15.64
C LEU C 284 -13.15 -33.54 16.05
N LYS C 285 -14.47 -33.39 15.89
CA LYS C 285 -15.42 -34.46 16.17
C LYS C 285 -15.78 -35.18 14.87
N PRO C 286 -16.33 -36.41 14.98
CA PRO C 286 -16.75 -37.16 13.78
C PRO C 286 -17.72 -36.40 12.88
N GLU C 287 -18.49 -35.47 13.44
CA GLU C 287 -19.40 -34.66 12.65
C GLU C 287 -18.63 -33.63 11.83
N HIS C 288 -17.52 -33.17 12.38
CA HIS C 288 -16.62 -32.27 11.66
C HIS C 288 -15.90 -33.02 10.55
N ILE C 289 -15.53 -34.27 10.84
CA ILE C 289 -14.88 -35.13 9.85
C ILE C 289 -15.80 -35.37 8.66
N ALA C 290 -17.09 -35.53 8.95
CA ALA C 290 -18.09 -35.76 7.91
C ALA C 290 -18.20 -34.55 6.98
N LYS C 291 -18.16 -33.35 7.55
CA LYS C 291 -18.22 -32.13 6.76
C LYS C 291 -17.00 -32.01 5.84
N MET C 292 -15.86 -32.50 6.32
CA MET C 292 -14.65 -32.53 5.52
C MET C 292 -14.76 -33.55 4.41
N GLN C 293 -15.26 -34.73 4.74
CA GLN C 293 -15.42 -35.83 3.78
C GLN C 293 -16.33 -35.42 2.63
N ALA C 294 -17.42 -34.71 2.94
CA ALA C 294 -18.36 -34.26 1.92
C ALA C 294 -17.73 -33.19 1.02
N PHE C 295 -16.96 -32.29 1.62
CA PHE C 295 -16.30 -31.23 0.88
C PHE C 295 -15.26 -31.79 -0.10
N VAL C 296 -14.54 -32.82 0.35
CA VAL C 296 -13.54 -33.47 -0.49
C VAL C 296 -14.17 -34.21 -1.66
N ASP C 297 -15.27 -34.92 -1.38
CA ASP C 297 -15.98 -35.67 -2.41
C ASP C 297 -16.46 -34.74 -3.54
N ALA C 298 -16.91 -33.55 -3.16
CA ALA C 298 -17.33 -32.55 -4.14
C ALA C 298 -16.12 -32.06 -4.94
N ARG C 299 -15.00 -31.89 -4.24
CA ARG C 299 -13.76 -31.46 -4.88
C ARG C 299 -13.25 -32.48 -5.89
N CYS C 300 -13.29 -33.75 -5.51
CA CYS C 300 -12.80 -34.82 -6.38
C CYS C 300 -13.67 -34.98 -7.62
N ALA C 301 -14.98 -34.80 -7.45
CA ALA C 301 -15.91 -34.91 -8.56
C ALA C 301 -15.72 -33.76 -9.55
N GLU C 302 -15.31 -32.61 -9.03
CA GLU C 302 -15.12 -31.43 -9.85
C GLU C 302 -13.97 -31.62 -10.85
N VAL C 303 -12.97 -32.41 -10.47
CA VAL C 303 -11.83 -32.67 -11.33
C VAL C 303 -11.93 -34.03 -12.01
N GLY C 304 -12.98 -34.78 -11.69
CA GLY C 304 -13.28 -36.02 -12.38
C GLY C 304 -12.86 -37.29 -11.67
N ILE C 305 -12.44 -37.17 -10.41
CA ILE C 305 -12.10 -38.34 -9.60
C ILE C 305 -13.37 -39.03 -9.12
N THR C 306 -13.73 -40.14 -9.78
CA THR C 306 -14.98 -40.82 -9.51
C THR C 306 -14.78 -42.22 -8.94
N VAL C 307 -13.79 -42.36 -8.07
CA VAL C 307 -13.49 -43.64 -7.45
C VAL C 307 -14.17 -43.75 -6.08
N PRO C 308 -14.50 -44.98 -5.66
CA PRO C 308 -15.17 -45.16 -4.36
C PRO C 308 -14.26 -44.86 -3.17
N VAL C 309 -14.85 -44.37 -2.08
CA VAL C 309 -14.10 -44.15 -0.84
C VAL C 309 -14.13 -45.42 0.00
N VAL C 310 -13.00 -46.11 0.05
CA VAL C 310 -12.91 -47.40 0.73
C VAL C 310 -11.97 -47.34 1.94
N ALA C 311 -12.48 -47.77 3.09
CA ALA C 311 -11.68 -47.78 4.32
C ALA C 311 -10.54 -48.79 4.21
N SER C 312 -9.48 -48.56 4.97
CA SER C 312 -8.31 -49.44 4.97
C SER C 312 -8.49 -50.59 5.96
N LYS D 3 15.06 22.98 -29.26
CA LYS D 3 13.76 23.22 -29.87
C LYS D 3 12.73 23.60 -28.81
N VAL D 4 12.28 24.84 -28.84
CA VAL D 4 11.36 25.36 -27.83
C VAL D 4 9.90 25.15 -28.22
N ARG D 5 9.20 24.35 -27.42
CA ARG D 5 7.77 24.13 -27.62
C ARG D 5 6.99 24.53 -26.38
N ASN D 6 5.73 24.91 -26.56
CA ASN D 6 4.84 25.17 -25.44
C ASN D 6 4.11 23.91 -25.01
N ILE D 7 4.66 23.22 -24.02
CA ILE D 7 4.10 21.95 -23.58
C ILE D 7 3.82 21.91 -22.08
N SER D 8 2.99 20.96 -21.67
CA SER D 8 2.69 20.76 -20.26
C SER D 8 3.90 20.14 -19.55
N GLY D 9 3.85 20.13 -18.23
CA GLY D 9 4.91 19.50 -17.46
C GLY D 9 4.93 18.00 -17.68
N CYS D 10 3.75 17.43 -17.89
CA CYS D 10 3.61 16.01 -18.17
C CYS D 10 4.42 15.61 -19.41
N VAL D 11 4.20 16.34 -20.50
CA VAL D 11 4.89 16.06 -21.75
C VAL D 11 6.38 16.33 -21.62
N ALA D 12 6.73 17.33 -20.82
CA ALA D 12 8.13 17.66 -20.57
C ALA D 12 8.86 16.48 -19.95
N VAL D 13 8.25 15.86 -18.95
CA VAL D 13 8.81 14.69 -18.28
C VAL D 13 8.98 13.53 -19.26
N ALA D 14 7.98 13.34 -20.11
CA ALA D 14 7.98 12.26 -21.09
C ALA D 14 9.18 12.34 -22.02
N HIS D 15 9.48 13.54 -22.49
CA HIS D 15 10.65 13.74 -23.35
C HIS D 15 11.94 13.44 -22.60
N GLY D 16 11.98 13.78 -21.32
CA GLY D 16 13.12 13.47 -20.48
C GLY D 16 13.33 11.97 -20.36
N VAL D 17 12.23 11.25 -20.15
CA VAL D 17 12.25 9.79 -20.12
C VAL D 17 12.70 9.24 -21.47
N ARG D 18 12.12 9.79 -22.53
CA ARG D 18 12.45 9.39 -23.89
C ARG D 18 13.93 9.63 -24.20
N LEU D 19 14.44 10.78 -23.76
CA LEU D 19 15.85 11.11 -23.96
C LEU D 19 16.76 10.22 -23.11
N ALA D 20 16.20 9.65 -22.05
CA ALA D 20 16.96 8.79 -21.15
C ALA D 20 17.07 7.36 -21.70
N ASP D 21 16.31 7.08 -22.75
CA ASP D 21 16.24 5.75 -23.35
C ASP D 21 15.93 4.69 -22.29
N VAL D 22 14.91 4.98 -21.47
CA VAL D 22 14.47 4.07 -20.43
C VAL D 22 14.02 2.74 -21.03
N ASP D 23 14.42 1.63 -20.42
CA ASP D 23 14.17 0.31 -20.98
C ASP D 23 12.84 -0.29 -20.53
N VAL D 24 12.40 0.06 -19.32
CA VAL D 24 11.13 -0.46 -18.79
C VAL D 24 10.31 0.64 -18.15
N ILE D 25 9.03 0.70 -18.52
CA ILE D 25 8.08 1.64 -17.92
C ILE D 25 6.87 0.89 -17.41
N CYS D 26 6.38 1.27 -16.23
CA CYS D 26 5.14 0.69 -15.72
C CYS D 26 4.09 1.77 -15.48
N SER D 27 2.97 1.67 -16.17
CA SER D 27 1.95 2.71 -16.14
C SER D 27 0.78 2.36 -15.24
N TYR D 28 0.05 3.41 -14.85
CA TYR D 28 -1.24 3.30 -14.17
C TYR D 28 -1.83 4.70 -14.10
N PRO D 29 -3.15 4.82 -14.27
CA PRO D 29 -3.73 6.16 -14.35
C PRO D 29 -4.15 6.77 -13.01
N ILE D 30 -3.76 8.02 -12.80
CA ILE D 30 -4.30 8.83 -11.70
C ILE D 30 -3.99 10.31 -11.96
N ARG D 31 -5.02 11.13 -11.84
CA ARG D 31 -4.88 12.57 -11.99
C ARG D 31 -3.98 13.10 -10.88
N PRO D 32 -3.06 14.02 -11.20
CA PRO D 32 -2.82 14.65 -12.51
C PRO D 32 -1.54 14.20 -13.22
N TYR D 33 -1.01 13.02 -12.90
CA TYR D 33 0.22 12.57 -13.55
C TYR D 33 -0.07 11.75 -14.81
N THR D 34 -1.33 11.35 -14.99
CA THR D 34 -1.76 10.45 -16.06
C THR D 34 -1.20 10.81 -17.43
N GLY D 35 -1.16 12.10 -17.74
CA GLY D 35 -0.68 12.59 -19.02
C GLY D 35 0.75 12.17 -19.34
N ILE D 36 1.55 11.97 -18.30
CA ILE D 36 2.93 11.51 -18.49
C ILE D 36 2.96 10.15 -19.17
N MET D 37 2.16 9.21 -18.65
CA MET D 37 2.12 7.87 -19.20
C MET D 37 1.44 7.82 -20.56
N SER D 38 0.41 8.64 -20.75
CA SER D 38 -0.28 8.74 -22.02
C SER D 38 0.69 9.11 -23.14
N GLU D 39 1.52 10.12 -22.87
CA GLU D 39 2.51 10.56 -23.84
C GLU D 39 3.56 9.48 -24.07
N LEU D 40 4.00 8.83 -22.99
CA LEU D 40 4.94 7.73 -23.08
C LEU D 40 4.34 6.57 -23.87
N ALA D 41 3.05 6.31 -23.64
CA ALA D 41 2.35 5.25 -24.36
C ALA D 41 2.33 5.52 -25.85
N ARG D 42 2.12 6.78 -26.22
CA ARG D 42 2.10 7.18 -27.62
C ARG D 42 3.49 7.10 -28.23
N MET D 43 4.51 7.45 -27.45
CA MET D 43 5.89 7.42 -27.91
C MET D 43 6.34 6.00 -28.24
N VAL D 44 5.89 5.04 -27.42
CA VAL D 44 6.20 3.64 -27.65
C VAL D 44 5.43 3.11 -28.86
N ALA D 45 4.19 3.58 -29.01
CA ALA D 45 3.35 3.17 -30.12
C ALA D 45 3.86 3.71 -31.46
N ASP D 46 4.43 4.91 -31.43
CA ASP D 46 4.93 5.55 -32.64
C ASP D 46 6.38 5.20 -32.94
N GLY D 47 7.00 4.45 -32.03
CA GLY D 47 8.39 4.07 -32.20
C GLY D 47 9.34 5.21 -31.93
N GLU D 48 8.89 6.15 -31.09
CA GLU D 48 9.74 7.25 -30.67
C GLU D 48 10.65 6.79 -29.52
N LEU D 49 10.29 5.65 -28.94
CA LEU D 49 11.06 5.06 -27.85
C LEU D 49 10.89 3.55 -27.82
N ASP D 50 12.01 2.83 -27.71
CA ASP D 50 11.96 1.38 -27.59
C ASP D 50 12.04 1.00 -26.12
N ALA D 51 10.91 0.56 -25.57
CA ALA D 51 10.84 0.16 -24.17
C ALA D 51 9.69 -0.79 -23.93
N GLU D 52 9.75 -1.52 -22.82
CA GLU D 52 8.64 -2.38 -22.43
C GLU D 52 7.65 -1.56 -21.62
N PHE D 53 6.45 -1.38 -22.18
CA PHE D 53 5.43 -0.57 -21.53
C PHE D 53 4.46 -1.48 -20.76
N VAL D 54 4.73 -1.65 -19.47
CA VAL D 54 3.95 -2.58 -18.65
C VAL D 54 2.72 -1.91 -18.04
N HIS D 55 1.57 -2.51 -18.28
CA HIS D 55 0.32 -2.02 -17.70
C HIS D 55 0.16 -2.57 -16.29
N GLY D 56 0.65 -1.81 -15.31
CA GLY D 56 0.53 -2.21 -13.92
C GLY D 56 -0.92 -2.25 -13.47
N GLU D 57 -1.23 -3.12 -12.53
CA GLU D 57 -2.59 -3.24 -12.02
C GLU D 57 -2.81 -2.28 -10.87
N GLY D 58 -1.81 -1.47 -10.58
CA GLY D 58 -1.88 -0.51 -9.49
C GLY D 58 -0.52 0.09 -9.18
N GLU D 59 -0.49 1.09 -8.32
CA GLU D 59 0.75 1.78 -7.99
C GLU D 59 1.73 0.90 -7.23
N HIS D 60 1.21 0.07 -6.34
CA HIS D 60 2.05 -0.85 -5.58
C HIS D 60 2.78 -1.78 -6.54
N ALA D 61 2.07 -2.26 -7.54
CA ALA D 61 2.66 -3.13 -8.56
C ALA D 61 3.62 -2.35 -9.45
N GLN D 62 3.29 -1.10 -9.74
CA GLN D 62 4.14 -0.22 -10.54
C GLN D 62 5.57 -0.20 -10.00
N LEU D 63 5.70 0.12 -8.72
CA LEU D 63 7.00 0.18 -8.08
C LEU D 63 7.62 -1.22 -7.99
N SER D 64 6.78 -2.23 -7.85
CA SER D 64 7.24 -3.61 -7.75
C SER D 64 7.83 -4.10 -9.07
N VAL D 65 7.09 -3.89 -10.15
CA VAL D 65 7.58 -4.19 -11.50
C VAL D 65 8.89 -3.47 -11.73
N VAL D 66 8.88 -2.18 -11.42
CA VAL D 66 10.03 -1.31 -11.61
C VAL D 66 11.19 -1.72 -10.69
N TYR D 67 10.85 -2.38 -9.58
CA TYR D 67 11.84 -2.87 -8.62
C TYR D 67 12.60 -4.05 -9.19
N GLY D 68 11.88 -4.99 -9.79
CA GLY D 68 12.48 -6.18 -10.37
C GLY D 68 13.27 -5.88 -11.63
N ALA D 69 12.73 -5.01 -12.47
CA ALA D 69 13.38 -4.65 -13.72
C ALA D 69 14.72 -3.96 -13.48
N SER D 70 14.76 -3.10 -12.46
CA SER D 70 15.98 -2.38 -12.11
C SER D 70 17.03 -3.35 -11.57
N ALA D 71 16.55 -4.37 -10.84
CA ALA D 71 17.45 -5.39 -10.31
C ALA D 71 17.97 -6.28 -11.42
N ALA D 72 17.28 -6.27 -12.56
CA ALA D 72 17.70 -7.03 -13.72
C ALA D 72 18.59 -6.19 -14.64
N GLY D 73 18.95 -5.00 -14.17
CA GLY D 73 19.91 -4.16 -14.86
C GLY D 73 19.33 -3.22 -15.90
N ALA D 74 18.02 -2.99 -15.83
CA ALA D 74 17.36 -2.10 -16.78
C ALA D 74 17.15 -0.72 -16.19
N ARG D 75 17.30 0.31 -17.01
CA ARG D 75 16.92 1.66 -16.61
C ARG D 75 15.41 1.74 -16.65
N VAL D 76 14.81 2.20 -15.55
CA VAL D 76 13.37 2.09 -15.39
C VAL D 76 12.71 3.43 -15.06
N PHE D 77 11.41 3.51 -15.30
CA PHE D 77 10.65 4.71 -14.98
C PHE D 77 9.21 4.38 -14.60
N THR D 78 8.67 5.13 -13.64
CA THR D 78 7.28 5.03 -13.25
C THR D 78 6.87 6.33 -12.57
N GLY D 79 5.61 6.43 -12.15
CA GLY D 79 5.15 7.62 -11.48
C GLY D 79 3.75 7.49 -10.91
N SER D 80 3.35 8.48 -10.11
CA SER D 80 2.00 8.50 -9.54
C SER D 80 1.62 9.83 -8.91
N SER D 81 0.48 9.84 -8.23
CA SER D 81 -0.04 11.04 -7.58
C SER D 81 -0.88 10.66 -6.36
N GLY D 82 -0.93 11.56 -5.39
CA GLY D 82 -1.80 11.42 -4.23
C GLY D 82 -1.79 10.08 -3.54
N VAL D 83 -2.98 9.48 -3.42
CA VAL D 83 -3.14 8.19 -2.75
C VAL D 83 -2.43 7.07 -3.49
N GLY D 84 -2.01 7.34 -4.72
CA GLY D 84 -1.24 6.38 -5.48
C GLY D 84 0.16 6.25 -4.92
N VAL D 85 0.72 7.38 -4.51
CA VAL D 85 2.05 7.41 -3.92
C VAL D 85 2.08 6.64 -2.60
N THR D 86 1.01 6.77 -1.82
CA THR D 86 0.92 6.12 -0.52
C THR D 86 0.53 4.65 -0.64
N TYR D 87 -0.14 4.29 -1.73
CA TYR D 87 -0.52 2.90 -1.96
C TYR D 87 0.72 2.06 -2.27
N ALA D 88 1.74 2.70 -2.81
CA ALA D 88 2.97 2.01 -3.18
C ALA D 88 4.03 2.10 -2.10
N MET D 89 3.65 2.67 -0.96
CA MET D 89 4.59 2.99 0.12
C MET D 89 5.48 1.82 0.57
N GLU D 90 4.96 0.60 0.47
CA GLU D 90 5.68 -0.57 0.96
C GLU D 90 6.94 -0.87 0.15
N VAL D 91 6.96 -0.46 -1.11
CA VAL D 91 8.03 -0.86 -2.03
C VAL D 91 9.22 0.10 -2.03
N TYR D 92 8.99 1.33 -1.56
CA TYR D 92 10.00 2.38 -1.62
C TYR D 92 11.31 2.02 -0.91
N SER D 93 11.21 1.58 0.35
CA SER D 93 12.40 1.22 1.10
C SER D 93 13.11 -0.01 0.52
N PRO D 94 12.36 -1.08 0.15
CA PRO D 94 13.01 -2.18 -0.58
C PRO D 94 13.83 -1.72 -1.79
N ILE D 95 13.31 -0.75 -2.54
CA ILE D 95 14.02 -0.22 -3.69
C ILE D 95 15.30 0.51 -3.25
N SER D 96 15.17 1.36 -2.25
CA SER D 96 16.30 2.13 -1.74
C SER D 96 17.37 1.24 -1.10
N GLY D 97 16.93 0.32 -0.25
CA GLY D 97 17.85 -0.54 0.46
C GLY D 97 18.58 -1.52 -0.43
N GLU D 98 17.96 -1.91 -1.54
CA GLU D 98 18.61 -2.77 -2.51
C GLU D 98 19.36 -1.92 -3.54
N ARG D 99 19.42 -0.61 -3.27
CA ARG D 99 20.21 0.32 -4.06
C ARG D 99 19.85 0.28 -5.54
N LEU D 100 18.56 0.32 -5.83
CA LEU D 100 18.08 0.35 -7.21
C LEU D 100 17.67 1.77 -7.59
N PRO D 101 18.40 2.38 -8.53
CA PRO D 101 18.18 3.79 -8.89
C PRO D 101 16.92 4.01 -9.72
N VAL D 102 15.79 3.55 -9.17
CA VAL D 102 14.49 3.78 -9.77
C VAL D 102 14.13 5.26 -9.75
N GLN D 103 13.62 5.79 -10.86
CA GLN D 103 13.06 7.14 -10.82
C GLN D 103 11.54 7.08 -10.81
N MET D 104 10.95 7.76 -9.83
CA MET D 104 9.50 7.90 -9.76
C MET D 104 9.10 9.36 -9.88
N ALA D 105 8.38 9.69 -10.94
CA ALA D 105 7.87 11.04 -11.12
C ALA D 105 6.60 11.22 -10.28
N ILE D 106 6.52 12.32 -9.55
CA ILE D 106 5.33 12.59 -8.75
C ILE D 106 4.71 13.94 -9.12
N ALA D 107 3.55 13.89 -9.77
CA ALA D 107 2.74 15.07 -9.95
C ALA D 107 1.79 15.17 -8.77
N ASP D 108 2.11 16.08 -7.85
CA ASP D 108 1.48 16.11 -6.53
C ASP D 108 -0.03 16.25 -6.56
N ARG D 109 -0.68 15.67 -5.55
CA ARG D 109 -2.13 15.73 -5.40
C ARG D 109 -2.51 15.46 -3.94
N THR D 110 -3.52 16.19 -3.46
CA THR D 110 -4.04 16.00 -2.11
C THR D 110 -4.49 14.56 -1.86
N LEU D 111 -4.09 14.00 -0.73
CA LEU D 111 -4.54 12.68 -0.33
C LEU D 111 -6.02 12.71 0.05
N ASP D 112 -6.69 11.57 -0.07
CA ASP D 112 -8.04 11.43 0.46
C ASP D 112 -7.98 11.61 1.97
N PRO D 113 -9.09 12.00 2.60
CA PRO D 113 -10.42 12.27 2.05
C PRO D 113 -10.80 13.76 2.12
N PRO D 114 -11.77 14.17 1.31
CA PRO D 114 -12.35 13.31 0.27
C PRO D 114 -11.54 13.41 -1.02
N GLY D 115 -12.10 12.92 -2.12
CA GLY D 115 -11.43 13.02 -3.40
C GLY D 115 -11.18 14.47 -3.77
N ASP D 116 -9.92 14.78 -4.06
CA ASP D 116 -9.53 16.13 -4.46
C ASP D 116 -8.38 16.07 -5.44
N PHE D 117 -8.59 16.61 -6.63
CA PHE D 117 -7.59 16.56 -7.70
C PHE D 117 -6.57 17.68 -7.56
N GLY D 118 -6.84 18.64 -6.68
CA GLY D 118 -5.90 19.71 -6.39
C GLY D 118 -4.62 19.18 -5.78
N GLU D 119 -3.55 19.96 -5.88
CA GLU D 119 -2.24 19.47 -5.46
C GLU D 119 -1.83 19.93 -4.06
N GLU D 120 -1.15 19.01 -3.36
CA GLU D 120 -0.44 19.32 -2.13
C GLU D 120 0.86 18.53 -2.15
N HIS D 121 1.89 19.04 -1.48
CA HIS D 121 3.17 18.35 -1.44
C HIS D 121 3.15 17.22 -0.42
N THR D 122 2.01 17.05 0.25
CA THR D 122 1.85 16.07 1.31
C THR D 122 2.18 14.64 0.87
N ASP D 123 1.75 14.28 -0.34
CA ASP D 123 1.89 12.91 -0.83
C ASP D 123 3.36 12.48 -0.95
N ALA D 124 4.18 13.32 -1.58
CA ALA D 124 5.59 13.00 -1.77
C ALA D 124 6.37 13.11 -0.46
N GLU D 125 5.89 13.97 0.44
CA GLU D 125 6.57 14.21 1.71
C GLU D 125 6.37 13.08 2.71
N CYS D 126 5.44 12.19 2.44
CA CYS D 126 5.26 11.01 3.27
C CYS D 126 6.45 10.06 3.09
N CYS D 127 7.14 10.23 1.97
CA CYS D 127 8.24 9.33 1.60
C CYS D 127 9.61 9.91 1.93
N ARG D 128 9.65 10.93 2.77
CA ARG D 128 10.91 11.65 3.01
C ARG D 128 11.92 10.83 3.80
N ASP D 129 11.47 9.80 4.52
CA ASP D 129 12.36 8.95 5.30
C ASP D 129 12.88 7.76 4.49
N GLN D 130 12.30 7.55 3.31
CA GLN D 130 12.50 6.31 2.56
C GLN D 130 13.90 6.13 2.00
N GLY D 131 14.68 7.21 1.93
CA GLY D 131 16.05 7.11 1.46
C GLY D 131 16.19 7.31 -0.04
N TRP D 132 15.39 8.23 -0.58
CA TRP D 132 15.47 8.56 -2.00
C TRP D 132 16.03 9.95 -2.22
N ILE D 133 16.48 10.21 -3.44
CA ILE D 133 16.82 11.57 -3.86
C ILE D 133 15.52 12.27 -4.23
N GLN D 134 15.30 13.46 -3.68
CA GLN D 134 14.01 14.12 -3.83
C GLN D 134 14.14 15.62 -4.09
N GLY D 135 13.32 16.12 -5.01
CA GLY D 135 13.30 17.53 -5.34
C GLY D 135 12.08 17.95 -6.13
N TRP D 136 11.73 19.23 -6.06
CA TRP D 136 10.56 19.76 -6.73
C TRP D 136 10.92 20.67 -7.90
N ALA D 137 10.32 20.41 -9.05
CA ALA D 137 10.47 21.30 -10.19
C ALA D 137 9.36 22.35 -10.16
N SER D 138 9.70 23.59 -10.49
CA SER D 138 8.75 24.69 -10.41
C SER D 138 8.22 25.08 -11.80
N THR D 139 8.85 24.56 -12.84
CA THR D 139 8.45 24.84 -14.22
C THR D 139 8.49 23.56 -15.05
N PRO D 140 7.77 23.55 -16.18
CA PRO D 140 7.86 22.41 -17.11
C PRO D 140 9.29 22.18 -17.61
N GLN D 141 10.05 23.25 -17.76
CA GLN D 141 11.43 23.14 -18.22
C GLN D 141 12.30 22.37 -17.22
N GLU D 142 12.04 22.59 -15.94
CA GLU D 142 12.83 21.97 -14.88
C GLU D 142 12.39 20.52 -14.65
N ALA D 143 11.14 20.23 -14.96
CA ALA D 143 10.63 18.86 -14.83
C ALA D 143 11.37 17.93 -15.78
N LEU D 144 11.67 18.43 -16.98
CA LEU D 144 12.46 17.68 -17.94
C LEU D 144 13.91 17.59 -17.47
N ASP D 145 14.46 18.73 -17.06
CA ASP D 145 15.87 18.81 -16.64
C ASP D 145 16.16 17.93 -15.42
N ASN D 146 15.26 17.95 -14.43
CA ASN D 146 15.42 17.12 -13.25
C ASN D 146 15.36 15.63 -13.57
N THR D 147 14.60 15.28 -14.60
CA THR D 147 14.50 13.90 -15.03
C THR D 147 15.87 13.39 -15.49
N LEU D 148 16.58 14.22 -16.24
CA LEU D 148 17.91 13.85 -16.72
C LEU D 148 18.94 13.87 -15.60
N ILE D 149 18.90 14.92 -14.78
CA ILE D 149 19.86 15.09 -13.70
C ILE D 149 19.78 13.96 -12.67
N TYR D 150 18.57 13.58 -12.30
CA TYR D 150 18.38 12.58 -11.26
C TYR D 150 18.78 11.17 -11.72
N TYR D 151 18.62 10.89 -13.01
CA TYR D 151 19.10 9.63 -13.56
C TYR D 151 20.62 9.59 -13.50
N ARG D 152 21.24 10.74 -13.74
CA ARG D 152 22.69 10.88 -13.69
C ARG D 152 23.22 10.70 -12.27
N VAL D 153 22.64 11.45 -11.33
CA VAL D 153 23.06 11.39 -9.93
C VAL D 153 22.68 10.06 -9.29
N GLY D 154 21.43 9.64 -9.53
CA GLY D 154 20.91 8.42 -8.94
C GLY D 154 21.67 7.17 -9.35
N GLU D 155 21.89 7.01 -10.65
CA GLU D 155 22.55 5.81 -11.17
C GLU D 155 24.07 5.84 -11.00
N ASP D 156 24.58 6.92 -10.41
CA ASP D 156 26.01 7.05 -10.16
C ASP D 156 26.47 5.95 -9.21
N GLN D 157 27.56 5.27 -9.55
CA GLN D 157 28.03 4.11 -8.80
C GLN D 157 28.46 4.47 -7.37
N ARG D 158 28.68 5.75 -7.12
CA ARG D 158 28.98 6.22 -5.77
C ARG D 158 27.68 6.40 -4.98
N VAL D 159 26.56 6.40 -5.69
CA VAL D 159 25.26 6.66 -5.09
C VAL D 159 24.36 5.44 -5.16
N LEU D 160 23.89 5.13 -6.36
CA LEU D 160 22.96 4.02 -6.60
C LEU D 160 21.74 4.12 -5.69
N LEU D 161 21.01 5.23 -5.83
CA LEU D 161 19.80 5.46 -5.03
C LEU D 161 18.64 5.87 -5.92
N PRO D 162 17.42 5.44 -5.56
CA PRO D 162 16.22 5.83 -6.30
C PRO D 162 15.90 7.31 -6.13
N GLN D 163 15.12 7.88 -7.05
CA GLN D 163 14.84 9.31 -7.01
C GLN D 163 13.36 9.64 -7.18
N TYR D 164 12.90 10.65 -6.45
CA TYR D 164 11.57 11.22 -6.66
C TYR D 164 11.67 12.51 -7.47
N ALA D 165 11.24 12.46 -8.72
CA ALA D 165 11.17 13.68 -9.53
C ALA D 165 9.80 14.33 -9.35
N CYS D 166 9.71 15.28 -8.42
CA CYS D 166 8.43 15.88 -8.07
C CYS D 166 8.13 17.13 -8.90
N LEU D 167 6.84 17.35 -9.15
CA LEU D 167 6.38 18.55 -9.81
C LEU D 167 4.96 18.86 -9.35
N ASP D 168 4.68 20.14 -9.12
CA ASP D 168 3.37 20.58 -8.64
C ASP D 168 2.25 20.11 -9.56
N GLY D 169 1.23 19.49 -8.97
CA GLY D 169 0.07 19.03 -9.73
C GLY D 169 -0.61 20.20 -10.44
N TYR D 170 -1.15 19.92 -11.62
CA TYR D 170 -1.81 20.92 -12.45
C TYR D 170 -0.90 22.10 -12.83
N PHE D 171 -0.47 22.86 -11.84
CA PHE D 171 0.28 24.10 -12.07
C PHE D 171 1.52 23.88 -12.94
N VAL D 172 2.17 22.75 -12.75
CA VAL D 172 3.30 22.39 -13.60
C VAL D 172 2.88 21.30 -14.59
N SER D 173 2.18 20.29 -14.08
CA SER D 173 1.85 19.10 -14.87
C SER D 173 0.91 19.38 -16.04
N HIS D 174 -0.03 20.30 -15.87
CA HIS D 174 -1.05 20.56 -16.89
C HIS D 174 -0.83 21.84 -17.66
N ILE D 175 -0.67 22.95 -16.95
CA ILE D 175 -0.47 24.26 -17.57
C ILE D 175 0.71 24.24 -18.53
N LEU D 176 0.50 24.74 -19.74
CA LEU D 176 1.54 24.75 -20.77
C LEU D 176 2.60 25.81 -20.48
N GLY D 177 3.84 25.48 -20.82
CA GLY D 177 4.95 26.40 -20.64
C GLY D 177 6.04 26.16 -21.67
N PRO D 178 6.83 27.19 -21.96
CA PRO D 178 7.95 27.08 -22.91
C PRO D 178 9.04 26.14 -22.41
N VAL D 179 9.36 25.12 -23.21
CA VAL D 179 10.37 24.14 -22.83
C VAL D 179 11.39 23.92 -23.93
N ASP D 180 12.67 24.07 -23.59
CA ASP D 180 13.76 23.73 -24.50
C ASP D 180 14.06 22.23 -24.40
N ILE D 181 13.62 21.48 -25.40
CA ILE D 181 13.86 20.04 -25.43
C ILE D 181 15.26 19.73 -25.95
N PRO D 182 16.09 19.09 -25.11
CA PRO D 182 17.47 18.74 -25.44
C PRO D 182 17.60 17.80 -26.63
N ASP D 183 18.74 17.82 -27.29
CA ASP D 183 19.01 16.94 -28.42
C ASP D 183 19.52 15.60 -27.91
N GLU D 184 19.37 14.56 -28.73
CA GLU D 184 19.81 13.22 -28.37
C GLU D 184 21.32 13.14 -28.18
N ALA D 185 22.04 14.12 -28.73
CA ALA D 185 23.49 14.16 -28.63
C ALA D 185 23.95 14.67 -27.27
N GLN D 186 23.24 15.65 -26.73
CA GLN D 186 23.58 16.24 -25.44
C GLN D 186 23.45 15.24 -24.30
N VAL D 187 22.35 14.48 -24.31
CA VAL D 187 22.05 13.52 -23.25
C VAL D 187 23.03 12.35 -23.28
N LYS D 188 23.48 11.98 -24.48
CA LYS D 188 24.44 10.89 -24.63
C LYS D 188 25.78 11.26 -23.99
N GLU D 189 26.08 12.56 -23.96
CA GLU D 189 27.30 13.04 -23.34
C GLU D 189 27.10 13.23 -21.84
N PHE D 190 25.85 13.38 -21.42
CA PHE D 190 25.53 13.70 -20.03
C PHE D 190 25.13 12.47 -19.21
N LEU D 191 24.41 11.55 -19.83
CA LEU D 191 23.86 10.40 -19.11
C LEU D 191 24.48 9.08 -19.55
N PRO D 192 25.40 8.53 -18.72
CA PRO D 192 26.04 7.25 -19.00
C PRO D 192 25.09 6.07 -18.74
N PRO D 193 25.36 4.91 -19.36
CA PRO D 193 24.53 3.72 -19.18
C PRO D 193 24.44 3.26 -17.73
N TYR D 194 23.30 2.70 -17.36
CA TYR D 194 23.06 2.22 -15.99
C TYR D 194 23.79 0.91 -15.72
N LYS D 195 24.78 0.96 -14.83
CA LYS D 195 25.52 -0.22 -14.40
C LYS D 195 25.55 -0.29 -12.88
N ASN D 196 24.86 -1.29 -12.32
CA ASN D 196 24.77 -1.43 -10.87
C ASN D 196 25.86 -2.34 -10.32
N HIS D 197 26.02 -2.37 -9.00
CA HIS D 197 27.00 -3.22 -8.36
C HIS D 197 26.46 -4.64 -8.14
N HIS D 198 25.15 -4.80 -8.32
CA HIS D 198 24.55 -6.12 -8.32
C HIS D 198 23.44 -6.18 -9.37
N VAL D 199 23.21 -7.38 -9.88
CA VAL D 199 22.22 -7.58 -10.94
C VAL D 199 21.84 -9.07 -11.03
N LEU D 200 20.63 -9.37 -11.49
CA LEU D 200 20.20 -10.76 -11.62
C LEU D 200 20.65 -11.32 -12.97
N ASP D 201 21.63 -12.22 -12.93
CA ASP D 201 22.25 -12.78 -14.13
C ASP D 201 22.77 -14.17 -13.83
N PRO D 202 22.18 -15.20 -14.47
CA PRO D 202 22.55 -16.60 -14.29
C PRO D 202 24.03 -16.92 -14.52
N ARG D 203 24.74 -16.02 -15.18
CA ARG D 203 26.16 -16.22 -15.47
C ARG D 203 27.03 -15.71 -14.33
N LYS D 204 26.51 -14.77 -13.55
CA LYS D 204 27.13 -14.36 -12.29
C LYS D 204 26.08 -14.33 -11.19
N PRO D 205 25.67 -15.51 -10.70
CA PRO D 205 24.53 -15.64 -9.79
C PRO D 205 24.75 -14.98 -8.43
N GLN D 206 23.78 -14.17 -8.00
CA GLN D 206 23.86 -13.48 -6.71
C GLN D 206 22.52 -13.55 -5.97
N ILE D 207 22.61 -13.61 -4.65
CA ILE D 207 21.42 -13.63 -3.81
C ILE D 207 21.13 -12.23 -3.27
N ILE D 208 20.09 -11.60 -3.80
CA ILE D 208 19.80 -10.20 -3.48
C ILE D 208 18.76 -10.04 -2.37
N GLY D 209 19.23 -9.62 -1.20
CA GLY D 209 18.35 -9.38 -0.06
C GLY D 209 18.04 -10.59 0.81
N PRO D 210 19.08 -11.24 1.37
CA PRO D 210 18.80 -12.35 2.27
C PRO D 210 18.47 -11.86 3.68
N GLN D 211 17.60 -12.58 4.37
CA GLN D 211 17.22 -12.25 5.75
C GLN D 211 18.45 -12.03 6.63
N ILE D 212 18.44 -10.95 7.40
CA ILE D 212 19.54 -10.64 8.30
C ILE D 212 19.09 -10.63 9.77
N GLU D 213 20.03 -10.92 10.66
CA GLU D 213 19.77 -10.86 12.10
C GLU D 213 20.01 -9.43 12.58
N PRO D 214 19.41 -9.04 13.72
CA PRO D 214 19.53 -7.68 14.25
C PRO D 214 20.96 -7.16 14.36
N ALA D 215 21.92 -8.06 14.57
CA ALA D 215 23.32 -7.66 14.67
C ALA D 215 23.82 -7.05 13.37
N MET D 216 23.30 -7.54 12.25
CA MET D 216 23.69 -7.05 10.93
C MET D 216 22.97 -5.75 10.59
N GLY D 217 21.98 -5.40 11.42
CA GLY D 217 21.18 -4.22 11.21
C GLY D 217 21.94 -2.92 11.05
N PRO D 218 22.63 -2.48 12.13
CA PRO D 218 23.38 -1.21 12.10
C PRO D 218 24.38 -1.08 10.94
N PRO D 219 25.16 -2.13 10.60
CA PRO D 219 26.05 -1.95 9.45
C PRO D 219 25.35 -1.63 8.14
N LEU D 220 24.24 -2.31 7.85
CA LEU D 220 23.52 -2.09 6.60
C LEU D 220 22.86 -0.72 6.56
N GLN D 221 22.23 -0.32 7.65
CA GLN D 221 21.55 0.97 7.71
C GLN D 221 22.55 2.13 7.63
N TYR D 222 23.72 1.93 8.23
CA TYR D 222 24.77 2.94 8.20
C TYR D 222 25.41 3.01 6.82
N GLN D 223 25.42 1.87 6.13
CA GLN D 223 25.99 1.79 4.79
C GLN D 223 25.19 2.63 3.80
N ARG D 224 23.87 2.52 3.87
CA ARG D 224 22.98 3.29 3.02
C ARG D 224 23.02 4.76 3.40
N TYR D 225 23.23 5.02 4.68
CA TYR D 225 23.37 6.38 5.19
C TYR D 225 24.59 7.07 4.59
N GLN D 226 25.68 6.33 4.46
CA GLN D 226 26.91 6.83 3.84
C GLN D 226 26.69 7.12 2.36
N ALA D 227 25.76 6.40 1.75
CA ALA D 227 25.41 6.62 0.35
C ALA D 227 24.59 7.89 0.20
N VAL D 228 23.68 8.11 1.16
CA VAL D 228 22.82 9.28 1.15
C VAL D 228 23.62 10.56 1.37
N LYS D 229 24.62 10.50 2.25
CA LYS D 229 25.46 11.66 2.55
C LYS D 229 26.33 12.06 1.36
N GLY D 230 26.67 11.08 0.52
CA GLY D 230 27.56 11.32 -0.60
C GLY D 230 26.86 11.84 -1.84
N VAL D 231 25.55 12.00 -1.76
CA VAL D 231 24.74 12.42 -2.89
C VAL D 231 25.03 13.87 -3.31
N HIS D 232 25.10 14.76 -2.32
CA HIS D 232 25.27 16.20 -2.56
C HIS D 232 26.46 16.53 -3.44
N LYS D 233 27.60 15.91 -3.15
CA LYS D 233 28.81 16.11 -3.95
C LYS D 233 28.58 15.70 -5.40
N VAL D 234 27.97 14.54 -5.59
CA VAL D 234 27.66 14.04 -6.92
C VAL D 234 26.67 14.96 -7.64
N LEU D 235 25.76 15.54 -6.86
CA LEU D 235 24.74 16.42 -7.41
C LEU D 235 25.36 17.74 -7.89
N GLU D 236 26.41 18.18 -7.21
CA GLU D 236 27.13 19.39 -7.62
C GLU D 236 27.81 19.18 -8.96
N GLU D 237 28.40 18.01 -9.13
CA GLU D 237 29.08 17.66 -10.39
C GLU D 237 28.10 17.64 -11.55
N ALA D 238 26.91 17.09 -11.30
CA ALA D 238 25.91 16.93 -12.35
C ALA D 238 25.29 18.26 -12.77
N CYS D 239 25.11 19.16 -11.81
CA CYS D 239 24.56 20.48 -12.09
C CYS D 239 25.55 21.35 -12.84
N ASP D 240 26.84 21.13 -12.58
CA ASP D 240 27.90 21.81 -13.32
C ASP D 240 27.97 21.26 -14.74
N GLU D 241 27.86 19.94 -14.86
CA GLU D 241 27.90 19.27 -16.16
C GLU D 241 26.69 19.60 -17.01
N PHE D 242 25.56 19.84 -16.35
CA PHE D 242 24.33 20.16 -17.08
C PHE D 242 24.40 21.56 -17.67
N ALA D 243 25.01 22.48 -16.93
CA ALA D 243 25.17 23.86 -17.39
C ALA D 243 26.09 23.91 -18.61
N ARG D 244 27.10 23.06 -18.63
CA ARG D 244 28.08 23.04 -19.71
C ARG D 244 27.46 22.48 -21.00
N ILE D 245 26.77 21.35 -20.86
CA ILE D 245 26.24 20.64 -22.01
C ILE D 245 24.92 21.23 -22.52
N PHE D 246 24.05 21.65 -21.60
CA PHE D 246 22.71 22.08 -21.96
C PHE D 246 22.53 23.60 -21.93
N GLY D 247 23.35 24.27 -21.14
CA GLY D 247 23.33 25.73 -21.11
C GLY D 247 22.41 26.32 -20.05
N ARG D 248 21.92 25.46 -19.16
CA ARG D 248 21.08 25.93 -18.06
C ARG D 248 21.74 25.67 -16.72
N LYS D 249 21.97 26.72 -15.95
CA LYS D 249 22.68 26.60 -14.68
C LYS D 249 21.73 26.51 -13.50
N TYR D 250 21.63 25.31 -12.93
CA TYR D 250 20.82 25.08 -11.75
C TYR D 250 21.69 25.02 -10.49
N ASP D 251 21.26 25.72 -9.45
CA ASP D 251 21.92 25.57 -8.15
C ASP D 251 21.47 24.24 -7.54
N PRO D 252 22.43 23.42 -7.10
CA PRO D 252 22.12 22.08 -6.61
C PRO D 252 21.30 22.08 -5.33
N TYR D 253 21.17 23.24 -4.69
CA TYR D 253 20.44 23.34 -3.44
C TYR D 253 19.36 24.42 -3.45
N LEU D 254 19.78 25.67 -3.59
CA LEU D 254 18.86 26.80 -3.43
C LEU D 254 18.79 27.70 -4.67
N ASP D 255 17.56 27.89 -5.17
CA ASP D 255 17.31 28.86 -6.22
C ASP D 255 16.99 30.22 -5.60
N GLU D 256 18.02 31.05 -5.43
CA GLU D 256 17.88 32.32 -4.72
C GLU D 256 17.57 33.48 -5.66
N TYR D 257 16.72 34.38 -5.19
CA TYR D 257 16.29 35.53 -5.98
C TYR D 257 16.21 36.80 -5.13
N LEU D 258 17.05 37.77 -5.46
CA LEU D 258 17.11 39.05 -4.76
C LEU D 258 17.38 38.89 -3.27
N THR D 259 18.39 38.10 -2.93
CA THR D 259 18.70 37.80 -1.53
C THR D 259 19.95 38.49 -1.02
N ASP D 260 20.70 39.10 -1.93
CA ASP D 260 21.98 39.74 -1.59
C ASP D 260 21.85 40.76 -0.47
N ASP D 261 20.87 41.66 -0.61
CA ASP D 261 20.66 42.70 0.39
C ASP D 261 19.26 42.59 1.01
N ALA D 262 18.66 41.41 0.89
CA ALA D 262 17.34 41.16 1.47
C ALA D 262 17.42 41.09 2.98
N GLU D 263 16.40 41.61 3.65
CA GLU D 263 16.32 41.52 5.10
C GLU D 263 15.46 40.33 5.50
N VAL D 264 14.30 40.20 4.87
CA VAL D 264 13.45 39.03 5.06
C VAL D 264 13.27 38.29 3.74
N ILE D 265 13.08 36.98 3.83
CA ILE D 265 12.87 36.16 2.64
C ILE D 265 11.73 35.17 2.84
N ILE D 266 11.27 34.59 1.74
CA ILE D 266 10.36 33.46 1.81
C ILE D 266 11.07 32.21 1.30
N PHE D 267 11.07 31.16 2.12
CA PHE D 267 11.73 29.91 1.79
C PHE D 267 10.68 28.85 1.50
N GLY D 268 10.87 28.10 0.42
CA GLY D 268 9.93 27.07 0.03
C GLY D 268 10.35 26.32 -1.22
N GLN D 269 9.42 25.56 -1.79
CA GLN D 269 9.70 24.77 -2.98
C GLN D 269 8.50 24.71 -3.91
N GLY D 270 8.75 24.42 -5.17
CA GLY D 270 7.68 24.23 -6.13
C GLY D 270 7.30 25.45 -6.95
N ALA D 271 6.23 25.32 -7.73
CA ALA D 271 5.82 26.34 -8.67
C ALA D 271 5.35 27.63 -7.99
N HIS D 272 4.81 27.51 -6.79
CA HIS D 272 4.31 28.68 -6.08
C HIS D 272 5.44 29.63 -5.69
N MET D 273 6.67 29.12 -5.70
CA MET D 273 7.85 29.94 -5.41
C MET D 273 8.13 30.92 -6.55
N GLU D 274 7.78 30.52 -7.77
CA GLU D 274 7.96 31.40 -8.92
C GLU D 274 7.00 32.59 -8.82
N THR D 275 5.84 32.36 -8.22
CA THR D 275 4.90 33.42 -7.92
C THR D 275 5.48 34.36 -6.88
N ALA D 276 6.14 33.78 -5.88
CA ALA D 276 6.74 34.55 -4.79
C ALA D 276 7.81 35.51 -5.30
N LYS D 277 8.59 35.06 -6.29
CA LYS D 277 9.61 35.89 -6.91
C LYS D 277 9.00 37.13 -7.54
N ALA D 278 7.90 36.94 -8.27
CA ALA D 278 7.21 38.03 -8.94
C ALA D 278 6.73 39.07 -7.93
N VAL D 279 6.17 38.59 -6.83
CA VAL D 279 5.70 39.46 -5.75
C VAL D 279 6.87 40.20 -5.12
N ALA D 280 8.00 39.50 -4.97
CA ALA D 280 9.19 40.08 -4.38
C ALA D 280 9.74 41.21 -5.25
N ARG D 281 9.70 41.02 -6.56
CA ARG D 281 10.19 42.04 -7.49
C ARG D 281 9.30 43.28 -7.44
N ARG D 282 7.99 43.06 -7.36
CA ARG D 282 7.04 44.18 -7.25
C ARG D 282 7.28 44.97 -5.97
N LEU D 283 7.58 44.26 -4.88
CA LEU D 283 7.84 44.90 -3.61
C LEU D 283 9.18 45.64 -3.62
N ARG D 284 10.14 45.10 -4.36
CA ARG D 284 11.43 45.77 -4.54
C ARG D 284 11.24 47.10 -5.26
N ASN D 285 10.26 47.14 -6.15
CA ASN D 285 9.92 48.36 -6.88
C ASN D 285 9.28 49.40 -5.96
N LEU D 286 9.02 49.00 -4.72
CA LEU D 286 8.51 49.91 -3.70
C LEU D 286 9.59 50.22 -2.68
N GLY D 287 10.76 49.60 -2.85
CA GLY D 287 11.89 49.83 -1.97
C GLY D 287 12.13 48.72 -0.96
N GLU D 288 11.15 47.84 -0.81
CA GLU D 288 11.22 46.76 0.17
C GLU D 288 12.37 45.79 -0.12
N LYS D 289 13.20 45.54 0.89
CA LYS D 289 14.34 44.65 0.75
C LYS D 289 13.93 43.20 1.01
N VAL D 290 13.12 42.64 0.11
CA VAL D 290 12.66 41.27 0.27
C VAL D 290 13.26 40.33 -0.77
N GLY D 291 13.42 39.06 -0.40
CA GLY D 291 13.99 38.08 -1.30
C GLY D 291 13.28 36.75 -1.26
N VAL D 292 13.70 35.82 -2.12
CA VAL D 292 13.11 34.49 -2.18
C VAL D 292 14.19 33.43 -2.33
N ALA D 293 14.08 32.35 -1.55
CA ALA D 293 14.95 31.19 -1.72
C ALA D 293 14.11 29.94 -1.98
N ARG D 294 14.25 29.38 -3.18
CA ARG D 294 13.51 28.19 -3.55
C ARG D 294 14.35 26.92 -3.37
N LEU D 295 13.86 26.01 -2.53
CA LEU D 295 14.58 24.76 -2.29
C LEU D 295 14.46 23.83 -3.48
N ARG D 296 15.59 23.45 -4.07
CA ARG D 296 15.59 22.57 -5.22
C ARG D 296 15.86 21.12 -4.82
N THR D 297 16.43 20.93 -3.64
CA THR D 297 16.75 19.60 -3.15
C THR D 297 16.15 19.37 -1.77
N PHE D 298 15.15 18.49 -1.70
CA PHE D 298 14.47 18.19 -0.45
C PHE D 298 15.11 17.01 0.26
N ARG D 299 15.58 16.04 -0.53
CA ARG D 299 16.30 14.88 0.01
C ARG D 299 17.47 14.53 -0.92
N PRO D 300 18.68 14.39 -0.35
CA PRO D 300 19.02 14.62 1.06
C PRO D 300 18.98 16.09 1.41
N PHE D 301 18.37 16.43 2.55
CA PHE D 301 18.20 17.82 2.94
C PHE D 301 19.56 18.51 3.13
N PRO D 302 19.74 19.68 2.52
CA PRO D 302 20.99 20.42 2.59
C PRO D 302 21.10 21.25 3.86
N THR D 303 21.38 20.59 4.97
CA THR D 303 21.42 21.25 6.27
C THR D 303 22.52 22.31 6.33
N GLU D 304 23.75 21.90 6.05
CA GLU D 304 24.90 22.79 6.15
C GLU D 304 24.87 23.90 5.11
N GLN D 305 24.43 23.57 3.89
CA GLN D 305 24.34 24.56 2.83
C GLN D 305 23.36 25.66 3.20
N ILE D 306 22.21 25.27 3.74
CA ILE D 306 21.19 26.23 4.18
C ILE D 306 21.72 27.07 5.34
N LYS D 307 22.40 26.41 6.28
CA LYS D 307 22.94 27.07 7.46
C LYS D 307 23.90 28.21 7.11
N GLU D 308 24.72 27.99 6.08
CA GLU D 308 25.69 29.00 5.67
C GLU D 308 25.04 30.10 4.84
N ARG D 309 24.09 29.72 3.99
CA ARG D 309 23.56 30.64 2.99
C ARG D 309 22.34 31.44 3.46
N LEU D 310 21.57 30.88 4.40
CA LEU D 310 20.34 31.52 4.82
C LEU D 310 20.38 32.08 6.25
N SER D 311 21.57 32.12 6.84
CA SER D 311 21.71 32.67 8.19
C SER D 311 22.15 34.13 8.16
N LYS D 312 21.72 34.85 7.13
CA LYS D 312 22.09 36.25 6.97
C LYS D 312 20.86 37.15 6.91
N PHE D 313 19.70 36.60 7.25
CA PHE D 313 18.45 37.36 7.16
C PHE D 313 17.80 37.52 8.53
N LYS D 314 17.14 38.64 8.73
CA LYS D 314 16.46 38.94 10.00
C LYS D 314 15.33 37.95 10.27
N ALA D 315 14.47 37.75 9.27
CA ALA D 315 13.34 36.83 9.41
C ALA D 315 13.15 35.99 8.15
N ILE D 316 12.76 34.74 8.35
CA ILE D 316 12.53 33.82 7.24
C ILE D 316 11.15 33.20 7.30
N GLY D 317 10.35 33.44 6.27
CA GLY D 317 9.02 32.84 6.16
C GLY D 317 9.08 31.56 5.35
N VAL D 318 8.63 30.46 5.95
CA VAL D 318 8.69 29.17 5.27
C VAL D 318 7.32 28.72 4.77
N LEU D 319 7.16 28.68 3.46
CA LEU D 319 5.90 28.21 2.87
C LEU D 319 5.86 26.68 2.88
N ASP D 320 4.77 26.14 3.39
CA ASP D 320 4.53 24.70 3.32
C ASP D 320 3.20 24.42 2.63
N VAL D 321 3.28 24.01 1.37
CA VAL D 321 2.09 23.66 0.61
C VAL D 321 1.71 22.21 0.91
N SER D 322 1.35 21.95 2.16
CA SER D 322 1.04 20.61 2.61
C SER D 322 0.37 20.60 3.98
N ALA D 323 -0.27 19.48 4.31
CA ALA D 323 -0.89 19.32 5.61
C ALA D 323 -0.18 18.23 6.41
N ASN D 324 0.96 18.59 6.99
CA ASN D 324 1.71 17.67 7.85
C ASN D 324 1.20 17.76 9.28
N PHE D 325 0.07 17.09 9.54
CA PHE D 325 -0.64 17.24 10.81
C PHE D 325 0.18 16.83 12.03
N GLY D 326 0.13 17.65 13.07
CA GLY D 326 0.73 17.33 14.35
C GLY D 326 2.23 17.56 14.45
N ILE D 327 2.82 18.04 13.36
CA ILE D 327 4.27 18.24 13.33
C ILE D 327 4.66 19.42 14.22
N SER D 328 5.89 19.39 14.73
CA SER D 328 6.41 20.43 15.61
C SER D 328 6.26 21.82 14.98
N CYS D 329 5.86 22.79 15.81
CA CYS D 329 5.63 24.18 15.41
C CYS D 329 4.39 24.35 14.53
N SER D 330 3.69 23.25 14.27
CA SER D 330 2.39 23.27 13.61
C SER D 330 2.36 23.94 12.23
N GLY D 331 3.51 23.95 11.56
CA GLY D 331 3.55 24.45 10.20
C GLY D 331 3.51 23.29 9.22
N GLY D 332 4.64 23.05 8.56
CA GLY D 332 4.78 21.89 7.71
C GLY D 332 6.17 21.31 7.93
N VAL D 333 6.59 20.41 7.05
CA VAL D 333 7.89 19.76 7.19
C VAL D 333 9.04 20.75 6.99
N LEU D 334 8.93 21.61 5.99
CA LEU D 334 10.00 22.54 5.65
C LEU D 334 10.34 23.48 6.80
N LEU D 335 9.31 23.94 7.52
CA LEU D 335 9.52 24.81 8.66
C LEU D 335 10.32 24.09 9.76
N SER D 336 9.98 22.82 9.99
CA SER D 336 10.62 22.03 11.02
C SER D 336 12.08 21.70 10.66
N GLU D 337 12.32 21.47 9.38
CA GLU D 337 13.65 21.07 8.93
C GLU D 337 14.56 22.28 8.67
N LEU D 338 13.96 23.44 8.47
CA LEU D 338 14.74 24.66 8.31
C LEU D 338 15.19 25.18 9.68
N ARG D 339 14.27 25.15 10.65
CA ARG D 339 14.58 25.58 12.02
C ARG D 339 15.64 24.68 12.64
N ALA D 340 15.63 23.40 12.27
CA ALA D 340 16.64 22.46 12.74
C ALA D 340 18.00 22.82 12.17
N ALA D 341 18.01 23.28 10.92
CA ALA D 341 19.25 23.61 10.23
C ALA D 341 19.85 24.92 10.72
N LEU D 342 18.99 25.89 11.04
CA LEU D 342 19.45 27.20 11.50
C LEU D 342 19.40 27.31 13.02
N TYR D 343 19.38 26.16 13.69
CA TYR D 343 19.19 26.10 15.14
C TYR D 343 20.21 26.95 15.91
N ASP D 344 21.47 26.91 15.49
CA ASP D 344 22.53 27.66 16.15
C ASP D 344 22.29 29.17 16.06
N TYR D 345 21.52 29.59 15.07
CA TYR D 345 21.20 31.00 14.88
C TYR D 345 19.74 31.27 15.27
N GLY D 346 19.22 30.46 16.18
CA GLY D 346 17.82 30.53 16.54
C GLY D 346 17.39 31.78 17.27
N ASP D 347 18.35 32.53 17.79
CA ASP D 347 18.04 33.74 18.55
C ASP D 347 18.11 34.98 17.67
N LYS D 348 18.82 34.88 16.54
CA LYS D 348 19.01 36.01 15.64
C LYS D 348 18.09 35.95 14.44
N VAL D 349 18.05 34.81 13.77
CA VAL D 349 17.23 34.63 12.58
C VAL D 349 15.84 34.12 12.94
N LYS D 350 14.85 34.99 12.86
CA LYS D 350 13.48 34.63 13.20
C LYS D 350 12.85 33.78 12.09
N THR D 351 12.16 32.72 12.49
CA THR D 351 11.51 31.84 11.54
C THR D 351 10.02 31.69 11.86
N VAL D 352 9.21 31.62 10.81
CA VAL D 352 7.78 31.45 10.96
C VAL D 352 7.23 30.64 9.79
N GLY D 353 6.20 29.84 10.06
CA GLY D 353 5.65 28.96 9.05
C GLY D 353 4.40 29.49 8.37
N PHE D 354 4.33 29.30 7.06
CA PHE D 354 3.16 29.70 6.27
C PHE D 354 2.56 28.49 5.57
N VAL D 355 1.39 28.05 6.02
CA VAL D 355 0.72 26.92 5.40
C VAL D 355 -0.39 27.41 4.46
N ALA D 356 -0.21 27.19 3.17
CA ALA D 356 -1.15 27.67 2.17
C ALA D 356 -1.19 26.77 0.95
N GLY D 357 -2.14 27.03 0.06
CA GLY D 357 -2.29 26.23 -1.14
C GLY D 357 -2.90 24.87 -0.85
N LEU D 358 -3.55 24.76 0.31
CA LEU D 358 -4.17 23.51 0.73
C LEU D 358 -5.27 23.08 -0.23
N GLY D 359 -5.38 21.77 -0.44
CA GLY D 359 -6.39 21.23 -1.32
C GLY D 359 -6.21 21.61 -2.77
N GLY D 360 -5.07 22.20 -3.10
CA GLY D 360 -4.77 22.60 -4.47
C GLY D 360 -5.10 24.04 -4.78
N GLU D 361 -5.51 24.81 -3.77
CA GLU D 361 -5.85 26.22 -3.98
C GLU D 361 -4.62 27.02 -4.37
N VAL D 362 -4.87 28.15 -5.04
CA VAL D 362 -3.80 29.03 -5.49
C VAL D 362 -3.16 29.77 -4.32
N VAL D 363 -1.83 29.76 -4.27
CA VAL D 363 -1.11 30.66 -3.38
C VAL D 363 -0.91 31.97 -4.13
N THR D 364 -1.78 32.92 -3.86
CA THR D 364 -1.89 34.14 -4.68
C THR D 364 -0.80 35.17 -4.39
N HIS D 365 -0.71 36.17 -5.26
CA HIS D 365 0.19 37.30 -5.06
C HIS D 365 -0.16 38.02 -3.76
N ASP D 366 -1.46 38.19 -3.56
CA ASP D 366 -2.00 38.83 -2.36
C ASP D 366 -1.50 38.12 -1.10
N GLU D 367 -1.65 36.80 -1.07
CA GLU D 367 -1.24 36.02 0.08
C GLU D 367 0.27 36.12 0.32
N PHE D 368 1.05 36.16 -0.75
CA PHE D 368 2.49 36.33 -0.65
C PHE D 368 2.81 37.73 -0.12
N TYR D 369 2.00 38.71 -0.52
CA TYR D 369 2.15 40.07 -0.03
C TYR D 369 1.95 40.11 1.48
N ARG D 370 0.87 39.49 1.95
CA ARG D 370 0.56 39.45 3.37
C ARG D 370 1.64 38.68 4.14
N MET D 371 2.26 37.72 3.47
CA MET D 371 3.37 36.97 4.06
C MET D 371 4.58 37.87 4.26
N PHE D 372 4.93 38.62 3.21
CA PHE D 372 6.07 39.53 3.29
C PHE D 372 5.84 40.63 4.32
N GLN D 373 4.60 41.07 4.45
CA GLN D 373 4.25 42.11 5.41
C GLN D 373 4.32 41.58 6.84
N LYS D 374 3.88 40.34 7.03
CA LYS D 374 4.00 39.69 8.33
C LYS D 374 5.46 39.54 8.71
N LEU D 375 6.28 39.24 7.72
CA LEU D 375 7.72 39.07 7.94
C LEU D 375 8.40 40.38 8.33
N LYS D 376 7.94 41.49 7.74
CA LYS D 376 8.51 42.80 8.04
C LYS D 376 8.18 43.21 9.48
N GLU D 377 6.97 42.89 9.91
CA GLU D 377 6.55 43.13 11.28
C GLU D 377 7.41 42.34 12.26
N ILE D 378 7.71 41.10 11.89
CA ILE D 378 8.57 40.25 12.69
C ILE D 378 9.99 40.79 12.71
N ALA D 379 10.45 41.31 11.58
CA ALA D 379 11.79 41.86 11.46
C ALA D 379 11.95 43.12 12.31
N LYS D 380 10.87 43.87 12.47
CA LYS D 380 10.89 45.08 13.27
C LYS D 380 10.87 44.78 14.77
N THR D 381 10.03 43.81 15.16
CA THR D 381 9.82 43.50 16.57
C THR D 381 10.75 42.41 17.08
N GLY D 382 11.15 41.51 16.19
CA GLY D 382 12.01 40.39 16.57
C GLY D 382 11.26 39.36 17.39
N LYS D 383 9.94 39.43 17.34
CA LYS D 383 9.09 38.51 18.09
C LYS D 383 8.12 37.76 17.18
N VAL D 384 8.08 36.43 17.36
CA VAL D 384 7.14 35.60 16.62
C VAL D 384 6.00 35.18 17.54
N GLU D 385 4.83 35.77 17.32
CA GLU D 385 3.67 35.55 18.18
C GLU D 385 3.18 34.10 18.11
N GLN D 386 3.22 33.51 16.92
CA GLN D 386 2.91 32.10 16.76
C GLN D 386 3.73 31.50 15.62
N THR D 387 4.14 30.26 15.79
CA THR D 387 5.11 29.64 14.88
C THR D 387 4.57 29.36 13.48
N SER D 388 3.24 29.34 13.34
CA SER D 388 2.65 29.03 12.04
C SER D 388 1.36 29.80 11.78
N TYR D 389 1.16 30.17 10.52
CA TYR D 389 -0.09 30.81 10.09
C TYR D 389 -0.73 30.00 8.97
N TRP D 390 -1.92 29.46 9.24
CA TRP D 390 -2.66 28.72 8.22
C TRP D 390 -3.51 29.67 7.38
N ILE D 391 -3.02 29.98 6.19
CA ILE D 391 -3.63 30.93 5.28
C ILE D 391 -4.82 30.32 4.55
N PRO D 392 -5.93 31.07 4.41
CA PRO D 392 -6.14 32.48 4.79
C PRO D 392 -6.79 32.67 6.16
N PHE D 393 -7.06 31.58 6.87
CA PHE D 393 -7.82 31.65 8.11
C PHE D 393 -7.10 32.45 9.19
N GLU D 394 -5.78 32.31 9.26
CA GLU D 394 -5.01 32.94 10.34
C GLU D 394 -4.13 34.08 9.84
N LEU D 395 -4.03 34.23 8.52
CA LEU D 395 -3.29 35.34 7.92
C LEU D 395 -3.84 35.68 6.54
N SER E 2 -3.58 43.42 -0.36
CA SER E 2 -2.79 43.81 -1.53
C SER E 2 -3.55 44.77 -2.43
N THR E 3 -2.95 45.12 -3.56
CA THR E 3 -3.58 46.03 -4.51
C THR E 3 -3.53 45.47 -5.92
N LYS E 4 -4.60 45.70 -6.68
CA LYS E 4 -4.64 45.29 -8.08
C LYS E 4 -3.65 46.11 -8.90
N ASP E 5 -3.33 47.30 -8.39
CA ASP E 5 -2.36 48.17 -9.02
C ASP E 5 -0.93 47.63 -8.86
N LEU E 6 -0.66 47.06 -7.69
CA LEU E 6 0.67 46.55 -7.38
C LEU E 6 1.06 45.37 -8.26
N PHE E 7 0.09 44.50 -8.56
CA PHE E 7 0.36 43.32 -9.37
C PHE E 7 -0.28 43.42 -10.75
N ALA E 8 -0.46 44.65 -11.23
CA ALA E 8 -1.11 44.89 -12.51
C ALA E 8 -0.23 44.45 -13.68
N GLU E 9 -0.87 43.87 -14.69
CA GLU E 9 -0.20 43.54 -15.95
C GLU E 9 -0.95 44.20 -17.10
N PRO E 10 -0.63 45.47 -17.37
CA PRO E 10 -1.35 46.34 -18.31
C PRO E 10 -1.42 45.81 -19.74
N ASN E 11 -0.46 44.98 -20.12
CA ASN E 11 -0.39 44.48 -21.49
C ASN E 11 -0.83 43.03 -21.64
N LEU E 12 -1.51 42.51 -20.63
CA LEU E 12 -1.97 41.13 -20.64
C LEU E 12 -3.40 41.03 -21.16
N LYS E 13 -3.59 40.22 -22.20
CA LYS E 13 -4.93 39.95 -22.73
C LYS E 13 -5.44 38.60 -22.23
N GLN E 14 -6.72 38.53 -21.91
CA GLN E 14 -7.32 37.30 -21.41
C GLN E 14 -8.43 36.78 -22.33
N ILE E 15 -8.40 35.48 -22.60
CA ILE E 15 -9.42 34.85 -23.44
C ILE E 15 -10.04 33.65 -22.73
N THR E 16 -11.38 33.60 -22.71
CA THR E 16 -12.09 32.48 -22.11
C THR E 16 -13.03 31.83 -23.11
N VAL E 17 -12.83 30.55 -23.36
CA VAL E 17 -13.65 29.80 -24.30
C VAL E 17 -14.56 28.82 -23.58
N TRP E 18 -15.86 28.89 -23.84
CA TRP E 18 -16.81 27.94 -23.31
C TRP E 18 -17.19 26.92 -24.36
N ALA E 19 -17.30 25.65 -23.97
CA ALA E 19 -17.69 24.60 -24.89
C ALA E 19 -18.48 23.51 -24.20
N ARG E 20 -18.96 22.55 -24.97
CA ARG E 20 -19.61 21.37 -24.43
C ARG E 20 -18.57 20.28 -24.22
N GLY E 21 -18.63 19.62 -23.07
CA GLY E 21 -17.66 18.57 -22.77
C GLY E 21 -17.73 17.41 -23.74
N VAL E 22 -16.58 16.77 -23.96
CA VAL E 22 -16.43 15.59 -24.81
C VAL E 22 -16.68 15.87 -26.30
N VAL E 23 -17.84 16.42 -26.63
CA VAL E 23 -18.19 16.64 -28.03
C VAL E 23 -17.50 17.86 -28.63
N MET E 24 -17.07 18.79 -27.77
CA MET E 24 -16.50 20.05 -28.26
C MET E 24 -15.33 20.56 -27.42
N ASN E 25 -14.86 19.76 -26.48
CA ASN E 25 -13.81 20.21 -25.57
C ASN E 25 -12.47 20.38 -26.29
N LYS E 26 -12.24 19.56 -27.31
CA LYS E 26 -10.97 19.63 -28.05
C LYS E 26 -10.86 20.92 -28.85
N ASP E 27 -11.95 21.28 -29.54
CA ASP E 27 -11.96 22.50 -30.31
C ASP E 27 -11.80 23.72 -29.41
N ALA E 28 -12.33 23.63 -28.20
CA ALA E 28 -12.11 24.65 -27.18
C ALA E 28 -10.63 24.76 -26.88
N ARG E 29 -9.99 23.61 -26.69
CA ARG E 29 -8.55 23.55 -26.47
C ARG E 29 -7.79 24.09 -27.67
N ASP E 30 -8.25 23.71 -28.87
CA ASP E 30 -7.58 24.11 -30.09
C ASP E 30 -7.67 25.62 -30.36
N ILE E 31 -8.77 26.23 -29.94
CA ILE E 31 -8.95 27.67 -30.12
C ILE E 31 -7.90 28.46 -29.33
N VAL E 32 -7.72 28.11 -28.07
CA VAL E 32 -6.77 28.83 -27.22
C VAL E 32 -5.33 28.41 -27.51
N VAL E 33 -5.15 27.22 -28.08
CA VAL E 33 -3.82 26.76 -28.45
C VAL E 33 -3.36 27.42 -29.75
N ALA E 34 -4.27 27.51 -30.71
CA ALA E 34 -3.97 28.14 -32.00
C ALA E 34 -3.61 29.62 -31.83
N LEU E 35 -4.37 30.31 -30.98
CA LEU E 35 -4.16 31.74 -30.76
C LEU E 35 -2.85 32.04 -30.04
N THR E 36 -2.48 31.19 -29.08
CA THR E 36 -1.24 31.38 -28.35
C THR E 36 -0.03 31.04 -29.21
N GLU E 37 -0.19 30.08 -30.11
CA GLU E 37 0.88 29.71 -31.02
C GLU E 37 1.06 30.76 -32.11
N ALA E 38 -0.03 31.47 -32.40
CA ALA E 38 0.02 32.56 -33.38
C ALA E 38 0.60 33.82 -32.75
N ALA E 39 0.35 33.99 -31.45
CA ALA E 39 0.86 35.14 -30.72
C ALA E 39 2.33 34.98 -30.39
N ALA E 40 2.74 33.73 -30.13
CA ALA E 40 4.13 33.43 -29.85
C ALA E 40 5.01 33.73 -31.05
N LYS E 41 4.43 33.58 -32.24
CA LYS E 41 5.12 33.91 -33.49
C LYS E 41 5.39 35.40 -33.60
N GLU E 42 4.58 36.19 -32.91
CA GLU E 42 4.70 37.64 -32.94
C GLU E 42 5.61 38.15 -31.82
N GLY E 43 6.25 37.21 -31.12
CA GLY E 43 7.20 37.56 -30.07
C GLY E 43 6.56 37.92 -28.75
N LYS E 44 5.36 37.39 -28.50
CA LYS E 44 4.66 37.66 -27.26
C LYS E 44 4.69 36.46 -26.31
N TYR E 45 4.55 36.73 -25.02
CA TYR E 45 4.51 35.69 -24.00
C TYR E 45 3.10 35.12 -23.90
N VAL E 46 2.97 33.80 -24.03
CA VAL E 46 1.66 33.17 -24.09
C VAL E 46 1.50 32.02 -23.11
N GLN E 47 0.25 31.70 -22.80
CA GLN E 47 -0.08 30.55 -21.98
C GLN E 47 -1.50 30.06 -22.28
N ALA E 48 -1.61 28.78 -22.61
CA ALA E 48 -2.90 28.17 -22.87
C ALA E 48 -3.10 26.98 -21.94
N TRP E 49 -4.35 26.76 -21.51
CA TRP E 49 -4.67 25.62 -20.65
C TRP E 49 -6.17 25.39 -20.58
N GLU E 50 -6.55 24.19 -20.15
CA GLU E 50 -7.95 23.85 -19.93
C GLU E 50 -8.30 24.04 -18.46
N ASN E 51 -9.54 24.41 -18.18
CA ASN E 51 -10.01 24.49 -16.80
C ASN E 51 -9.87 23.13 -16.14
N TYR E 52 -9.04 23.07 -15.10
CA TYR E 52 -8.69 21.81 -14.45
C TYR E 52 -9.85 21.26 -13.63
N VAL E 53 -10.70 22.15 -13.14
CA VAL E 53 -11.84 21.76 -12.30
C VAL E 53 -12.95 21.19 -13.16
N ASP E 54 -12.98 21.57 -14.43
CA ASP E 54 -13.94 21.01 -15.37
C ASP E 54 -13.53 19.61 -15.81
N LEU E 55 -12.31 19.21 -15.43
CA LEU E 55 -11.79 17.89 -15.76
C LEU E 55 -12.16 16.88 -14.67
N PRO E 56 -12.55 15.67 -15.07
CA PRO E 56 -12.73 15.27 -16.47
C PRO E 56 -14.05 15.77 -17.04
N ASP E 57 -14.02 16.25 -18.29
CA ASP E 57 -15.22 16.75 -18.94
C ASP E 57 -16.26 15.65 -19.11
N ARG E 58 -17.53 16.03 -19.02
CA ARG E 58 -18.63 15.11 -19.26
C ARG E 58 -19.38 15.56 -20.50
N ILE E 59 -20.16 14.66 -21.10
CA ILE E 59 -20.92 15.01 -22.29
C ILE E 59 -21.91 16.13 -21.99
N TYR E 60 -21.77 17.23 -22.74
CA TYR E 60 -22.65 18.40 -22.71
C TYR E 60 -22.47 19.31 -21.49
N VAL E 61 -21.61 18.94 -20.55
CA VAL E 61 -21.32 19.84 -19.43
C VAL E 61 -20.51 21.02 -19.96
N PRO E 62 -20.82 22.24 -19.51
CA PRO E 62 -20.01 23.39 -19.92
C PRO E 62 -18.57 23.30 -19.41
N VAL E 63 -17.61 23.33 -20.34
CA VAL E 63 -16.20 23.28 -19.99
C VAL E 63 -15.47 24.50 -20.54
N ARG E 64 -14.33 24.83 -19.96
CA ARG E 64 -13.61 26.04 -20.32
C ARG E 64 -12.15 25.80 -20.68
N ALA E 65 -11.65 26.63 -21.60
CA ALA E 65 -10.23 26.65 -21.96
C ALA E 65 -9.78 28.11 -22.02
N TYR E 66 -8.59 28.38 -21.52
CA TYR E 66 -8.14 29.77 -21.39
C TYR E 66 -6.88 30.10 -22.18
N ALA E 67 -6.70 31.38 -22.44
CA ALA E 67 -5.49 31.88 -23.08
C ALA E 67 -5.05 33.18 -22.42
N ARG E 68 -3.74 33.31 -22.19
CA ARG E 68 -3.18 34.56 -21.69
C ARG E 68 -2.06 35.02 -22.59
N ILE E 69 -2.28 36.18 -23.22
CA ILE E 69 -1.31 36.72 -24.17
C ILE E 69 -0.86 38.11 -23.75
N SER E 70 0.45 38.30 -23.62
CA SER E 70 1.01 39.56 -23.19
C SER E 70 2.32 39.88 -23.88
N SER E 71 2.62 41.16 -24.03
CA SER E 71 3.89 41.61 -24.59
C SER E 71 4.96 41.61 -23.52
N ASP E 72 4.53 41.48 -22.27
CA ASP E 72 5.43 41.40 -21.12
C ASP E 72 5.31 40.02 -20.49
N PRO E 73 6.37 39.59 -19.77
CA PRO E 73 6.33 38.28 -19.10
C PRO E 73 5.13 38.13 -18.17
N ILE E 74 4.44 37.00 -18.27
CA ILE E 74 3.26 36.75 -17.45
C ILE E 74 3.64 36.41 -16.03
N GLU E 75 3.28 37.29 -15.10
CA GLU E 75 3.61 37.12 -13.69
C GLU E 75 2.48 36.41 -12.94
N SER E 76 1.51 35.93 -13.71
CA SER E 76 0.38 35.20 -13.14
C SER E 76 0.08 33.96 -13.97
N LYS E 77 1.01 33.00 -13.93
CA LYS E 77 0.89 31.78 -14.72
C LYS E 77 0.10 30.70 -13.98
N TYR E 78 0.27 30.65 -12.67
CA TYR E 78 -0.25 29.55 -11.87
C TYR E 78 -1.61 29.87 -11.27
N ILE E 79 -2.62 29.87 -12.14
CA ILE E 79 -4.01 30.12 -11.75
C ILE E 79 -4.89 29.03 -12.36
N TYR E 80 -6.16 29.02 -11.97
CA TYR E 80 -7.10 28.07 -12.53
C TYR E 80 -7.89 28.69 -13.68
N GLU E 81 -8.26 29.96 -13.53
CA GLU E 81 -9.11 30.60 -14.52
C GLU E 81 -8.77 32.08 -14.74
N ASN E 82 -9.17 32.60 -15.90
CA ASN E 82 -9.08 34.03 -16.16
C ASN E 82 -10.18 34.78 -15.44
N GLU E 83 -9.79 35.68 -14.55
CA GLU E 83 -10.74 36.41 -13.72
C GLU E 83 -11.45 37.53 -14.49
N THR E 84 -10.76 38.08 -15.48
CA THR E 84 -11.30 39.21 -16.24
C THR E 84 -11.05 39.04 -17.74
N PRO E 85 -11.93 38.27 -18.41
CA PRO E 85 -11.76 37.98 -19.84
C PRO E 85 -11.99 39.19 -20.75
N ASP E 86 -11.10 39.35 -21.73
CA ASP E 86 -11.25 40.39 -22.74
C ASP E 86 -11.99 39.82 -23.95
N ILE E 87 -11.95 38.49 -24.09
CA ILE E 87 -12.66 37.81 -25.16
C ILE E 87 -13.35 36.57 -24.62
N VAL E 88 -14.66 36.48 -24.81
CA VAL E 88 -15.41 35.29 -24.43
C VAL E 88 -15.93 34.57 -25.67
N VAL E 89 -15.62 33.28 -25.77
CA VAL E 89 -15.96 32.51 -26.96
C VAL E 89 -16.92 31.37 -26.63
N LEU E 90 -18.02 31.28 -27.39
CA LEU E 90 -18.98 30.20 -27.22
C LEU E 90 -18.94 29.22 -28.40
N VAL E 91 -18.42 28.03 -28.15
CA VAL E 91 -18.30 27.01 -29.19
C VAL E 91 -19.67 26.43 -29.54
N GLU E 92 -20.59 26.44 -28.57
CA GLU E 92 -21.95 25.98 -28.81
C GLU E 92 -22.93 27.07 -28.39
N GLU E 93 -23.97 27.26 -29.20
CA GLU E 93 -24.87 28.41 -29.06
C GLU E 93 -25.69 28.41 -27.76
N SER E 94 -26.12 27.25 -27.30
CA SER E 94 -27.01 27.16 -26.15
C SER E 94 -26.34 27.61 -24.84
N LEU E 95 -25.05 27.92 -24.91
CA LEU E 95 -24.30 28.36 -23.74
C LEU E 95 -24.64 29.79 -23.33
N ILE E 96 -25.60 30.41 -24.03
CA ILE E 96 -26.09 31.73 -23.63
C ILE E 96 -27.21 31.61 -22.59
N LYS E 97 -27.54 30.38 -22.21
CA LYS E 97 -28.57 30.13 -21.22
C LYS E 97 -28.02 29.40 -20.00
N GLY E 98 -28.26 29.96 -18.82
CA GLY E 98 -27.91 29.30 -17.57
C GLY E 98 -26.44 29.24 -17.24
N VAL E 99 -25.62 29.93 -18.02
CA VAL E 99 -24.16 29.89 -17.82
C VAL E 99 -23.57 31.31 -17.75
N PRO E 100 -22.84 31.60 -16.68
CA PRO E 100 -22.25 32.94 -16.45
C PRO E 100 -21.08 33.23 -17.38
N ILE E 101 -21.36 33.35 -18.68
CA ILE E 101 -20.31 33.53 -19.68
C ILE E 101 -19.69 34.94 -19.67
N LEU E 102 -20.41 35.90 -19.11
CA LEU E 102 -19.95 37.29 -19.15
C LEU E 102 -19.42 37.78 -17.79
N LYS E 103 -19.32 36.88 -16.83
CA LYS E 103 -18.86 37.24 -15.50
C LYS E 103 -17.39 37.64 -15.49
N GLY E 104 -17.13 38.92 -15.23
CA GLY E 104 -15.77 39.41 -15.08
C GLY E 104 -15.21 40.17 -16.27
N ILE E 105 -15.95 40.21 -17.37
CA ILE E 105 -15.46 40.81 -18.60
C ILE E 105 -15.04 42.27 -18.42
N ARG E 106 -13.94 42.64 -19.08
CA ARG E 106 -13.41 43.99 -19.01
C ARG E 106 -13.97 44.85 -20.15
N PRO E 107 -13.98 46.18 -19.96
CA PRO E 107 -14.54 47.07 -20.99
C PRO E 107 -13.87 46.90 -22.36
N GLY E 108 -14.66 47.03 -23.42
CA GLY E 108 -14.17 46.88 -24.77
C GLY E 108 -13.97 45.42 -25.17
N SER E 109 -14.73 44.54 -24.53
CA SER E 109 -14.60 43.10 -24.76
C SER E 109 -15.47 42.62 -25.91
N THR E 110 -15.18 41.40 -26.38
CA THR E 110 -15.90 40.82 -27.51
C THR E 110 -16.45 39.44 -27.16
N LEU E 111 -17.71 39.20 -27.53
CA LEU E 111 -18.31 37.88 -27.39
C LEU E 111 -18.52 37.25 -28.76
N VAL E 112 -17.96 36.05 -28.95
CA VAL E 112 -18.06 35.36 -30.23
C VAL E 112 -18.86 34.07 -30.08
N VAL E 113 -19.88 33.90 -30.92
CA VAL E 113 -20.78 32.76 -30.81
C VAL E 113 -20.84 31.93 -32.09
N ASN E 114 -20.72 30.61 -31.93
CA ASN E 114 -20.93 29.68 -33.04
C ASN E 114 -22.41 29.38 -33.22
N THR E 115 -23.04 30.01 -34.20
CA THR E 115 -24.46 29.84 -34.41
C THR E 115 -24.91 30.26 -35.82
N LYS E 116 -26.05 29.75 -36.25
CA LYS E 116 -26.63 30.13 -37.53
C LYS E 116 -27.73 31.17 -37.29
N ARG E 117 -28.12 31.32 -36.03
CA ARG E 117 -29.19 32.23 -35.66
C ARG E 117 -28.70 33.67 -35.70
N SER E 118 -29.63 34.61 -35.84
CA SER E 118 -29.28 36.02 -35.98
C SER E 118 -28.67 36.58 -34.71
N ILE E 119 -27.93 37.68 -34.85
CA ILE E 119 -27.32 38.36 -33.71
C ILE E 119 -28.39 38.85 -32.74
N ASP E 120 -29.47 39.39 -33.31
CA ASP E 120 -30.59 39.88 -32.50
C ASP E 120 -31.19 38.78 -31.64
N THR E 121 -31.30 37.58 -32.20
CA THR E 121 -31.82 36.43 -31.48
C THR E 121 -30.96 36.13 -30.26
N ILE E 122 -29.65 36.14 -30.46
CA ILE E 122 -28.70 35.87 -29.37
C ILE E 122 -28.80 36.92 -28.28
N LEU E 123 -28.88 38.18 -28.68
CA LEU E 123 -28.93 39.29 -27.74
C LEU E 123 -30.21 39.27 -26.90
N GLU E 124 -31.22 38.56 -27.38
CA GLU E 124 -32.47 38.42 -26.63
C GLU E 124 -32.33 37.39 -25.51
N PHE E 125 -31.36 36.48 -25.67
CA PHE E 125 -31.10 35.47 -24.65
C PHE E 125 -30.13 36.00 -23.60
N LEU E 126 -29.19 36.84 -24.03
CA LEU E 126 -28.18 37.39 -23.14
C LEU E 126 -28.79 38.33 -22.10
N GLY E 127 -29.48 39.36 -22.58
CA GLY E 127 -30.02 40.38 -21.70
C GLY E 127 -28.99 41.45 -21.42
N ASP E 128 -28.43 41.42 -20.21
CA ASP E 128 -27.39 42.37 -19.83
C ASP E 128 -26.08 42.05 -20.53
N THR E 129 -25.63 42.94 -21.40
CA THR E 129 -24.41 42.73 -22.16
C THR E 129 -23.20 43.38 -21.47
N GLY E 130 -23.49 44.21 -20.46
CA GLY E 130 -22.46 44.80 -19.64
C GLY E 130 -21.31 45.49 -20.37
N ASN E 131 -20.09 45.10 -20.03
CA ASN E 131 -18.89 45.72 -20.57
C ASN E 131 -18.56 45.36 -22.01
N LEU E 132 -19.40 44.54 -22.63
CA LEU E 132 -19.17 44.13 -24.01
C LEU E 132 -19.23 45.31 -24.96
N ALA E 133 -18.34 45.30 -25.96
CA ALA E 133 -18.34 46.33 -26.99
C ALA E 133 -18.76 45.72 -28.33
N GLN E 134 -18.66 44.39 -28.43
CA GLN E 134 -18.97 43.70 -29.68
C GLN E 134 -19.63 42.34 -29.44
N ILE E 135 -20.64 42.04 -30.25
CA ILE E 135 -21.23 40.72 -30.30
C ILE E 135 -20.98 40.13 -31.68
N VAL E 136 -20.40 38.93 -31.72
CA VAL E 136 -20.02 38.32 -33.00
C VAL E 136 -20.58 36.92 -33.16
N THR E 137 -21.19 36.65 -34.31
CA THR E 137 -21.66 35.31 -34.62
C THR E 137 -20.92 34.75 -35.83
N VAL E 138 -20.69 33.44 -35.81
CA VAL E 138 -20.08 32.75 -36.95
C VAL E 138 -20.66 31.34 -37.07
N ASP E 139 -21.24 31.05 -38.23
CA ASP E 139 -21.78 29.72 -38.48
C ASP E 139 -20.63 28.74 -38.72
N ALA E 140 -19.98 28.33 -37.64
CA ALA E 140 -18.80 27.49 -37.73
C ALA E 140 -19.16 26.04 -38.06
N ASN E 141 -20.36 25.63 -37.68
CA ASN E 141 -20.82 24.26 -37.93
C ASN E 141 -21.01 23.98 -39.42
N SER E 142 -21.18 25.04 -40.20
CA SER E 142 -21.34 24.90 -41.65
C SER E 142 -20.00 24.99 -42.36
N MET E 143 -18.93 25.20 -41.58
CA MET E 143 -17.60 25.39 -42.16
C MET E 143 -16.67 24.23 -41.83
N ALA E 144 -16.92 23.56 -40.71
CA ALA E 144 -16.09 22.44 -40.29
C ALA E 144 -16.86 21.48 -39.37
N GLU E 145 -16.18 20.44 -38.92
CA GLU E 145 -16.78 19.46 -38.01
C GLU E 145 -16.17 19.52 -36.62
N ALA E 146 -17.01 19.32 -35.60
CA ALA E 146 -16.51 19.25 -34.22
C ALA E 146 -15.69 17.99 -34.03
N VAL E 147 -14.38 18.15 -33.84
CA VAL E 147 -13.48 17.01 -33.74
C VAL E 147 -13.55 16.35 -32.37
N MET E 148 -13.55 15.01 -32.37
CA MET E 148 -13.56 14.25 -31.14
C MET E 148 -12.44 13.22 -31.11
N THR E 149 -11.59 13.29 -30.08
CA THR E 149 -10.47 12.35 -29.94
C THR E 149 -10.24 11.97 -28.49
N LEU E 150 -9.52 10.87 -28.29
CA LEU E 150 -9.12 10.45 -26.95
C LEU E 150 -7.72 10.93 -26.65
N SER E 151 -7.07 11.50 -27.65
CA SER E 151 -5.72 12.02 -27.51
C SER E 151 -5.74 13.49 -27.06
N GLY E 152 -4.59 13.99 -26.62
CA GLY E 152 -4.46 15.37 -26.22
C GLY E 152 -5.14 15.70 -24.90
N ALA E 153 -5.44 14.67 -24.12
CA ALA E 153 -6.15 14.85 -22.86
C ALA E 153 -5.18 14.89 -21.68
N GLU E 154 -5.60 15.56 -20.61
CA GLU E 154 -4.83 15.67 -19.36
C GLU E 154 -3.41 16.18 -19.58
N GLY E 155 -3.24 17.12 -20.50
CA GLY E 155 -1.96 17.75 -20.72
C GLY E 155 -1.09 17.09 -21.78
N ALA E 156 -1.47 15.88 -22.19
CA ALA E 156 -0.72 15.17 -23.22
C ALA E 156 -0.87 15.85 -24.58
N THR E 157 0.08 15.61 -25.48
CA THR E 157 0.03 16.18 -26.81
C THR E 157 -1.10 15.57 -27.64
N ASP E 158 -1.72 16.39 -28.49
CA ASP E 158 -2.81 15.93 -29.34
C ASP E 158 -2.25 15.34 -30.63
N ALA E 159 -2.60 14.09 -30.90
CA ALA E 159 -2.10 13.39 -32.08
C ALA E 159 -2.92 13.72 -33.32
N THR E 160 -3.99 14.48 -33.14
CA THR E 160 -4.84 14.88 -34.27
C THR E 160 -4.51 16.28 -34.75
N GLY E 161 -3.45 16.86 -34.19
CA GLY E 161 -3.01 18.18 -34.59
C GLY E 161 -3.81 19.31 -33.96
N ILE E 162 -3.71 20.50 -34.55
CA ILE E 162 -4.38 21.68 -34.01
C ILE E 162 -5.26 22.37 -35.04
N GLY E 163 -6.54 22.53 -34.71
CA GLY E 163 -7.44 23.31 -35.53
C GLY E 163 -7.86 22.68 -36.84
N ALA E 164 -8.30 21.43 -36.78
CA ALA E 164 -8.81 20.75 -37.97
C ALA E 164 -10.32 20.93 -38.08
N GLY E 165 -10.96 21.26 -36.97
CA GLY E 165 -12.40 21.40 -36.93
C GLY E 165 -12.89 22.82 -36.72
N ILE E 166 -14.03 22.95 -36.05
CA ILE E 166 -14.69 24.24 -35.88
C ILE E 166 -13.84 25.24 -35.09
N ALA E 167 -12.76 24.78 -34.51
CA ALA E 167 -11.84 25.66 -33.79
C ALA E 167 -11.23 26.69 -34.74
N ALA E 168 -11.03 26.29 -35.99
CA ALA E 168 -10.42 27.17 -36.99
C ALA E 168 -11.36 28.32 -37.43
N PRO E 169 -12.61 28.03 -37.83
CA PRO E 169 -13.46 29.16 -38.20
C PRO E 169 -13.75 30.10 -37.04
N ILE E 170 -13.92 29.54 -35.84
CA ILE E 170 -14.21 30.33 -34.67
C ILE E 170 -13.03 31.23 -34.30
N ALA E 171 -11.83 30.69 -34.36
CA ALA E 171 -10.61 31.46 -34.10
C ALA E 171 -10.43 32.54 -35.16
N GLY E 172 -10.81 32.24 -36.39
CA GLY E 172 -10.75 33.20 -37.47
C GLY E 172 -11.72 34.34 -37.23
N ALA E 173 -12.86 34.03 -36.60
CA ALA E 173 -13.86 35.04 -36.29
C ALA E 173 -13.43 35.94 -35.14
N VAL E 174 -12.68 35.37 -34.20
CA VAL E 174 -12.16 36.11 -33.06
C VAL E 174 -11.19 37.19 -33.52
N VAL E 175 -10.28 36.80 -34.41
CA VAL E 175 -9.24 37.69 -34.91
C VAL E 175 -9.80 38.88 -35.67
N LYS E 176 -10.79 38.63 -36.51
CA LYS E 176 -11.39 39.69 -37.33
C LYS E 176 -12.12 40.71 -36.48
N ALA E 177 -12.55 40.27 -35.30
CA ALA E 177 -13.27 41.16 -34.40
C ALA E 177 -12.35 41.91 -33.45
N THR E 178 -11.27 41.25 -33.02
CA THR E 178 -10.43 41.79 -31.95
C THR E 178 -9.00 42.10 -32.40
N GLY E 179 -8.53 41.38 -33.41
CA GLY E 179 -7.16 41.54 -33.87
C GLY E 179 -6.16 41.10 -32.81
N ILE E 180 -6.54 40.10 -32.02
CA ILE E 180 -5.73 39.61 -30.92
C ILE E 180 -4.38 39.09 -31.44
N VAL E 181 -4.39 38.48 -32.61
CA VAL E 181 -3.18 38.08 -33.31
C VAL E 181 -3.34 38.40 -34.79
N ASP E 182 -2.26 38.30 -35.55
CA ASP E 182 -2.33 38.49 -36.99
C ASP E 182 -2.93 37.23 -37.63
N VAL E 183 -3.91 37.42 -38.50
CA VAL E 183 -4.65 36.31 -39.10
C VAL E 183 -3.73 35.38 -39.89
N GLU E 184 -2.67 35.94 -40.45
CA GLU E 184 -1.74 35.14 -41.25
C GLU E 184 -0.85 34.28 -40.37
N ASN E 185 -0.73 34.66 -39.10
CA ASN E 185 -0.05 33.81 -38.12
C ASN E 185 -0.97 32.68 -37.67
N LEU E 186 -2.24 33.00 -37.51
CA LEU E 186 -3.25 32.01 -37.14
C LEU E 186 -3.41 30.97 -38.24
N ALA E 187 -3.17 31.40 -39.48
CA ALA E 187 -3.28 30.51 -40.63
C ALA E 187 -2.18 29.46 -40.64
N ALA E 188 -1.03 29.83 -40.08
CA ALA E 188 0.14 28.96 -40.11
C ALA E 188 0.13 27.90 -39.01
N VAL E 189 -0.81 28.00 -38.08
CA VAL E 189 -0.83 27.10 -36.93
C VAL E 189 -2.04 26.17 -36.89
N VAL E 190 -2.94 26.29 -37.86
CA VAL E 190 -4.12 25.43 -37.89
C VAL E 190 -4.08 24.45 -39.07
N LYS E 191 -4.65 23.27 -38.86
CA LYS E 191 -4.68 22.23 -39.88
C LYS E 191 -5.73 22.51 -40.94
N ASN E 192 -6.65 23.41 -40.63
CA ASN E 192 -7.72 23.77 -41.56
C ASN E 192 -7.78 25.28 -41.79
N PRO E 193 -6.79 25.82 -42.52
CA PRO E 193 -6.73 27.26 -42.75
C PRO E 193 -7.86 27.75 -43.66
N ALA E 194 -8.38 26.89 -44.51
CA ALA E 194 -9.46 27.25 -45.42
C ALA E 194 -10.73 27.59 -44.64
N ALA E 195 -11.05 26.75 -43.65
CA ALA E 195 -12.21 26.97 -42.81
C ALA E 195 -12.01 28.20 -41.93
N MET E 196 -10.77 28.40 -41.48
CA MET E 196 -10.43 29.56 -40.66
C MET E 196 -10.70 30.84 -41.42
N ARG E 197 -10.31 30.87 -42.69
CA ARG E 197 -10.51 32.06 -43.52
C ARG E 197 -11.99 32.29 -43.83
N ARG E 198 -12.77 31.21 -43.81
CA ARG E 198 -14.22 31.33 -43.94
C ARG E 198 -14.81 32.02 -42.71
N GLY E 199 -14.32 31.64 -41.54
CA GLY E 199 -14.77 32.24 -40.30
C GLY E 199 -14.37 33.70 -40.21
N TYR E 200 -13.15 33.99 -40.65
CA TYR E 200 -12.63 35.36 -40.70
C TYR E 200 -13.49 36.22 -41.61
N ALA E 201 -13.85 35.68 -42.77
CA ALA E 201 -14.57 36.43 -43.78
C ALA E 201 -16.07 36.54 -43.51
N GLU E 202 -16.69 35.47 -43.03
CA GLU E 202 -18.14 35.38 -42.97
C GLU E 202 -18.74 35.74 -41.61
N ALA E 203 -17.90 35.93 -40.60
CA ALA E 203 -18.38 36.32 -39.28
C ALA E 203 -19.07 37.68 -39.32
N GLN E 204 -20.11 37.82 -38.51
CA GLN E 204 -20.88 39.06 -38.43
C GLN E 204 -20.64 39.78 -37.12
N VAL E 205 -20.17 41.02 -37.20
CA VAL E 205 -19.81 41.79 -36.03
C VAL E 205 -20.74 42.98 -35.83
N ARG E 206 -21.34 43.09 -34.65
CA ARG E 206 -22.13 44.26 -34.30
C ARG E 206 -21.55 44.95 -33.08
N GLN E 207 -21.34 46.25 -33.18
CA GLN E 207 -20.92 47.03 -32.04
C GLN E 207 -22.14 47.35 -31.18
N LEU E 208 -22.01 47.12 -29.88
CA LEU E 208 -23.12 47.32 -28.95
C LEU E 208 -23.22 48.78 -28.50
N PRO E 209 -24.42 49.22 -28.10
CA PRO E 209 -24.59 50.57 -27.55
C PRO E 209 -23.76 50.75 -26.28
N PRO E 210 -23.27 51.98 -26.03
CA PRO E 210 -22.41 52.28 -24.88
C PRO E 210 -23.01 51.87 -23.53
N HIS E 211 -22.19 51.22 -22.71
CA HIS E 211 -22.59 50.86 -21.35
C HIS E 211 -21.66 51.53 -20.35
N GLU E 212 -22.01 52.75 -19.95
CA GLU E 212 -21.14 53.55 -19.10
C GLU E 212 -21.32 53.26 -17.61
N ALA E 213 -22.36 52.50 -17.28
CA ALA E 213 -22.66 52.22 -15.88
C ALA E 213 -22.36 50.77 -15.52
N VAL E 214 -21.37 50.19 -16.18
CA VAL E 214 -20.97 48.82 -15.88
C VAL E 214 -19.94 48.80 -14.75
N GLU E 215 -20.19 47.97 -13.75
CA GLU E 215 -19.36 47.92 -12.54
C GLU E 215 -17.94 47.45 -12.83
N GLU E 216 -17.06 47.62 -11.85
CA GLU E 216 -15.66 47.22 -11.97
C GLU E 216 -15.25 46.32 -10.81
N VAL E 219 -14.14 42.27 -8.39
CA VAL E 219 -13.95 41.41 -7.23
C VAL E 219 -12.71 40.55 -7.36
N SER E 220 -12.61 39.54 -6.50
CA SER E 220 -11.52 38.57 -6.57
C SER E 220 -12.09 37.15 -6.59
N ALA E 221 -12.56 36.73 -7.76
CA ALA E 221 -13.34 35.51 -7.92
C ALA E 221 -12.60 34.25 -7.45
N THR E 222 -11.32 34.15 -7.79
CA THR E 222 -10.56 32.93 -7.52
C THR E 222 -10.08 32.84 -6.06
N GLU E 223 -10.44 33.83 -5.25
CA GLU E 223 -10.03 33.85 -3.85
C GLU E 223 -11.14 33.34 -2.94
N LEU E 224 -12.21 32.84 -3.55
CA LEU E 224 -13.36 32.36 -2.79
C LEU E 224 -13.21 30.89 -2.40
N LEU E 225 -13.53 30.59 -1.15
CA LEU E 225 -13.49 29.21 -0.65
C LEU E 225 -14.91 28.68 -0.48
N ARG E 226 -15.03 27.37 -0.26
CA ARG E 226 -16.32 26.75 0.01
C ARG E 226 -16.17 25.76 1.16
N GLN E 227 -16.80 26.05 2.30
CA GLN E 227 -16.64 25.20 3.46
C GLN E 227 -17.70 24.10 3.52
N MET E 228 -17.29 22.94 4.02
CA MET E 228 -18.15 21.77 4.08
C MET E 228 -18.50 21.45 5.53
N PRO E 229 -19.52 20.60 5.74
CA PRO E 229 -19.83 20.17 7.12
C PRO E 229 -18.74 19.29 7.72
N PHE E 230 -19.02 18.76 8.91
CA PHE E 230 -18.12 17.85 9.62
C PHE E 230 -17.63 16.72 8.71
N ALA E 231 -16.32 16.69 8.48
CA ALA E 231 -15.67 15.67 7.65
C ALA E 231 -16.19 15.64 6.21
N GLY E 232 -16.86 16.71 5.80
CA GLY E 232 -17.40 16.79 4.45
C GLY E 232 -18.60 15.90 4.23
N THR E 233 -19.17 15.38 5.32
CA THR E 233 -20.34 14.51 5.23
C THR E 233 -21.61 15.33 5.03
N VAL E 234 -22.39 14.96 4.01
CA VAL E 234 -23.63 15.67 3.69
C VAL E 234 -24.83 14.75 3.82
N PRO E 235 -26.00 15.32 4.17
CA PRO E 235 -27.23 14.53 4.25
C PRO E 235 -27.64 14.00 2.89
N SER E 236 -28.26 12.82 2.86
CA SER E 236 -28.75 12.25 1.62
C SER E 236 -29.96 13.04 1.13
N PRO E 237 -29.99 13.37 -0.16
CA PRO E 237 -31.13 14.09 -0.74
C PRO E 237 -32.38 13.21 -0.75
N VAL E 238 -33.55 13.83 -0.70
CA VAL E 238 -34.81 13.09 -0.66
C VAL E 238 -35.39 12.90 -2.06
N THR E 239 -35.36 13.96 -2.87
CA THR E 239 -35.94 13.92 -4.21
C THR E 239 -34.98 14.43 -5.28
N GLU E 240 -34.08 15.33 -4.89
CA GLU E 240 -33.18 15.95 -5.85
C GLU E 240 -31.85 16.36 -5.22
N ASN E 241 -30.79 16.35 -6.03
CA ASN E 241 -29.48 16.82 -5.60
C ASN E 241 -29.19 18.20 -6.19
N GLU E 242 -29.55 19.24 -5.44
CA GLU E 242 -29.41 20.61 -5.92
C GLU E 242 -27.95 21.08 -5.94
N GLY E 243 -27.04 20.24 -5.48
CA GLY E 243 -25.62 20.54 -5.52
C GLY E 243 -25.07 20.45 -6.92
N MET E 244 -25.83 19.81 -7.80
CA MET E 244 -25.42 19.64 -9.20
C MET E 244 -26.65 19.70 -10.12
N VAL E 245 -27.12 20.92 -10.38
CA VAL E 245 -28.22 21.13 -11.30
C VAL E 245 -27.70 21.10 -12.73
N THR E 246 -28.17 20.13 -13.51
CA THR E 246 -27.58 19.85 -14.81
C THR E 246 -28.47 20.28 -15.97
N GLY E 247 -29.44 21.15 -15.70
CA GLY E 247 -30.33 21.63 -16.73
C GLY E 247 -29.63 22.42 -17.81
N ASN E 248 -28.53 23.09 -17.45
CA ASN E 248 -27.81 23.93 -18.41
C ASN E 248 -26.82 23.15 -19.27
N TRP E 249 -27.00 21.84 -19.33
CA TRP E 249 -26.18 21.00 -20.21
C TRP E 249 -26.85 20.89 -21.57
N ARG E 250 -28.13 21.23 -21.63
CA ARG E 250 -28.95 21.00 -22.82
C ARG E 250 -28.55 21.83 -24.03
N ILE E 251 -28.34 21.14 -25.15
CA ILE E 251 -28.29 21.77 -26.46
C ILE E 251 -29.60 21.45 -27.17
N GLN E 252 -30.36 20.55 -26.55
CA GLN E 252 -31.66 20.12 -27.06
C GLN E 252 -32.50 19.61 -25.89
N ARG E 253 -33.80 19.44 -26.12
CA ARG E 253 -34.68 18.90 -25.09
C ARG E 253 -35.75 18.02 -25.73
N PRO E 254 -36.25 17.03 -24.96
CA PRO E 254 -37.32 16.16 -25.46
C PRO E 254 -38.70 16.80 -25.38
N ILE E 255 -39.43 16.78 -26.49
CA ILE E 255 -40.80 17.30 -26.53
C ILE E 255 -41.76 16.18 -26.86
N ILE E 256 -42.81 16.04 -26.06
CA ILE E 256 -43.70 14.89 -26.19
C ILE E 256 -45.02 15.21 -26.92
N ASP E 257 -45.39 14.31 -27.82
CA ASP E 257 -46.72 14.31 -28.42
C ASP E 257 -47.55 13.26 -27.70
N ARG E 258 -48.35 13.70 -26.73
CA ARG E 258 -49.05 12.78 -25.84
C ARG E 258 -50.18 12.02 -26.54
N GLU E 259 -50.61 12.50 -27.70
CA GLU E 259 -51.62 11.81 -28.48
C GLU E 259 -51.01 10.57 -29.15
N ALA E 260 -49.69 10.56 -29.23
CA ALA E 260 -48.97 9.42 -29.82
C ALA E 260 -48.40 8.52 -28.72
N CYS E 261 -48.15 9.09 -27.55
CA CYS E 261 -47.60 8.35 -26.43
C CYS E 261 -48.55 7.26 -25.96
N THR E 262 -48.02 6.05 -25.80
CA THR E 262 -48.81 4.91 -25.35
C THR E 262 -48.64 4.67 -23.85
N GLU E 263 -47.81 5.50 -23.22
CA GLU E 263 -47.51 5.38 -21.80
C GLU E 263 -46.93 4.02 -21.45
N CYS E 264 -46.07 3.52 -22.34
CA CYS E 264 -45.35 2.27 -22.11
C CYS E 264 -44.25 2.48 -21.07
N TYR E 265 -43.87 3.74 -20.88
CA TYR E 265 -42.83 4.15 -19.93
C TYR E 265 -41.49 3.49 -20.20
N THR E 266 -41.20 3.26 -21.48
CA THR E 266 -39.88 2.77 -21.89
C THR E 266 -38.83 3.85 -21.68
N CYS E 267 -39.21 5.09 -22.02
CA CYS E 267 -38.34 6.24 -21.80
C CYS E 267 -37.99 6.40 -20.34
N TRP E 268 -38.98 6.17 -19.48
CA TRP E 268 -38.85 6.37 -18.04
C TRP E 268 -37.83 5.45 -17.38
N ILE E 269 -37.76 4.20 -17.84
CA ILE E 269 -36.87 3.22 -17.23
C ILE E 269 -35.43 3.39 -17.69
N TYR E 270 -35.22 4.15 -18.76
CA TYR E 270 -33.90 4.26 -19.38
C TYR E 270 -33.19 5.58 -19.13
N CYS E 271 -33.89 6.57 -18.58
CA CYS E 271 -33.26 7.86 -18.28
C CYS E 271 -32.23 7.69 -17.15
N PRO E 272 -30.96 8.00 -17.45
CA PRO E 272 -29.87 7.86 -16.47
C PRO E 272 -29.94 8.90 -15.37
N ASP E 273 -30.70 9.97 -15.60
CA ASP E 273 -30.73 11.10 -14.68
C ASP E 273 -32.06 11.25 -13.93
N SER E 274 -32.90 10.23 -14.02
CA SER E 274 -34.16 10.17 -13.28
C SER E 274 -35.07 11.38 -13.52
N CYS E 275 -35.06 11.90 -14.73
CA CYS E 275 -35.81 13.11 -15.04
C CYS E 275 -37.25 12.85 -15.48
N ILE E 276 -37.64 11.59 -15.51
CA ILE E 276 -38.99 11.24 -15.91
C ILE E 276 -39.80 10.65 -14.75
N THR E 277 -41.00 11.15 -14.56
CA THR E 277 -41.88 10.66 -13.50
C THR E 277 -43.20 10.15 -14.09
N ARG E 278 -43.67 9.02 -13.60
CA ARG E 278 -44.94 8.45 -14.06
C ARG E 278 -46.13 9.21 -13.50
N THR E 279 -47.05 9.60 -14.38
CA THR E 279 -48.30 10.23 -13.96
C THR E 279 -49.48 9.61 -14.71
N GLU E 280 -50.69 9.90 -14.25
CA GLU E 280 -51.89 9.41 -14.91
C GLU E 280 -52.11 10.12 -16.24
N GLU E 281 -51.37 11.21 -16.46
CA GLU E 281 -51.43 11.93 -17.71
C GLU E 281 -50.32 11.45 -18.65
N GLY E 282 -49.49 10.55 -18.16
CA GLY E 282 -48.35 10.06 -18.91
C GLY E 282 -47.04 10.48 -18.26
N PRO E 283 -45.92 10.26 -18.96
CA PRO E 283 -44.60 10.63 -18.43
C PRO E 283 -44.40 12.14 -18.30
N VAL E 284 -43.78 12.56 -17.20
CA VAL E 284 -43.49 13.98 -16.99
C VAL E 284 -41.98 14.21 -16.90
N PHE E 285 -41.48 15.14 -17.71
CA PHE E 285 -40.05 15.34 -17.86
C PHE E 285 -39.55 16.53 -17.02
N ASN E 286 -38.50 16.30 -16.25
CA ASN E 286 -37.93 17.33 -15.39
C ASN E 286 -36.87 18.17 -16.10
N MET E 287 -37.26 19.39 -16.50
CA MET E 287 -36.37 20.25 -17.27
C MET E 287 -35.34 20.96 -16.40
N LYS E 288 -35.47 20.83 -15.09
CA LYS E 288 -34.50 21.43 -14.17
C LYS E 288 -33.17 20.67 -14.22
N TYR E 289 -33.24 19.37 -14.51
CA TYR E 289 -32.05 18.52 -14.48
C TYR E 289 -31.73 17.85 -15.82
N CYS E 290 -32.73 17.76 -16.70
CA CYS E 290 -32.58 17.08 -17.99
C CYS E 290 -31.36 17.59 -18.75
N LYS E 291 -30.55 16.66 -19.25
CA LYS E 291 -29.31 17.01 -19.93
C LYS E 291 -29.48 17.01 -21.45
N GLY E 292 -30.69 16.68 -21.90
CA GLY E 292 -30.95 16.59 -23.33
C GLY E 292 -30.07 15.56 -24.01
N CYS E 293 -29.82 14.45 -23.31
CA CYS E 293 -28.98 13.39 -23.85
C CYS E 293 -29.64 12.75 -25.06
N GLY E 294 -30.97 12.64 -25.03
CA GLY E 294 -31.74 12.14 -26.15
C GLY E 294 -32.04 10.65 -26.10
N LEU E 295 -31.67 10.00 -25.00
CA LEU E 295 -31.91 8.58 -24.83
C LEU E 295 -33.40 8.25 -24.85
N CYS E 296 -34.20 9.09 -24.17
CA CYS E 296 -35.64 8.88 -24.09
C CYS E 296 -36.27 8.94 -25.48
N THR E 297 -35.79 9.86 -26.31
CA THR E 297 -36.26 9.97 -27.69
C THR E 297 -35.82 8.76 -28.50
N ALA E 298 -34.62 8.27 -28.21
CA ALA E 298 -34.04 7.16 -28.96
C ALA E 298 -34.66 5.82 -28.61
N VAL E 299 -35.26 5.72 -27.42
CA VAL E 299 -35.86 4.46 -26.99
C VAL E 299 -37.38 4.49 -27.09
N CYS E 300 -37.93 5.67 -27.34
CA CYS E 300 -39.38 5.80 -27.54
C CYS E 300 -39.78 5.14 -28.85
N PRO E 301 -40.62 4.09 -28.77
CA PRO E 301 -41.00 3.28 -29.92
C PRO E 301 -42.18 3.84 -30.71
N SER E 302 -42.88 4.82 -30.14
CA SER E 302 -44.07 5.39 -30.79
C SER E 302 -43.76 6.68 -31.53
N GLY E 303 -42.57 7.23 -31.29
CA GLY E 303 -42.16 8.48 -31.91
C GLY E 303 -42.89 9.67 -31.30
N ALA E 304 -43.34 9.50 -30.06
CA ALA E 304 -44.02 10.57 -29.34
C ALA E 304 -43.03 11.66 -28.93
N LEU E 305 -41.77 11.29 -28.81
CA LEU E 305 -40.73 12.21 -28.40
C LEU E 305 -39.87 12.69 -29.57
N THR E 306 -39.54 13.97 -29.58
CA THR E 306 -38.60 14.53 -30.54
C THR E 306 -37.65 15.49 -29.86
N ASN E 307 -36.40 15.51 -30.32
CA ASN E 307 -35.42 16.45 -29.80
C ASN E 307 -35.54 17.79 -30.50
N VAL E 308 -35.62 18.86 -29.72
CA VAL E 308 -35.73 20.21 -30.27
C VAL E 308 -34.66 21.10 -29.66
N PRO E 309 -33.91 21.83 -30.52
CA PRO E 309 -32.83 22.73 -30.09
C PRO E 309 -33.25 23.63 -28.93
N GLU E 310 -32.35 23.82 -27.97
CA GLU E 310 -32.67 24.53 -26.73
C GLU E 310 -33.06 25.99 -26.96
N LEU E 311 -32.45 26.62 -27.96
CA LEU E 311 -32.70 28.03 -28.22
C LEU E 311 -34.04 28.28 -28.91
N ASP E 312 -34.75 27.20 -29.22
CA ASP E 312 -36.09 27.32 -29.79
C ASP E 312 -37.11 27.64 -28.71
N PHE E 313 -36.68 27.59 -27.45
CA PHE E 313 -37.56 27.80 -26.32
C PHE E 313 -37.24 29.09 -25.59
N LYS E 314 -38.27 29.83 -25.18
CA LYS E 314 -38.10 31.09 -24.47
C LYS E 314 -37.90 30.87 -22.97
N ASP E 315 -37.66 29.61 -22.59
CA ASP E 315 -37.43 29.25 -21.20
C ASP E 315 -36.05 29.69 -20.74
N MET F 1 -38.19 -10.66 1.90
CA MET F 1 -37.51 -10.89 0.64
C MET F 1 -37.94 -9.86 -0.41
N LEU F 2 -37.05 -9.57 -1.34
CA LEU F 2 -37.36 -8.69 -2.46
C LEU F 2 -37.85 -9.51 -3.65
N ASP F 3 -39.16 -9.47 -3.90
CA ASP F 3 -39.76 -10.29 -4.94
C ASP F 3 -39.54 -9.72 -6.34
N ARG F 4 -39.77 -10.55 -7.34
CA ARG F 4 -39.42 -10.26 -8.73
C ARG F 4 -40.22 -9.10 -9.32
N ILE F 5 -39.58 -8.37 -10.24
CA ILE F 5 -40.23 -7.32 -11.01
C ILE F 5 -40.69 -7.89 -12.35
N ALA F 6 -41.99 -7.81 -12.62
CA ALA F 6 -42.58 -8.49 -13.78
C ALA F 6 -42.36 -7.75 -15.10
N SER F 7 -42.34 -6.42 -15.04
CA SER F 7 -42.18 -5.62 -16.24
C SER F 7 -41.78 -4.18 -15.95
N ILE F 8 -41.60 -3.39 -17.01
CA ILE F 8 -41.32 -1.98 -16.87
C ILE F 8 -42.48 -1.26 -16.19
N LYS F 9 -43.70 -1.57 -16.63
CA LYS F 9 -44.90 -0.99 -16.05
C LYS F 9 -45.07 -1.39 -14.57
N LYS F 10 -44.59 -2.58 -14.23
CA LYS F 10 -44.74 -3.08 -12.87
C LYS F 10 -43.47 -2.88 -12.05
N ALA F 11 -42.60 -1.99 -12.53
CA ALA F 11 -41.39 -1.63 -11.81
C ALA F 11 -41.73 -0.60 -10.73
N PRO F 12 -40.89 -0.52 -9.67
CA PRO F 12 -41.11 0.47 -8.61
C PRO F 12 -40.98 1.91 -9.09
N ASP F 13 -41.89 2.78 -8.66
CA ASP F 13 -41.85 4.19 -9.00
C ASP F 13 -40.72 4.91 -8.27
N GLU F 14 -40.40 4.43 -7.08
CA GLU F 14 -39.45 5.09 -6.19
C GLU F 14 -38.05 5.17 -6.77
N GLU F 15 -37.41 6.31 -6.60
CA GLU F 15 -36.03 6.51 -7.02
C GLU F 15 -35.16 6.77 -5.80
N TYR F 16 -34.11 5.97 -5.64
CA TYR F 16 -33.16 6.18 -4.56
C TYR F 16 -31.83 6.65 -5.14
N TYR F 17 -31.87 6.90 -6.44
CA TYR F 17 -30.78 7.56 -7.16
C TYR F 17 -31.41 8.76 -7.88
N VAL F 18 -31.39 9.90 -7.22
CA VAL F 18 -32.17 11.07 -7.64
C VAL F 18 -31.44 11.94 -8.68
N PRO F 19 -32.18 12.81 -9.38
CA PRO F 19 -31.56 13.73 -10.33
C PRO F 19 -30.54 14.66 -9.69
N GLY F 20 -29.46 14.96 -10.41
CA GLY F 20 -28.45 15.86 -9.92
C GLY F 20 -27.09 15.22 -9.72
N HIS F 21 -26.40 14.93 -10.83
CA HIS F 21 -25.05 14.39 -10.78
C HIS F 21 -24.27 14.72 -12.04
N ARG F 22 -22.97 14.95 -11.88
CA ARG F 22 -22.12 15.36 -12.98
C ARG F 22 -21.66 14.16 -13.82
N THR F 23 -22.61 13.32 -14.20
CA THR F 23 -22.32 12.21 -15.09
C THR F 23 -22.58 12.62 -16.53
N CYS F 24 -21.86 12.02 -17.47
CA CYS F 24 -22.06 12.29 -18.89
C CYS F 24 -23.52 12.13 -19.30
N ALA F 25 -23.95 12.91 -20.28
CA ALA F 25 -25.26 12.72 -20.87
C ALA F 25 -25.30 11.34 -21.49
N GLY F 26 -26.31 10.55 -21.12
CA GLY F 26 -26.44 9.20 -21.64
C GLY F 26 -25.44 8.24 -21.02
N CYS F 27 -25.03 8.53 -19.78
CA CYS F 27 -24.06 7.71 -19.08
C CYS F 27 -24.64 6.34 -18.73
N GLY F 28 -24.02 5.30 -19.28
CA GLY F 28 -24.42 3.93 -19.01
C GLY F 28 -24.38 3.54 -17.53
N PRO F 29 -23.20 3.68 -16.90
CA PRO F 29 -23.07 3.41 -15.46
C PRO F 29 -24.04 4.20 -14.57
N ALA F 30 -24.38 5.43 -14.98
CA ALA F 30 -25.34 6.22 -14.23
C ALA F 30 -26.69 5.52 -14.17
N LEU F 31 -27.14 5.05 -15.32
CA LEU F 31 -28.39 4.28 -15.41
C LEU F 31 -28.28 3.00 -14.58
N THR F 32 -27.12 2.37 -14.63
CA THR F 32 -26.85 1.18 -13.83
C THR F 32 -27.10 1.46 -12.36
N TYR F 33 -26.52 2.55 -11.88
CA TYR F 33 -26.66 2.95 -10.49
C TYR F 33 -28.12 3.22 -10.15
N ARG F 34 -28.82 3.87 -11.08
CA ARG F 34 -30.23 4.18 -10.87
C ARG F 34 -31.09 2.93 -10.74
N LEU F 35 -30.89 1.99 -11.65
CA LEU F 35 -31.64 0.73 -11.65
C LEU F 35 -31.31 -0.10 -10.42
N VAL F 36 -30.03 -0.14 -10.06
CA VAL F 36 -29.58 -0.86 -8.86
C VAL F 36 -30.21 -0.28 -7.61
N ALA F 37 -30.20 1.04 -7.50
CA ALA F 37 -30.77 1.73 -6.35
C ALA F 37 -32.28 1.52 -6.26
N LYS F 38 -32.95 1.55 -7.41
CA LYS F 38 -34.39 1.32 -7.47
C LYS F 38 -34.75 -0.09 -7.03
N ALA F 39 -33.91 -1.05 -7.40
CA ALA F 39 -34.16 -2.45 -7.08
C ALA F 39 -33.85 -2.75 -5.61
N ALA F 40 -32.84 -2.08 -5.06
CA ALA F 40 -32.35 -2.39 -3.72
C ALA F 40 -33.26 -1.86 -2.62
N GLY F 41 -33.91 -0.74 -2.86
CA GLY F 41 -34.80 -0.16 -1.87
C GLY F 41 -34.09 0.70 -0.85
N PRO F 42 -34.82 1.19 0.16
CA PRO F 42 -34.32 2.13 1.17
C PRO F 42 -33.42 1.51 2.24
N ASN F 43 -33.55 0.22 2.49
CA ASN F 43 -32.71 -0.45 3.49
C ASN F 43 -31.40 -0.88 2.85
N THR F 44 -30.62 0.09 2.40
CA THR F 44 -29.43 -0.18 1.59
C THR F 44 -28.26 0.74 1.94
N ILE F 45 -27.06 0.18 1.94
CA ILE F 45 -25.84 0.96 2.10
C ILE F 45 -24.92 0.75 0.90
N PHE F 46 -24.66 1.82 0.16
CA PHE F 46 -23.77 1.73 -1.00
C PHE F 46 -22.31 1.99 -0.62
N ILE F 47 -21.42 1.19 -1.18
CA ILE F 47 -19.99 1.41 -1.04
C ILE F 47 -19.42 1.74 -2.40
N GLY F 48 -18.86 2.94 -2.53
CA GLY F 48 -18.38 3.42 -3.81
C GLY F 48 -16.89 3.59 -3.91
N PRO F 49 -16.18 2.58 -4.44
CA PRO F 49 -14.75 2.71 -4.71
C PRO F 49 -14.50 3.83 -5.72
N THR F 50 -13.33 4.46 -5.65
CA THR F 50 -13.04 5.61 -6.49
C THR F 50 -13.16 5.27 -7.98
N GLY F 51 -13.84 6.15 -8.71
CA GLY F 51 -14.13 5.93 -10.12
C GLY F 51 -15.18 6.93 -10.55
N CYS F 52 -15.71 6.78 -11.76
CA CYS F 52 -16.72 7.70 -12.27
C CYS F 52 -17.95 7.76 -11.37
N MET F 53 -18.47 6.60 -10.98
CA MET F 53 -19.68 6.55 -10.18
C MET F 53 -19.46 7.02 -8.75
N TYR F 54 -18.21 7.38 -8.44
CA TYR F 54 -17.93 8.14 -7.23
C TYR F 54 -17.77 9.61 -7.59
N VAL F 55 -16.75 9.91 -8.39
CA VAL F 55 -16.40 11.29 -8.71
C VAL F 55 -17.51 12.04 -9.43
N ALA F 56 -18.00 11.48 -10.52
CA ALA F 56 -19.02 12.14 -11.34
C ALA F 56 -20.32 12.34 -10.57
N ASN F 57 -20.60 11.46 -9.61
CA ASN F 57 -21.83 11.55 -8.84
C ASN F 57 -21.74 12.54 -7.69
N THR F 58 -20.53 12.80 -7.20
CA THR F 58 -20.35 13.62 -6.01
C THR F 58 -19.75 15.00 -6.25
N SER F 59 -19.30 15.25 -7.47
CA SER F 59 -18.75 16.56 -7.83
C SER F 59 -19.84 17.63 -7.86
N TYR F 60 -19.74 18.63 -6.99
CA TYR F 60 -18.72 18.71 -5.95
C TYR F 60 -19.36 18.88 -4.58
N GLY F 61 -18.93 18.06 -3.62
CA GLY F 61 -19.41 18.17 -2.25
C GLY F 61 -20.88 17.82 -2.09
N CYS F 62 -21.40 17.02 -3.00
CA CYS F 62 -22.81 16.61 -2.94
C CYS F 62 -22.96 15.14 -3.32
N GLY F 63 -24.19 14.72 -3.59
CA GLY F 63 -24.46 13.33 -3.94
C GLY F 63 -25.91 13.08 -4.27
N PRO F 64 -26.18 12.06 -5.10
CA PRO F 64 -27.53 11.73 -5.57
C PRO F 64 -28.20 10.58 -4.84
N TRP F 65 -27.52 9.97 -3.88
CA TRP F 65 -28.06 8.78 -3.22
C TRP F 65 -29.00 9.13 -2.08
N ARG F 66 -30.19 8.55 -2.13
CA ARG F 66 -31.23 8.76 -1.14
C ARG F 66 -30.97 7.88 0.09
N VAL F 67 -30.13 6.87 -0.10
CA VAL F 67 -29.75 5.96 0.97
C VAL F 67 -28.31 6.27 1.41
N PRO F 68 -27.87 5.69 2.55
CA PRO F 68 -26.48 5.90 2.98
C PRO F 68 -25.44 5.48 1.93
N TRP F 69 -24.38 6.26 1.83
CA TRP F 69 -23.29 5.99 0.91
C TRP F 69 -21.97 6.43 1.54
N ILE F 70 -20.92 5.64 1.35
CA ILE F 70 -19.61 5.99 1.86
C ILE F 70 -18.53 5.78 0.80
N HIS F 71 -17.57 6.70 0.75
CA HIS F 71 -16.45 6.58 -0.18
C HIS F 71 -15.52 5.45 0.23
N ALA F 72 -15.03 4.72 -0.76
CA ALA F 72 -14.02 3.69 -0.53
C ALA F 72 -12.90 3.89 -1.53
N GLN F 73 -11.70 3.44 -1.17
CA GLN F 73 -10.59 3.46 -2.11
C GLN F 73 -10.88 2.46 -3.22
N ILE F 74 -10.31 2.70 -4.40
CA ILE F 74 -10.48 1.77 -5.51
C ILE F 74 -9.82 0.43 -5.19
N THR F 75 -8.97 0.44 -4.17
CA THR F 75 -8.21 -0.74 -3.77
C THR F 75 -8.91 -1.62 -2.73
N ASN F 76 -9.96 -1.09 -2.08
CA ASN F 76 -10.50 -1.77 -0.92
C ASN F 76 -12.03 -1.84 -0.81
N GLY F 77 -12.71 -1.77 -1.95
CA GLY F 77 -14.16 -1.84 -1.97
C GLY F 77 -14.70 -3.04 -1.22
N GLY F 78 -14.14 -4.21 -1.49
CA GLY F 78 -14.57 -5.43 -0.83
C GLY F 78 -14.25 -5.45 0.64
N ALA F 79 -13.12 -4.86 1.02
CA ALA F 79 -12.70 -4.83 2.41
C ALA F 79 -13.55 -3.84 3.22
N VAL F 80 -13.80 -2.67 2.64
CA VAL F 80 -14.69 -1.69 3.26
C VAL F 80 -16.07 -2.31 3.43
N ALA F 81 -16.50 -3.04 2.41
CA ALA F 81 -17.80 -3.70 2.43
C ALA F 81 -17.78 -4.94 3.29
N SER F 82 -16.63 -5.32 3.80
CA SER F 82 -16.56 -6.40 4.77
C SER F 82 -16.74 -5.85 6.18
N GLY F 83 -16.24 -4.64 6.40
CA GLY F 83 -16.28 -4.02 7.72
C GLY F 83 -17.67 -3.64 8.19
N ILE F 84 -18.43 -2.99 7.31
CA ILE F 84 -19.79 -2.55 7.65
C ILE F 84 -20.68 -3.75 7.97
N GLU F 85 -20.45 -4.85 7.27
CA GLU F 85 -21.20 -6.09 7.49
C GLU F 85 -20.80 -6.71 8.82
N ALA F 86 -19.51 -6.72 9.10
CA ALA F 86 -19.00 -7.22 10.38
C ALA F 86 -19.50 -6.32 11.51
N ALA F 87 -19.48 -5.01 11.26
CA ALA F 87 -19.93 -4.04 12.25
C ALA F 87 -21.41 -4.24 12.57
N TYR F 88 -22.22 -4.39 11.53
CA TYR F 88 -23.66 -4.53 11.71
C TYR F 88 -24.05 -5.83 12.38
N LYS F 89 -23.30 -6.90 12.11
CA LYS F 89 -23.56 -8.19 12.75
C LYS F 89 -23.19 -8.16 14.22
N ALA F 90 -22.08 -7.48 14.52
CA ALA F 90 -21.60 -7.38 15.90
C ALA F 90 -22.49 -6.46 16.74
N MET F 91 -22.80 -5.29 16.21
CA MET F 91 -23.62 -4.31 16.92
C MET F 91 -25.02 -4.87 17.22
N ILE F 92 -25.54 -5.68 16.31
CA ILE F 92 -26.85 -6.30 16.48
C ILE F 92 -26.79 -7.44 17.51
N ARG F 93 -25.78 -8.30 17.39
CA ARG F 93 -25.60 -9.42 18.29
C ARG F 93 -25.32 -8.95 19.72
N LYS F 94 -24.56 -7.87 19.84
CA LYS F 94 -24.19 -7.33 21.15
C LYS F 94 -25.22 -6.33 21.65
N LYS F 95 -26.33 -6.22 20.93
CA LYS F 95 -27.46 -5.37 21.30
C LYS F 95 -27.06 -3.91 21.52
N LYS F 96 -26.25 -3.38 20.61
CA LYS F 96 -25.83 -1.99 20.70
C LYS F 96 -26.58 -1.12 19.69
N THR F 97 -27.39 -1.76 18.86
CA THR F 97 -28.20 -1.05 17.88
C THR F 97 -29.54 -1.73 17.67
N ASP F 98 -30.55 -0.94 17.28
CA ASP F 98 -31.87 -1.48 17.01
C ASP F 98 -32.15 -1.46 15.51
N ALA F 99 -31.12 -1.15 14.73
CA ALA F 99 -31.22 -1.16 13.28
C ALA F 99 -31.30 -2.58 12.76
N GLU F 100 -31.86 -2.75 11.57
CA GLU F 100 -31.95 -4.06 10.95
C GLU F 100 -30.78 -4.27 10.00
N PHE F 101 -30.51 -5.52 9.65
CA PHE F 101 -29.42 -5.83 8.74
C PHE F 101 -29.77 -5.34 7.34
N PRO F 102 -28.97 -4.40 6.81
CA PRO F 102 -29.25 -3.73 5.54
C PRO F 102 -28.67 -4.43 4.33
N ASN F 103 -29.17 -4.09 3.15
CA ASN F 103 -28.52 -4.48 1.91
C ASN F 103 -27.19 -3.74 1.80
N ILE F 104 -26.11 -4.48 1.64
CA ILE F 104 -24.79 -3.87 1.53
C ILE F 104 -24.24 -4.09 0.14
N ILE F 105 -24.14 -3.00 -0.62
CA ILE F 105 -23.82 -3.10 -2.04
C ILE F 105 -22.56 -2.31 -2.42
N VAL F 106 -21.66 -2.98 -3.14
CA VAL F 106 -20.48 -2.31 -3.69
C VAL F 106 -20.71 -1.96 -5.16
N MET F 107 -20.42 -0.71 -5.52
CA MET F 107 -20.55 -0.28 -6.91
C MET F 107 -19.18 0.07 -7.47
N ALA F 108 -18.37 -0.95 -7.71
CA ALA F 108 -17.02 -0.75 -8.23
C ALA F 108 -17.01 -0.76 -9.74
N GLY F 109 -16.09 0.02 -10.32
CA GLY F 109 -15.87 -0.02 -11.75
C GLY F 109 -15.10 -1.28 -12.10
N ASP F 110 -14.78 -1.46 -13.37
CA ASP F 110 -14.04 -2.64 -13.80
C ASP F 110 -12.65 -2.66 -13.18
N GLY F 111 -12.02 -1.49 -13.09
CA GLY F 111 -10.71 -1.37 -12.47
C GLY F 111 -10.74 -1.79 -11.01
N GLY F 112 -11.73 -1.28 -10.27
CA GLY F 112 -11.85 -1.59 -8.86
C GLY F 112 -12.44 -2.96 -8.58
N ALA F 113 -12.68 -3.73 -9.63
CA ALA F 113 -13.26 -5.06 -9.48
C ALA F 113 -12.35 -6.15 -10.04
N VAL F 114 -11.73 -5.88 -11.17
CA VAL F 114 -10.98 -6.92 -11.88
C VAL F 114 -9.48 -6.69 -11.85
N ASP F 115 -9.06 -5.49 -11.47
CA ASP F 115 -7.66 -5.11 -11.58
C ASP F 115 -7.02 -4.80 -10.24
N ILE F 116 -7.34 -3.63 -9.69
CA ILE F 116 -6.72 -3.16 -8.46
C ILE F 116 -7.57 -3.49 -7.24
N GLY F 117 -8.80 -3.94 -7.48
CA GLY F 117 -9.72 -4.26 -6.41
C GLY F 117 -10.07 -5.74 -6.32
N LEU F 118 -9.46 -6.54 -7.20
CA LEU F 118 -9.74 -7.97 -7.27
C LEU F 118 -9.41 -8.70 -5.97
N GLN F 119 -8.25 -8.41 -5.42
CA GLN F 119 -7.77 -9.06 -4.20
C GLN F 119 -8.70 -8.84 -3.02
N ALA F 120 -9.19 -7.61 -2.88
CA ALA F 120 -10.13 -7.28 -1.81
C ALA F 120 -11.49 -7.91 -2.08
N LEU F 121 -11.84 -8.03 -3.36
CA LEU F 121 -13.08 -8.69 -3.77
C LEU F 121 -13.04 -10.19 -3.45
N SER F 122 -11.98 -10.86 -3.89
CA SER F 122 -11.84 -12.30 -3.72
C SER F 122 -11.84 -12.71 -2.25
N ALA F 123 -11.20 -11.89 -1.42
CA ALA F 123 -11.11 -12.17 0.00
C ALA F 123 -12.46 -12.05 0.70
N MET F 124 -13.26 -11.08 0.26
CA MET F 124 -14.60 -10.89 0.81
C MET F 124 -15.46 -12.09 0.50
N LEU F 125 -15.31 -12.63 -0.70
CA LEU F 125 -16.03 -13.84 -1.10
C LEU F 125 -15.59 -15.02 -0.24
N TYR F 126 -14.30 -15.07 0.08
CA TYR F 126 -13.76 -16.15 0.89
C TYR F 126 -14.34 -16.15 2.31
N ARG F 127 -14.50 -14.96 2.87
CA ARG F 127 -15.01 -14.84 4.23
C ARG F 127 -16.53 -14.96 4.28
N GLY F 128 -17.18 -14.85 3.12
CA GLY F 128 -18.60 -15.10 3.01
C GLY F 128 -19.50 -14.07 3.67
N HIS F 129 -19.09 -12.80 3.61
CA HIS F 129 -19.92 -11.71 4.13
C HIS F 129 -21.22 -11.60 3.35
N ASP F 130 -22.29 -11.21 4.03
CA ASP F 130 -23.57 -11.00 3.36
C ASP F 130 -23.54 -9.68 2.62
N VAL F 131 -22.86 -9.67 1.47
CA VAL F 131 -22.64 -8.44 0.70
C VAL F 131 -22.80 -8.70 -0.80
N LEU F 132 -23.50 -7.79 -1.48
CA LEU F 132 -23.60 -7.85 -2.93
C LEU F 132 -22.52 -6.97 -3.57
N PHE F 133 -21.61 -7.60 -4.30
CA PHE F 133 -20.55 -6.87 -4.99
C PHE F 133 -20.91 -6.71 -6.47
N ILE F 134 -21.16 -5.47 -6.87
CA ILE F 134 -21.49 -5.19 -8.26
C ILE F 134 -20.34 -4.51 -8.99
N CYS F 135 -20.00 -5.02 -10.16
CA CYS F 135 -19.05 -4.36 -11.04
C CYS F 135 -19.78 -3.74 -12.21
N TYR F 136 -19.73 -2.41 -12.32
CA TYR F 136 -20.24 -1.76 -13.52
C TYR F 136 -19.07 -1.62 -14.49
N ASP F 137 -19.25 -2.19 -15.68
CA ASP F 137 -18.14 -2.33 -16.62
C ASP F 137 -18.27 -1.38 -17.80
N ASN F 138 -17.53 -0.27 -17.77
CA ASN F 138 -17.45 0.61 -18.93
C ASN F 138 -16.17 0.35 -19.69
N GLU F 139 -15.52 -0.76 -19.36
CA GLU F 139 -14.38 -1.29 -20.09
C GLU F 139 -13.21 -0.32 -20.22
N SER F 140 -12.97 0.46 -19.16
CA SER F 140 -11.80 1.34 -19.08
C SER F 140 -11.72 1.99 -17.71
N TYR F 141 -10.58 2.63 -17.44
CA TYR F 141 -10.49 3.58 -16.34
C TYR F 141 -11.02 4.92 -16.85
N ALA F 142 -12.32 5.10 -16.73
CA ALA F 142 -13.01 6.21 -17.40
C ALA F 142 -12.71 7.58 -16.79
N ASN F 143 -12.74 7.66 -15.46
CA ASN F 143 -12.64 8.94 -14.78
C ASN F 143 -11.27 9.61 -14.95
N THR F 144 -10.23 8.80 -15.14
CA THR F 144 -8.88 9.33 -15.30
C THR F 144 -8.58 9.73 -16.75
N GLY F 145 -9.57 9.62 -17.62
CA GLY F 145 -9.40 10.01 -19.01
C GLY F 145 -9.38 8.82 -19.96
N ILE F 146 -10.14 7.79 -19.62
CA ILE F 146 -10.28 6.58 -20.44
C ILE F 146 -8.94 5.88 -20.70
N GLN F 147 -8.51 5.05 -19.74
CA GLN F 147 -7.31 4.25 -19.91
C GLN F 147 -7.65 2.77 -19.94
N THR F 148 -6.78 1.97 -20.56
CA THR F 148 -7.01 0.54 -20.68
C THR F 148 -7.13 -0.16 -19.33
N SER F 149 -8.07 -1.10 -19.26
CA SER F 149 -8.25 -1.92 -18.06
C SER F 149 -8.28 -3.38 -18.51
N PRO F 150 -8.20 -4.32 -17.55
CA PRO F 150 -8.28 -5.72 -17.96
C PRO F 150 -9.61 -6.14 -18.59
N THR F 151 -10.64 -5.30 -18.53
CA THR F 151 -11.90 -5.61 -19.19
C THR F 151 -12.00 -4.90 -20.53
N THR F 152 -11.09 -3.96 -20.77
CA THR F 152 -11.02 -3.26 -22.04
C THR F 152 -10.78 -4.26 -23.16
N PRO F 153 -11.66 -4.28 -24.18
CA PRO F 153 -11.56 -5.20 -25.30
C PRO F 153 -10.22 -5.11 -26.05
N TYR F 154 -9.89 -6.18 -26.77
CA TYR F 154 -8.71 -6.19 -27.62
C TYR F 154 -8.83 -5.15 -28.73
N GLY F 155 -7.71 -4.56 -29.12
CA GLY F 155 -7.69 -3.61 -30.21
C GLY F 155 -8.47 -2.33 -29.96
N ALA F 156 -8.78 -2.06 -28.69
CA ALA F 156 -9.53 -0.86 -28.33
C ALA F 156 -8.59 0.31 -28.10
N ASN F 157 -9.07 1.51 -28.42
CA ASN F 157 -8.26 2.73 -28.26
C ASN F 157 -8.45 3.36 -26.89
N THR F 158 -7.34 3.49 -26.16
CA THR F 158 -7.31 4.27 -24.92
C THR F 158 -6.05 5.12 -24.91
N THR F 159 -5.94 6.02 -23.94
CA THR F 159 -4.77 6.90 -23.85
C THR F 159 -3.53 6.11 -23.42
N PHE F 160 -3.75 4.92 -22.87
CA PHE F 160 -2.66 4.02 -22.54
C PHE F 160 -2.43 2.99 -23.64
N THR F 161 -3.42 2.85 -24.53
CA THR F 161 -3.28 1.95 -25.67
C THR F 161 -3.64 2.64 -26.99
N PRO F 162 -2.84 3.62 -27.42
CA PRO F 162 -3.10 4.28 -28.70
C PRO F 162 -2.57 3.46 -29.87
N PRO F 163 -3.24 3.53 -31.04
CA PRO F 163 -2.73 2.85 -32.22
C PRO F 163 -1.54 3.59 -32.82
N GLY F 164 -0.44 2.88 -33.04
CA GLY F 164 0.74 3.42 -33.66
C GLY F 164 1.31 2.42 -34.64
N GLU F 165 2.44 2.73 -35.27
CA GLU F 165 3.02 1.81 -36.23
C GLU F 165 3.66 0.62 -35.52
N VAL F 166 4.02 0.79 -34.25
CA VAL F 166 4.57 -0.29 -33.46
C VAL F 166 3.46 -1.16 -32.90
N VAL F 167 2.38 -0.53 -32.45
CA VAL F 167 1.20 -1.24 -31.97
C VAL F 167 -0.03 -0.83 -32.79
N PRO F 168 -0.21 -1.45 -33.97
CA PRO F 168 -1.25 -1.09 -34.93
C PRO F 168 -2.67 -1.18 -34.38
N GLU F 169 -2.91 -2.10 -33.45
CA GLU F 169 -4.26 -2.29 -32.92
C GLU F 169 -4.51 -1.49 -31.65
N GLY F 170 -3.47 -0.86 -31.12
CA GLY F 170 -3.59 -0.09 -29.90
C GLY F 170 -3.40 -0.97 -28.66
N LYS F 171 -4.34 -1.87 -28.42
CA LYS F 171 -4.22 -2.82 -27.32
C LYS F 171 -4.08 -4.24 -27.85
N LYS F 172 -2.97 -4.89 -27.52
CA LYS F 172 -2.70 -6.23 -27.99
C LYS F 172 -3.32 -7.28 -27.08
N LEU F 173 -3.59 -6.91 -25.83
CA LEU F 173 -4.08 -7.85 -24.83
C LEU F 173 -5.57 -8.10 -24.95
N PHE F 174 -5.97 -9.35 -24.69
CA PHE F 174 -7.37 -9.72 -24.65
C PHE F 174 -7.90 -9.59 -23.23
N PRO F 175 -9.16 -9.17 -23.08
CA PRO F 175 -9.74 -8.86 -21.77
C PRO F 175 -9.76 -10.02 -20.78
N LYS F 176 -9.78 -9.69 -19.50
CA LYS F 176 -9.87 -10.70 -18.45
C LYS F 176 -11.34 -10.95 -18.09
N ASP F 177 -11.74 -12.22 -18.07
CA ASP F 177 -13.12 -12.57 -17.79
C ASP F 177 -13.36 -12.73 -16.29
N ASN F 178 -13.51 -11.60 -15.60
CA ASN F 178 -13.67 -11.58 -14.15
C ASN F 178 -14.87 -12.37 -13.60
N PRO F 179 -16.02 -12.40 -14.31
CA PRO F 179 -17.10 -13.25 -13.82
C PRO F 179 -16.71 -14.72 -13.68
N LYS F 180 -15.85 -15.21 -14.58
CA LYS F 180 -15.41 -16.59 -14.53
C LYS F 180 -14.27 -16.79 -13.53
N VAL F 181 -13.52 -15.71 -13.30
CA VAL F 181 -12.39 -15.76 -12.37
C VAL F 181 -12.82 -16.09 -10.94
N ILE F 182 -13.85 -15.39 -10.47
CA ILE F 182 -14.27 -15.52 -9.09
C ILE F 182 -15.36 -16.57 -8.90
N ALA F 183 -15.95 -17.02 -10.01
CA ALA F 183 -17.04 -18.00 -9.96
C ALA F 183 -16.55 -19.36 -9.44
N HIS F 184 -15.25 -19.61 -9.60
CA HIS F 184 -14.66 -20.86 -9.10
C HIS F 184 -13.72 -20.57 -7.93
N GLY F 185 -13.53 -21.57 -7.09
CA GLY F 185 -12.57 -21.47 -6.00
C GLY F 185 -13.08 -20.80 -4.74
N HIS F 186 -14.25 -20.18 -4.82
CA HIS F 186 -14.84 -19.53 -3.65
C HIS F 186 -16.10 -20.28 -3.20
N PRO F 187 -15.95 -21.17 -2.21
CA PRO F 187 -17.03 -22.04 -1.74
C PRO F 187 -18.22 -21.28 -1.14
N GLU F 188 -17.98 -20.09 -0.61
CA GLU F 188 -19.04 -19.32 0.04
C GLU F 188 -19.90 -18.56 -0.96
N LEU F 189 -19.43 -18.49 -2.21
CA LEU F 189 -20.11 -17.72 -3.24
C LEU F 189 -21.49 -18.29 -3.56
N LYS F 190 -22.52 -17.48 -3.36
CA LYS F 190 -23.90 -17.92 -3.53
C LYS F 190 -24.40 -17.72 -4.96
N TYR F 191 -24.06 -16.58 -5.54
CA TYR F 191 -24.70 -16.15 -6.78
C TYR F 191 -23.75 -15.36 -7.69
N VAL F 192 -23.55 -15.86 -8.91
CA VAL F 192 -22.78 -15.15 -9.93
C VAL F 192 -23.65 -14.89 -11.14
N ALA F 193 -23.64 -13.65 -11.62
CA ALA F 193 -24.45 -13.30 -12.77
C ALA F 193 -23.89 -12.11 -13.54
N THR F 194 -24.21 -12.06 -14.82
CA THR F 194 -23.89 -10.90 -15.65
C THR F 194 -25.19 -10.21 -16.03
N ALA F 195 -25.12 -8.89 -16.20
CA ALA F 195 -26.32 -8.12 -16.53
C ALA F 195 -26.00 -6.97 -17.49
N SER F 196 -27.03 -6.28 -17.93
CA SER F 196 -26.88 -5.18 -18.88
C SER F 196 -28.00 -4.16 -18.74
N ILE F 197 -27.66 -2.89 -18.94
CA ILE F 197 -28.65 -1.82 -18.87
C ILE F 197 -29.65 -1.92 -20.02
N GLY F 198 -29.30 -2.66 -21.06
CA GLY F 198 -30.20 -2.89 -22.17
C GLY F 198 -31.43 -3.67 -21.72
N TRP F 199 -31.24 -4.51 -20.70
CA TRP F 199 -32.33 -5.28 -20.10
C TRP F 199 -32.51 -4.88 -18.63
N PRO F 200 -33.16 -3.74 -18.39
CA PRO F 200 -33.29 -3.15 -17.04
C PRO F 200 -34.06 -4.03 -16.06
N VAL F 201 -35.14 -4.67 -16.51
CA VAL F 201 -35.92 -5.54 -15.65
C VAL F 201 -35.09 -6.76 -15.23
N ASP F 202 -34.39 -7.34 -16.21
CA ASP F 202 -33.50 -8.46 -15.94
C ASP F 202 -32.39 -8.06 -14.97
N LEU F 203 -31.89 -6.84 -15.13
CA LEU F 203 -30.84 -6.31 -14.27
C LEU F 203 -31.32 -6.23 -12.82
N MET F 204 -32.44 -5.53 -12.63
CA MET F 204 -32.99 -5.31 -11.29
C MET F 204 -33.35 -6.62 -10.60
N ASN F 205 -33.85 -7.58 -11.37
CA ASN F 205 -34.21 -8.89 -10.81
C ASN F 205 -32.98 -9.65 -10.31
N LYS F 206 -31.87 -9.51 -11.02
CA LYS F 206 -30.64 -10.18 -10.63
C LYS F 206 -30.05 -9.56 -9.37
N VAL F 207 -30.20 -8.25 -9.25
CA VAL F 207 -29.79 -7.54 -8.04
C VAL F 207 -30.55 -8.07 -6.84
N ARG F 208 -31.87 -8.13 -6.96
CA ARG F 208 -32.73 -8.59 -5.88
C ARG F 208 -32.48 -10.05 -5.54
N LYS F 209 -32.22 -10.86 -6.57
CA LYS F 209 -31.91 -12.27 -6.35
C LYS F 209 -30.58 -12.41 -5.61
N GLY F 210 -29.63 -11.55 -5.95
CA GLY F 210 -28.33 -11.55 -5.29
C GLY F 210 -28.42 -11.07 -3.86
N LEU F 211 -29.31 -10.12 -3.62
CA LEU F 211 -29.51 -9.57 -2.27
C LEU F 211 -30.26 -10.57 -1.38
N ASN F 212 -31.08 -11.41 -1.99
CA ASN F 212 -31.88 -12.37 -1.23
C ASN F 212 -31.03 -13.52 -0.68
N GLN F 213 -29.82 -13.67 -1.20
CA GLN F 213 -28.90 -14.67 -0.70
C GLN F 213 -28.38 -14.28 0.67
N GLU F 214 -28.25 -15.25 1.56
CA GLU F 214 -27.63 -15.01 2.85
C GLU F 214 -26.13 -15.32 2.75
N GLY F 215 -25.44 -14.52 1.96
CA GLY F 215 -24.01 -14.71 1.72
C GLY F 215 -23.56 -13.78 0.61
N PRO F 216 -22.31 -13.97 0.15
CA PRO F 216 -21.74 -13.10 -0.89
C PRO F 216 -22.37 -13.33 -2.27
N ALA F 217 -22.53 -12.26 -3.03
CA ALA F 217 -23.05 -12.35 -4.38
C ALA F 217 -22.30 -11.36 -5.29
N TYR F 218 -22.11 -11.73 -6.54
CA TYR F 218 -21.36 -10.90 -7.48
C TYR F 218 -22.11 -10.75 -8.80
N ILE F 219 -22.26 -9.51 -9.25
CA ILE F 219 -22.94 -9.22 -10.50
C ILE F 219 -22.13 -8.29 -11.40
N HIS F 220 -21.82 -8.77 -12.61
CA HIS F 220 -21.03 -7.99 -13.57
C HIS F 220 -21.94 -7.32 -14.59
N ILE F 221 -22.15 -6.02 -14.44
CA ILE F 221 -23.11 -5.30 -15.28
C ILE F 221 -22.42 -4.51 -16.39
N HIS F 222 -22.81 -4.81 -17.63
CA HIS F 222 -22.27 -4.13 -18.80
C HIS F 222 -22.92 -2.77 -18.97
N ALA F 223 -22.12 -1.70 -18.85
CA ALA F 223 -22.65 -0.35 -18.93
C ALA F 223 -21.84 0.50 -19.91
N PRO F 224 -22.30 0.56 -21.17
CA PRO F 224 -21.65 1.32 -22.24
C PRO F 224 -21.28 2.75 -21.85
N CYS F 225 -20.14 3.21 -22.35
CA CYS F 225 -19.61 4.51 -22.01
C CYS F 225 -19.44 5.36 -23.26
N PRO F 226 -20.41 6.26 -23.53
CA PRO F 226 -20.42 7.09 -24.73
C PRO F 226 -19.15 7.93 -24.90
N LYS F 227 -18.60 8.41 -23.79
CA LYS F 227 -17.35 9.18 -23.85
C LYS F 227 -16.18 8.27 -24.20
N GLY F 228 -15.98 7.22 -23.41
CA GLY F 228 -14.85 6.32 -23.57
C GLY F 228 -14.87 5.51 -24.85
N TRP F 229 -16.03 4.96 -25.19
CA TRP F 229 -16.16 4.14 -26.39
C TRP F 229 -16.32 5.01 -27.62
N GLN F 230 -16.67 6.27 -27.41
CA GLN F 230 -16.88 7.26 -28.46
C GLN F 230 -18.04 6.89 -29.39
N PHE F 231 -19.25 7.04 -28.88
CA PHE F 231 -20.47 6.93 -29.68
C PHE F 231 -21.47 7.96 -29.15
N PRO F 232 -22.49 8.32 -29.96
CA PRO F 232 -23.45 9.34 -29.52
C PRO F 232 -24.13 9.01 -28.19
N ALA F 233 -24.40 10.05 -27.41
CA ALA F 233 -24.96 9.91 -26.08
C ALA F 233 -26.32 9.20 -26.09
N ASP F 234 -27.08 9.39 -27.17
CA ASP F 234 -28.40 8.80 -27.26
C ASP F 234 -28.35 7.40 -27.88
N LYS F 235 -27.15 6.85 -28.00
CA LYS F 235 -26.98 5.52 -28.57
C LYS F 235 -26.53 4.50 -27.53
N THR F 236 -26.61 4.87 -26.26
CA THR F 236 -26.14 4.02 -25.17
C THR F 236 -26.87 2.68 -25.12
N ILE F 237 -28.20 2.73 -25.18
CA ILE F 237 -29.01 1.52 -25.10
C ILE F 237 -28.84 0.66 -26.35
N GLU F 238 -28.68 1.32 -27.50
CA GLU F 238 -28.45 0.59 -28.74
C GLU F 238 -27.13 -0.17 -28.69
N MET F 239 -26.12 0.45 -28.08
CA MET F 239 -24.81 -0.19 -27.94
C MET F 239 -24.87 -1.37 -27.00
N ALA F 240 -25.65 -1.24 -25.93
CA ALA F 240 -25.78 -2.29 -24.93
C ALA F 240 -26.43 -3.54 -25.51
N LYS F 241 -27.47 -3.34 -26.32
CA LYS F 241 -28.16 -4.46 -26.96
C LYS F 241 -27.29 -5.11 -28.03
N LEU F 242 -26.58 -4.28 -28.80
CA LEU F 242 -25.68 -4.79 -29.83
C LEU F 242 -24.53 -5.60 -29.22
N ALA F 243 -24.14 -5.25 -28.00
CA ALA F 243 -23.08 -5.97 -27.30
C ALA F 243 -23.49 -7.42 -27.07
N VAL F 244 -24.71 -7.60 -26.59
CA VAL F 244 -25.25 -8.93 -26.34
C VAL F 244 -25.54 -9.65 -27.65
N GLN F 245 -26.08 -8.93 -28.62
CA GLN F 245 -26.48 -9.51 -29.89
C GLN F 245 -25.31 -9.89 -30.77
N THR F 246 -24.10 -9.51 -30.37
CA THR F 246 -22.90 -9.87 -31.14
C THR F 246 -21.99 -10.79 -30.34
N GLY F 247 -22.39 -11.10 -29.12
CA GLY F 247 -21.63 -12.01 -28.28
C GLY F 247 -20.42 -11.36 -27.62
N MET F 248 -20.28 -10.06 -27.83
CA MET F 248 -19.20 -9.30 -27.19
C MET F 248 -19.39 -9.27 -25.68
N PHE F 249 -20.63 -9.43 -25.24
CA PHE F 249 -20.95 -9.57 -23.83
C PHE F 249 -22.06 -10.58 -23.65
N GLN F 250 -21.88 -11.52 -22.72
CA GLN F 250 -22.84 -12.58 -22.51
C GLN F 250 -23.69 -12.35 -21.25
N LEU F 251 -25.00 -12.54 -21.38
CA LEU F 251 -25.90 -12.45 -20.25
C LEU F 251 -26.22 -13.84 -19.71
N TYR F 252 -25.88 -14.09 -18.45
CA TYR F 252 -26.14 -15.40 -17.86
C TYR F 252 -26.14 -15.40 -16.33
N GLU F 253 -26.56 -16.52 -15.78
CA GLU F 253 -26.42 -16.80 -14.35
C GLU F 253 -25.62 -18.08 -14.18
N TYR F 254 -24.66 -18.07 -13.27
CA TYR F 254 -23.82 -19.24 -13.04
C TYR F 254 -24.14 -19.90 -11.71
N GLU F 255 -24.86 -21.02 -11.77
CA GLU F 255 -25.23 -21.76 -10.57
C GLU F 255 -24.68 -23.19 -10.60
N ASN F 256 -23.60 -23.41 -9.83
CA ASN F 256 -23.00 -24.73 -9.69
C ASN F 256 -22.64 -25.38 -11.02
N GLY F 257 -21.75 -24.75 -11.78
CA GLY F 257 -21.26 -25.31 -13.02
C GLY F 257 -22.19 -25.11 -14.20
N GLU F 258 -23.38 -24.59 -13.94
CA GLU F 258 -24.37 -24.40 -15.00
C GLU F 258 -24.46 -22.94 -15.46
N TYR F 259 -24.30 -22.73 -16.76
CA TYR F 259 -24.46 -21.41 -17.34
C TYR F 259 -25.90 -21.20 -17.81
N LYS F 260 -26.70 -20.54 -16.99
CA LYS F 260 -28.09 -20.25 -17.33
C LYS F 260 -28.22 -18.95 -18.10
N LEU F 261 -28.32 -19.05 -19.42
CA LEU F 261 -28.43 -17.88 -20.29
C LEU F 261 -29.73 -17.12 -20.01
N SER F 262 -29.62 -15.79 -19.99
CA SER F 262 -30.74 -14.95 -19.60
C SER F 262 -31.60 -14.49 -20.78
N VAL F 263 -30.98 -14.32 -21.94
CA VAL F 263 -31.71 -13.88 -23.12
C VAL F 263 -31.54 -14.88 -24.28
N LYS F 264 -32.51 -14.89 -25.18
CA LYS F 264 -32.49 -15.82 -26.29
C LYS F 264 -32.14 -15.13 -27.62
N VAL F 265 -30.92 -15.38 -28.09
CA VAL F 265 -30.52 -14.92 -29.41
C VAL F 265 -30.47 -16.13 -30.35
N ASP F 266 -31.24 -16.07 -31.44
CA ASP F 266 -31.29 -17.18 -32.38
C ASP F 266 -30.11 -17.15 -33.34
N LYS F 267 -29.52 -15.98 -33.50
CA LYS F 267 -28.35 -15.79 -34.36
C LYS F 267 -27.67 -14.47 -34.03
N ARG F 268 -26.40 -14.54 -33.67
CA ARG F 268 -25.67 -13.34 -33.26
C ARG F 268 -24.98 -12.66 -34.43
N LYS F 269 -25.15 -11.35 -34.51
CA LYS F 269 -24.51 -10.52 -35.54
C LYS F 269 -22.99 -10.59 -35.41
N PRO F 270 -22.28 -10.33 -36.51
CA PRO F 270 -20.81 -10.25 -36.45
C PRO F 270 -20.36 -9.09 -35.55
N VAL F 271 -19.13 -9.17 -35.06
CA VAL F 271 -18.59 -8.14 -34.18
C VAL F 271 -18.46 -6.79 -34.88
N SER F 272 -18.28 -6.83 -36.19
CA SER F 272 -18.07 -5.61 -36.97
C SER F 272 -19.29 -4.69 -36.96
N GLU F 273 -20.47 -5.26 -36.77
CA GLU F 273 -21.70 -4.48 -36.72
C GLU F 273 -21.81 -3.72 -35.39
N TYR F 274 -21.06 -4.19 -34.40
CA TYR F 274 -21.05 -3.57 -33.08
C TYR F 274 -19.90 -2.58 -32.96
N MET F 275 -18.75 -2.94 -33.50
CA MET F 275 -17.53 -2.17 -33.33
C MET F 275 -17.43 -0.96 -34.27
N LYS F 276 -18.13 -1.01 -35.39
CA LYS F 276 -18.03 0.06 -36.40
C LYS F 276 -18.74 1.32 -35.93
N LEU F 277 -19.56 1.21 -34.90
CA LEU F 277 -20.33 2.34 -34.40
C LEU F 277 -19.56 3.12 -33.33
N GLN F 278 -18.41 2.59 -32.93
CA GLN F 278 -17.58 3.22 -31.91
C GLN F 278 -16.24 3.64 -32.50
N LYS F 279 -15.78 4.84 -32.13
CA LYS F 279 -14.51 5.34 -32.64
C LYS F 279 -13.31 4.73 -31.93
N ARG F 280 -13.57 3.96 -30.87
CA ARG F 280 -12.49 3.31 -30.13
C ARG F 280 -11.91 2.15 -30.94
N PHE F 281 -12.67 1.67 -31.92
CA PHE F 281 -12.22 0.59 -32.78
C PHE F 281 -11.96 1.05 -34.21
N ALA F 282 -12.02 2.37 -34.43
CA ALA F 282 -12.00 2.93 -35.78
C ALA F 282 -10.69 2.72 -36.54
N HIS F 283 -9.67 2.22 -35.84
CA HIS F 283 -8.34 2.07 -36.44
C HIS F 283 -8.09 0.64 -36.92
N LEU F 284 -8.96 -0.28 -36.53
CA LEU F 284 -8.72 -1.70 -36.76
C LEU F 284 -8.91 -2.13 -38.21
N LYS F 285 -8.02 -2.99 -38.68
CA LYS F 285 -8.07 -3.58 -40.01
C LYS F 285 -8.88 -4.87 -39.97
N PRO F 286 -9.36 -5.35 -41.14
CA PRO F 286 -10.14 -6.59 -41.19
C PRO F 286 -9.43 -7.79 -40.56
N GLU F 287 -8.10 -7.78 -40.59
CA GLU F 287 -7.32 -8.85 -39.99
C GLU F 287 -7.47 -8.84 -38.46
N HIS F 288 -7.70 -7.66 -37.90
CA HIS F 288 -7.92 -7.52 -36.46
C HIS F 288 -9.35 -7.89 -36.09
N ILE F 289 -10.29 -7.52 -36.96
CA ILE F 289 -11.70 -7.82 -36.75
C ILE F 289 -11.92 -9.32 -36.66
N ALA F 290 -11.21 -10.06 -37.49
CA ALA F 290 -11.31 -11.52 -37.50
C ALA F 290 -10.78 -12.11 -36.20
N LYS F 291 -9.72 -11.52 -35.67
CA LYS F 291 -9.13 -11.97 -34.42
C LYS F 291 -10.11 -11.76 -33.27
N MET F 292 -10.86 -10.66 -33.35
CA MET F 292 -11.89 -10.37 -32.37
C MET F 292 -13.03 -11.40 -32.48
N GLN F 293 -13.41 -11.72 -33.71
CA GLN F 293 -14.49 -12.67 -33.95
C GLN F 293 -14.13 -14.05 -33.43
N ALA F 294 -12.87 -14.44 -33.61
CA ALA F 294 -12.39 -15.74 -33.13
C ALA F 294 -12.45 -15.80 -31.60
N PHE F 295 -12.15 -14.68 -30.96
CA PHE F 295 -12.18 -14.59 -29.50
C PHE F 295 -13.61 -14.67 -28.97
N VAL F 296 -14.52 -13.99 -29.65
CA VAL F 296 -15.93 -13.98 -29.26
C VAL F 296 -16.56 -15.35 -29.43
N ASP F 297 -16.24 -16.01 -30.54
CA ASP F 297 -16.75 -17.36 -30.82
C ASP F 297 -16.34 -18.33 -29.72
N ALA F 298 -15.11 -18.20 -29.24
CA ALA F 298 -14.62 -19.04 -28.16
C ALA F 298 -15.30 -18.68 -26.84
N ARG F 299 -15.50 -17.38 -26.63
CA ARG F 299 -16.17 -16.89 -25.44
C ARG F 299 -17.62 -17.37 -25.38
N CYS F 300 -18.31 -17.34 -26.52
CA CYS F 300 -19.70 -17.75 -26.59
C CYS F 300 -19.86 -19.27 -26.46
N ALA F 301 -18.93 -20.01 -27.04
CA ALA F 301 -18.96 -21.47 -26.96
C ALA F 301 -18.74 -21.94 -25.53
N GLU F 302 -17.98 -21.16 -24.78
CA GLU F 302 -17.65 -21.49 -23.39
C GLU F 302 -18.88 -21.45 -22.49
N VAL F 303 -19.84 -20.61 -22.84
CA VAL F 303 -21.05 -20.46 -22.04
C VAL F 303 -22.26 -21.14 -22.70
N GLY F 304 -22.01 -21.80 -23.83
CA GLY F 304 -23.05 -22.58 -24.49
C GLY F 304 -23.87 -21.83 -25.51
N ILE F 305 -23.35 -20.70 -25.99
CA ILE F 305 -24.00 -19.97 -27.07
C ILE F 305 -23.51 -20.50 -28.41
N THR F 306 -24.31 -21.33 -29.05
CA THR F 306 -23.88 -22.08 -30.23
C THR F 306 -24.63 -21.68 -31.50
N VAL F 307 -25.43 -20.62 -31.41
CA VAL F 307 -26.19 -20.14 -32.57
C VAL F 307 -25.24 -19.62 -33.65
N PRO F 308 -25.65 -19.72 -34.92
CA PRO F 308 -24.78 -19.29 -36.02
C PRO F 308 -24.54 -17.79 -36.04
N VAL F 309 -23.43 -17.37 -36.66
CA VAL F 309 -23.14 -15.96 -36.85
C VAL F 309 -23.60 -15.52 -38.23
N VAL F 310 -24.63 -14.67 -38.27
CA VAL F 310 -25.23 -14.25 -39.54
C VAL F 310 -25.30 -12.73 -39.64
N ALA F 311 -24.82 -12.19 -40.75
CA ALA F 311 -24.85 -10.76 -40.98
C ALA F 311 -26.27 -10.24 -41.11
N SER F 312 -26.46 -8.95 -40.84
CA SER F 312 -27.79 -8.34 -40.93
C SER F 312 -28.21 -8.12 -42.38
#